data_6BE1
#
_entry.id   6BE1
#
_cell.length_a   1
_cell.length_b   1
_cell.length_c   1
_cell.angle_alpha   90.00
_cell.angle_beta   90.00
_cell.angle_gamma   90.00
#
_symmetry.space_group_name_H-M   'P 1'
#
loop_
_entity.id
_entity.type
_entity.pdbx_description
1 polymer '5-hydroxytryptamine receptor 3A'
2 branched beta-D-mannopyranose-(1-4)-2-acetamido-2-deoxy-beta-D-glucopyranose-(1-4)-2-acetamido-2-deoxy-beta-D-glucopyranose
3 branched 2-acetamido-2-deoxy-beta-D-glucopyranose-(1-4)-2-acetamido-2-deoxy-beta-D-glucopyranose
4 branched beta-D-mannopyranose-(1-4)-2-acetamido-2-deoxy-beta-D-glucopyranose-(1-3)-2-acetamido-2-deoxy-beta-D-glucopyranose
5 branched beta-D-mannopyranose-(1-3)-2-acetamido-2-deoxy-beta-D-glucopyranose-(1-4)-2-acetamido-2-deoxy-beta-D-glucopyranose
6 non-polymer 2-acetamido-2-deoxy-beta-D-glucopyranose
7 non-polymer 'SODIUM ION'
8 non-polymer 1,2-DIMYRISTOYL-SN-GLYCERO-3-PHOSPHOCHOLINE
9 non-polymer 'CHLORIDE ION'
10 non-polymer beta-D-mannopyranose
11 water water
#
_entity_poly.entity_id   1
_entity_poly.type   'polypeptide(L)'
_entity_poly.pdbx_seq_one_letter_code
;DTTQPALLRLSDHLLANYKKGVRPVRDWRKPTTVSIDVIMYAILNVDEKNQVLTTYIWYRQYWTDEFLQWTPEDFDNVTK
LSIPTDSIWVPDILINEFVDVGKSPNIPYVYVHHRGEVQNYKPLQLVTACSLDIYNFPFDVQNCSLTFTSWLHTIQDINI
TLWRSPEEVRSDKSIFINQGEWELLEVFPQFKEFSIDISNSYAEMKFYVIIRRRPLFYAVSLLLPSIFLMVVDIVGFCLP
PDSGERVSFKITLLLGYSVFLIIVSDTLPATAIGTPLIGVYFVVCMALLVISLAETIFIVRLVHKQDLQRPVPDWLRHLV
LDRIAWILCLGEQPMAHRPPATFQANKTDDCSGSDLLPAMGNHCSHVGGPQDLEKTPRGRGSPLPPPREASLAVRGLLQE
LSSIRHFLEKRDEMREVARDWLRVGYVLDRLLFRIYLLAVLAYSITLVTLWSIWHYS
;
_entity_poly.pdbx_strand_id   A,B,C,D,E
#
# COMPACT_ATOMS: atom_id res chain seq x y z
N ASP A 1 52.13 52.63 3.70
CA ASP A 1 52.02 51.17 3.72
C ASP A 1 52.68 50.62 4.99
N THR A 2 51.87 50.12 5.90
CA THR A 2 52.35 49.53 7.14
C THR A 2 52.05 48.04 7.11
N THR A 3 52.36 47.35 8.21
CA THR A 3 52.16 45.90 8.31
C THR A 3 50.82 45.62 8.99
N GLN A 4 49.75 46.20 8.40
CA GLN A 4 48.38 45.96 8.83
C GLN A 4 47.53 45.65 7.60
N PRO A 5 47.61 44.42 7.07
CA PRO A 5 46.83 44.09 5.87
C PRO A 5 45.33 43.99 6.09
N ALA A 6 44.91 43.22 7.10
CA ALA A 6 43.51 42.90 7.36
C ALA A 6 43.42 42.30 8.75
N LEU A 7 42.25 41.74 9.08
CA LEU A 7 42.07 41.01 10.33
C LEU A 7 42.51 39.56 10.24
N LEU A 8 43.18 39.16 9.15
CA LEU A 8 43.69 37.80 9.00
C LEU A 8 45.02 37.57 9.71
N ARG A 9 45.47 38.53 10.52
CA ARG A 9 46.68 38.32 11.31
C ARG A 9 46.47 37.25 12.38
N LEU A 10 45.24 37.07 12.86
CA LEU A 10 44.96 36.00 13.80
C LEU A 10 45.01 34.64 13.13
N SER A 11 44.51 34.54 11.88
CA SER A 11 44.61 33.30 11.14
C SER A 11 46.05 33.03 10.69
N ASP A 12 46.87 34.07 10.60
CA ASP A 12 48.30 33.86 10.41
C ASP A 12 48.97 33.41 11.70
N HIS A 13 48.47 33.89 12.84
CA HIS A 13 49.16 33.69 14.12
C HIS A 13 48.83 32.32 14.71
N LEU A 14 47.57 32.07 15.05
CA LEU A 14 47.24 30.87 15.80
C LEU A 14 46.56 29.79 14.96
N LEU A 15 46.63 29.88 13.63
CA LEU A 15 46.13 28.82 12.77
C LEU A 15 47.24 28.22 11.91
N ALA A 16 48.47 28.30 12.40
CA ALA A 16 49.62 27.72 11.71
C ALA A 16 50.10 26.44 12.38
N ASN A 17 50.22 26.46 13.70
CA ASN A 17 50.71 25.33 14.47
C ASN A 17 49.60 24.55 15.18
N TYR A 18 48.39 25.08 15.22
CA TYR A 18 47.29 24.39 15.88
C TYR A 18 46.70 23.33 14.97
N LYS A 19 46.43 22.15 15.52
CA LYS A 19 45.83 21.04 14.80
C LYS A 19 44.58 20.59 15.53
N LYS A 20 43.91 19.58 14.95
CA LYS A 20 42.66 19.06 15.50
C LYS A 20 42.78 17.65 16.06
N GLY A 21 43.97 17.04 16.01
CA GLY A 21 44.15 15.70 16.51
C GLY A 21 44.39 15.64 18.01
N VAL A 22 45.12 16.63 18.53
CA VAL A 22 45.45 16.68 19.95
C VAL A 22 44.35 17.45 20.68
N ARG A 23 44.17 17.16 21.96
CA ARG A 23 43.16 17.85 22.75
C ARG A 23 43.74 19.16 23.28
N PRO A 24 43.09 20.31 23.00
CA PRO A 24 43.75 21.59 23.26
C PRO A 24 43.74 22.05 24.70
N VAL A 25 44.52 21.39 25.56
CA VAL A 25 44.77 21.81 26.93
C VAL A 25 46.28 21.81 27.18
N ARG A 26 46.66 22.21 28.39
CA ARG A 26 48.04 22.15 28.84
C ARG A 26 48.25 21.05 29.87
N ASP A 27 47.42 21.01 30.91
CA ASP A 27 47.45 19.93 31.89
C ASP A 27 46.33 18.95 31.56
N TRP A 28 46.69 17.68 31.38
CA TRP A 28 45.73 16.67 30.94
C TRP A 28 44.88 16.12 32.07
N ARG A 29 45.14 16.50 33.33
CA ARG A 29 44.36 15.99 34.44
C ARG A 29 43.06 16.74 34.65
N LYS A 30 42.94 17.96 34.12
CA LYS A 30 41.71 18.72 34.28
C LYS A 30 40.76 18.41 33.13
N PRO A 31 39.53 17.97 33.41
CA PRO A 31 38.59 17.66 32.32
C PRO A 31 38.06 18.93 31.63
N THR A 32 37.55 18.72 30.43
CA THR A 32 36.93 19.80 29.65
C THR A 32 35.44 19.77 29.94
N THR A 33 34.98 20.68 30.80
CA THR A 33 33.58 20.73 31.18
C THR A 33 32.75 21.35 30.05
N VAL A 34 31.80 20.57 29.53
CA VAL A 34 30.94 21.03 28.46
C VAL A 34 29.54 21.29 29.02
N SER A 35 28.77 22.10 28.31
CA SER A 35 27.40 22.42 28.70
C SER A 35 26.48 22.18 27.52
N ILE A 36 25.25 21.77 27.83
CA ILE A 36 24.27 21.37 26.83
C ILE A 36 23.01 22.22 27.01
N ASP A 37 22.54 22.83 25.91
CA ASP A 37 21.22 23.43 25.86
C ASP A 37 20.42 22.79 24.75
N VAL A 38 19.21 22.35 25.07
CA VAL A 38 18.36 21.62 24.14
C VAL A 38 17.09 22.44 23.94
N ILE A 39 16.87 22.89 22.71
CA ILE A 39 15.61 23.52 22.33
C ILE A 39 14.94 22.60 21.31
N MET A 40 13.88 21.91 21.73
CA MET A 40 13.16 21.02 20.83
C MET A 40 12.34 21.85 19.85
N TYR A 41 12.37 21.44 18.58
CA TYR A 41 11.65 22.17 17.53
C TYR A 41 10.39 21.44 17.08
N ALA A 42 10.50 20.18 16.64
CA ALA A 42 9.36 19.46 16.10
C ALA A 42 9.64 17.97 16.12
N ILE A 43 8.55 17.19 16.14
CA ILE A 43 8.62 15.75 15.92
C ILE A 43 7.96 15.45 14.58
N LEU A 44 8.32 14.30 14.00
CA LEU A 44 7.91 13.98 12.64
C LEU A 44 6.96 12.79 12.58
N ASN A 45 7.36 11.63 13.09
CA ASN A 45 6.56 10.42 12.92
C ASN A 45 6.81 9.48 14.08
N VAL A 46 5.73 9.02 14.71
CA VAL A 46 5.83 8.00 15.76
C VAL A 46 5.59 6.63 15.14
N ASP A 47 6.12 5.61 15.79
CA ASP A 47 5.98 4.25 15.30
C ASP A 47 6.13 3.28 16.46
N GLU A 48 5.33 2.21 16.42
CA GLU A 48 5.37 1.16 17.42
C GLU A 48 5.59 -0.23 16.84
N LYS A 49 5.50 -0.40 15.52
CA LYS A 49 5.77 -1.69 14.91
C LYS A 49 7.28 -1.97 14.89
N ASN A 50 8.06 -1.04 14.34
CA ASN A 50 9.50 -1.18 14.33
C ASN A 50 10.16 -0.58 15.57
N GLN A 51 9.37 0.06 16.44
CA GLN A 51 9.82 0.72 17.67
C GLN A 51 10.89 1.77 17.36
N VAL A 52 10.47 2.81 16.64
CA VAL A 52 11.36 3.85 16.16
C VAL A 52 10.65 5.20 16.28
N LEU A 53 11.45 6.25 16.48
CA LEU A 53 10.93 7.60 16.66
C LEU A 53 11.80 8.58 15.88
N THR A 54 11.15 9.52 15.19
CA THR A 54 11.83 10.55 14.38
C THR A 54 11.47 11.91 14.94
N THR A 55 12.48 12.75 15.19
CA THR A 55 12.30 14.09 15.70
C THR A 55 13.36 15.02 15.12
N TYR A 56 13.14 16.33 15.32
CA TYR A 56 14.06 17.36 14.84
C TYR A 56 14.25 18.37 15.97
N ILE A 57 15.47 18.46 16.50
CA ILE A 57 15.76 19.31 17.65
C ILE A 57 16.90 20.26 17.30
N TRP A 58 16.85 21.45 17.90
CA TRP A 58 17.97 22.39 17.81
C TRP A 58 19.02 22.02 18.85
N TYR A 59 20.27 22.39 18.56
CA TYR A 59 21.39 21.83 19.31
C TYR A 59 22.44 22.91 19.54
N ARG A 60 22.74 23.14 20.81
CA ARG A 60 23.72 24.15 21.22
C ARG A 60 24.90 23.46 21.89
N GLN A 61 26.06 24.13 21.84
CA GLN A 61 27.28 23.59 22.40
C GLN A 61 28.05 24.67 23.15
N TYR A 62 28.75 24.26 24.20
CA TYR A 62 29.49 25.18 25.07
C TYR A 62 30.71 24.44 25.60
N TRP A 63 31.87 24.62 24.95
CA TRP A 63 33.10 24.12 25.57
C TRP A 63 34.19 25.19 25.55
N THR A 64 35.29 24.93 26.25
CA THR A 64 36.36 25.91 26.44
C THR A 64 37.70 25.23 26.26
N ASP A 65 38.55 25.82 25.41
CA ASP A 65 39.88 25.30 25.12
C ASP A 65 40.94 26.27 25.65
N GLU A 66 42.21 25.88 25.48
CA GLU A 66 43.32 26.66 26.02
C GLU A 66 44.36 27.08 25.01
N PHE A 67 44.23 26.69 23.73
CA PHE A 67 45.19 27.06 22.70
C PHE A 67 44.74 28.26 21.89
N LEU A 68 43.57 28.80 22.16
CA LEU A 68 42.94 29.80 21.31
C LEU A 68 42.63 31.06 22.10
N GLN A 69 43.62 31.53 22.86
CA GLN A 69 43.49 32.74 23.65
C GLN A 69 44.50 33.79 23.18
N TRP A 70 44.02 35.03 23.04
CA TRP A 70 44.89 36.16 22.76
C TRP A 70 44.23 37.41 23.32
N THR A 71 44.95 38.53 23.26
CA THR A 71 44.51 39.73 23.96
C THR A 71 43.62 40.58 23.06
N PRO A 72 42.63 41.28 23.60
CA PRO A 72 41.90 42.27 22.80
C PRO A 72 42.73 43.49 22.46
N GLU A 73 43.80 43.75 23.22
CA GLU A 73 44.74 44.82 22.91
C GLU A 73 45.47 44.54 21.60
N ASP A 74 45.80 45.62 20.89
CA ASP A 74 46.56 45.76 19.63
C ASP A 74 46.27 44.68 18.58
N PHE A 75 45.01 44.23 18.46
CA PHE A 75 44.54 43.45 17.33
C PHE A 75 43.29 44.09 16.73
N ASP A 76 43.20 45.42 16.82
CA ASP A 76 42.14 46.26 16.25
C ASP A 76 40.77 45.91 16.84
N ASN A 77 40.77 45.73 18.17
CA ASN A 77 39.59 45.58 19.03
C ASN A 77 38.67 44.43 18.64
N VAL A 78 39.17 43.38 18.00
CA VAL A 78 38.32 42.27 17.60
C VAL A 78 38.11 41.36 18.82
N THR A 79 36.88 40.87 18.99
CA THR A 79 36.54 39.97 20.08
C THR A 79 36.12 38.58 19.61
N LYS A 80 35.13 38.48 18.74
CA LYS A 80 34.67 37.21 18.20
C LYS A 80 35.04 37.12 16.73
N LEU A 81 35.16 35.89 16.25
CA LEU A 81 35.60 35.64 14.88
C LEU A 81 35.12 34.27 14.43
N SER A 82 34.77 34.15 13.16
CA SER A 82 34.37 32.87 12.59
C SER A 82 35.60 32.05 12.20
N ILE A 83 35.47 30.74 12.34
CA ILE A 83 36.56 29.81 12.04
C ILE A 83 35.91 28.52 11.53
N PRO A 84 36.52 27.82 10.56
CA PRO A 84 35.94 26.57 10.09
C PRO A 84 35.98 25.46 11.12
N THR A 85 35.11 24.46 10.92
CA THR A 85 34.96 23.38 11.90
C THR A 85 36.02 22.30 11.72
N ASP A 86 36.60 22.18 10.53
CA ASP A 86 37.57 21.13 10.22
C ASP A 86 39.00 21.52 10.60
N SER A 87 39.18 22.52 11.46
CA SER A 87 40.49 22.91 11.94
C SER A 87 40.58 22.97 13.46
N ILE A 88 39.51 22.66 14.17
CA ILE A 88 39.49 22.68 15.63
C ILE A 88 39.05 21.34 16.16
N TRP A 89 39.14 21.18 17.48
CA TRP A 89 38.78 19.93 18.13
C TRP A 89 37.27 19.82 18.26
N VAL A 90 36.73 18.68 17.82
CA VAL A 90 35.28 18.46 17.82
C VAL A 90 34.97 17.24 18.69
N PRO A 91 34.09 17.35 19.68
CA PRO A 91 33.73 16.19 20.50
C PRO A 91 32.70 15.30 19.78
N ASP A 92 32.25 14.29 20.51
CA ASP A 92 31.43 13.22 19.95
C ASP A 92 30.19 12.92 20.80
N ILE A 93 29.44 13.96 21.16
CA ILE A 93 28.20 13.78 21.92
C ILE A 93 27.13 13.21 21.00
N LEU A 94 26.61 12.03 21.36
CA LEU A 94 25.60 11.35 20.56
C LEU A 94 24.79 10.44 21.46
N ILE A 95 23.52 10.24 21.11
CA ILE A 95 22.67 9.31 21.84
C ILE A 95 23.03 7.89 21.41
N ASN A 96 22.83 6.93 22.30
CA ASN A 96 23.16 5.53 22.04
C ASN A 96 21.92 4.73 21.70
N GLU A 97 20.97 5.35 21.01
CA GLU A 97 19.74 4.69 20.55
C GLU A 97 19.63 4.81 19.03
N PHE A 98 20.77 4.75 18.35
CA PHE A 98 20.82 4.89 16.90
C PHE A 98 20.20 3.67 16.20
N VAL A 99 19.53 3.95 15.08
CA VAL A 99 19.06 2.90 14.17
C VAL A 99 19.50 3.25 12.76
N ASP A 100 19.83 4.53 12.54
CA ASP A 100 20.17 5.03 11.22
C ASP A 100 20.89 6.37 11.40
N VAL A 101 21.62 6.78 10.36
CA VAL A 101 22.27 8.10 10.37
C VAL A 101 21.27 9.15 9.94
N GLY A 102 21.07 10.16 10.78
CA GLY A 102 20.16 11.25 10.47
C GLY A 102 20.84 12.28 9.59
N LYS A 103 20.18 12.60 8.48
CA LYS A 103 20.68 13.62 7.57
C LYS A 103 20.48 15.01 8.16
N SER A 104 21.59 15.71 8.39
CA SER A 104 21.58 16.99 9.07
C SER A 104 22.21 18.05 8.18
N PRO A 105 21.77 19.30 8.29
CA PRO A 105 22.46 20.39 7.58
C PRO A 105 23.86 20.62 8.14
N ASN A 106 24.82 20.76 7.25
CA ASN A 106 26.24 20.88 7.61
C ASN A 106 26.61 22.36 7.57
N ILE A 107 26.68 22.98 8.74
CA ILE A 107 27.14 24.36 8.84
C ILE A 107 28.67 24.34 8.93
N PRO A 108 29.37 25.24 8.25
CA PRO A 108 30.85 25.22 8.26
C PRO A 108 31.51 26.14 9.29
N TYR A 109 30.77 27.02 9.96
CA TYR A 109 31.36 28.08 10.77
C TYR A 109 30.97 27.93 12.24
N VAL A 110 31.92 28.24 13.13
CA VAL A 110 31.70 28.28 14.57
C VAL A 110 32.33 29.54 15.13
N TYR A 111 32.02 29.83 16.40
CA TYR A 111 32.54 31.02 17.08
C TYR A 111 33.84 30.71 17.80
N VAL A 112 34.53 31.79 18.21
CA VAL A 112 35.66 31.73 19.13
C VAL A 112 35.74 33.08 19.83
N HIS A 113 36.14 33.07 21.09
CA HIS A 113 36.33 34.29 21.85
C HIS A 113 37.80 34.44 22.21
N HIS A 114 38.11 35.55 22.88
CA HIS A 114 39.51 35.84 23.22
C HIS A 114 39.95 35.14 24.50
N ARG A 115 39.01 34.66 25.31
CA ARG A 115 39.35 33.90 26.51
C ARG A 115 39.22 32.39 26.31
N GLY A 116 38.72 31.95 25.17
CA GLY A 116 38.64 30.55 24.86
C GLY A 116 37.25 29.92 24.85
N GLU A 117 36.18 30.71 24.90
CA GLU A 117 34.83 30.19 24.85
C GLU A 117 34.35 30.17 23.41
N VAL A 118 33.85 29.02 22.96
CA VAL A 118 33.40 28.85 21.60
C VAL A 118 31.90 28.53 21.60
N GLN A 119 31.28 28.66 20.42
CA GLN A 119 29.88 28.33 20.22
C GLN A 119 29.77 27.45 18.99
N ASN A 120 28.81 26.52 19.02
CA ASN A 120 28.58 25.63 17.87
C ASN A 120 27.08 25.46 17.72
N TYR A 121 26.47 26.27 16.88
CA TYR A 121 25.07 26.14 16.54
C TYR A 121 24.91 25.29 15.28
N LYS A 122 24.45 24.06 15.46
CA LYS A 122 24.25 23.17 14.32
C LYS A 122 22.93 22.43 14.51
N PRO A 123 22.17 22.22 13.43
CA PRO A 123 20.94 21.42 13.53
C PRO A 123 21.20 19.96 13.19
N LEU A 124 20.33 19.11 13.75
CA LEU A 124 20.39 17.67 13.48
C LEU A 124 19.02 17.07 13.78
N GLN A 125 18.59 16.15 12.93
CA GLN A 125 17.40 15.34 13.20
C GLN A 125 17.88 13.94 13.56
N LEU A 126 17.58 13.52 14.78
CA LEU A 126 18.01 12.23 15.25
C LEU A 126 16.85 11.23 15.19
N VAL A 127 17.13 10.06 14.64
CA VAL A 127 16.20 8.94 14.63
C VAL A 127 16.59 8.02 15.78
N THR A 128 15.59 7.48 16.48
CA THR A 128 15.83 6.85 17.76
C THR A 128 14.79 5.79 18.06
N ALA A 129 15.19 4.82 18.88
CA ALA A 129 14.29 3.82 19.43
C ALA A 129 14.01 4.15 20.88
N CYS A 130 12.76 3.97 21.30
CA CYS A 130 12.36 4.39 22.63
C CYS A 130 11.20 3.52 23.11
N SER A 131 10.80 3.74 24.36
CA SER A 131 9.76 2.94 24.98
C SER A 131 8.38 3.42 24.53
N LEU A 132 7.48 2.47 24.28
CA LEU A 132 6.12 2.75 23.84
C LEU A 132 5.13 2.15 24.83
N ASP A 133 3.92 2.71 24.85
CA ASP A 133 2.86 2.24 25.75
C ASP A 133 1.52 2.69 25.17
N ILE A 134 0.58 1.75 25.10
CA ILE A 134 -0.74 2.02 24.57
C ILE A 134 -1.86 1.59 25.50
N TYR A 135 -1.60 1.47 26.82
CA TYR A 135 -2.58 0.92 27.75
C TYR A 135 -3.81 1.80 27.89
N ASN A 136 -3.65 3.10 27.69
CA ASN A 136 -4.77 4.02 27.46
C ASN A 136 -4.46 4.72 26.15
N PHE A 137 -5.01 4.18 25.05
CA PHE A 137 -4.57 4.60 23.72
C PHE A 137 -5.07 6.00 23.32
N PRO A 138 -6.36 6.36 23.48
CA PRO A 138 -6.71 7.76 23.16
C PRO A 138 -6.21 8.78 24.18
N PHE A 139 -5.99 8.36 25.43
CA PHE A 139 -5.52 9.26 26.49
C PHE A 139 -4.15 8.75 26.93
N ASP A 140 -3.11 9.14 26.19
CA ASP A 140 -1.80 8.53 26.35
C ASP A 140 -0.73 9.54 26.72
N VAL A 141 0.29 9.04 27.41
CA VAL A 141 1.51 9.79 27.70
C VAL A 141 2.68 8.83 27.52
N GLN A 142 3.79 9.32 26.97
CA GLN A 142 4.94 8.49 26.63
C GLN A 142 6.15 8.98 27.38
N ASN A 143 6.62 8.18 28.34
CA ASN A 143 7.80 8.52 29.13
C ASN A 143 9.06 8.09 28.37
N CYS A 144 9.37 8.86 27.33
CA CYS A 144 10.53 8.54 26.51
C CYS A 144 11.80 9.07 27.16
N SER A 145 12.93 8.46 26.81
CA SER A 145 14.21 8.74 27.46
C SER A 145 15.27 9.00 26.39
N LEU A 146 15.68 10.25 26.26
CA LEU A 146 16.87 10.58 25.48
C LEU A 146 18.09 10.65 26.40
N THR A 147 19.22 10.17 25.89
CA THR A 147 20.41 10.03 26.73
C THR A 147 21.61 10.61 25.99
N PHE A 148 21.97 11.85 26.31
CA PHE A 148 23.24 12.40 25.85
C PHE A 148 24.38 11.82 26.66
N THR A 149 25.38 11.29 25.95
CA THR A 149 26.52 10.67 26.60
C THR A 149 27.73 10.76 25.67
N SER A 150 28.90 10.55 26.26
CA SER A 150 30.12 10.38 25.49
C SER A 150 30.29 8.91 25.13
N TRP A 151 30.34 8.63 23.83
CA TRP A 151 30.41 7.26 23.34
C TRP A 151 31.73 6.57 23.67
N LEU A 152 32.81 7.34 23.83
CA LEU A 152 34.14 6.76 23.94
C LEU A 152 34.97 7.33 25.10
N HIS A 153 34.69 8.53 25.59
CA HIS A 153 35.47 9.09 26.67
C HIS A 153 34.79 8.83 28.02
N THR A 154 35.43 9.32 29.08
CA THR A 154 35.05 9.04 30.47
C THR A 154 34.72 10.33 31.20
N ILE A 155 34.56 10.22 32.52
CA ILE A 155 34.33 11.38 33.38
C ILE A 155 35.55 12.30 33.38
N GLN A 156 36.75 11.72 33.31
CA GLN A 156 37.98 12.47 33.52
C GLN A 156 38.37 13.34 32.34
N ASP A 157 37.63 13.31 31.23
CA ASP A 157 38.03 14.08 30.07
C ASP A 157 36.90 15.00 29.60
N ILE A 158 35.66 14.54 29.68
CA ILE A 158 34.48 15.34 29.34
C ILE A 158 33.44 15.18 30.45
N ASN A 159 33.00 16.29 31.03
CA ASN A 159 31.89 16.31 31.98
C ASN A 159 30.76 17.12 31.36
N ILE A 160 29.60 16.49 31.19
CA ILE A 160 28.43 17.14 30.61
C ILE A 160 27.65 17.85 31.70
N THR A 161 27.48 19.16 31.56
CA THR A 161 26.66 20.00 32.42
C THR A 161 25.56 20.65 31.58
N LEU A 162 24.82 21.56 32.20
CA LEU A 162 23.78 22.32 31.51
C LEU A 162 24.06 23.81 31.69
N TRP A 163 23.88 24.58 30.62
CA TRP A 163 24.36 25.95 30.59
C TRP A 163 23.49 26.91 31.38
N ARG A 164 22.18 26.76 31.32
CA ARG A 164 21.27 27.70 31.96
C ARG A 164 20.44 27.00 33.05
N SER A 165 19.43 27.70 33.55
CA SER A 165 18.61 27.17 34.63
C SER A 165 17.73 26.03 34.12
N PRO A 166 17.52 24.98 34.95
CA PRO A 166 16.65 23.88 34.50
C PRO A 166 15.18 24.25 34.47
N GLU A 167 14.78 25.32 35.17
CA GLU A 167 13.40 25.79 35.06
C GLU A 167 13.13 26.40 33.68
N GLU A 168 14.16 27.00 33.07
CA GLU A 168 13.99 27.62 31.76
C GLU A 168 13.88 26.58 30.65
N VAL A 169 14.43 25.38 30.88
CA VAL A 169 14.23 24.31 29.91
C VAL A 169 13.06 23.43 30.29
N ARG A 170 12.58 23.52 31.54
CA ARG A 170 11.36 22.81 31.91
C ARG A 170 10.12 23.55 31.45
N SER A 171 10.17 24.88 31.43
CA SER A 171 9.05 25.73 31.02
C SER A 171 9.19 26.18 29.57
N ASP A 172 9.65 25.30 28.70
CA ASP A 172 9.96 25.64 27.32
C ASP A 172 8.70 25.86 26.50
N LYS A 173 8.21 27.10 26.46
CA LYS A 173 7.12 27.49 25.57
C LYS A 173 7.63 28.12 24.27
N SER A 174 8.80 27.69 23.80
CA SER A 174 9.47 28.28 22.65
C SER A 174 8.86 27.82 21.33
N ILE A 175 9.57 28.05 20.22
CA ILE A 175 9.11 27.79 18.86
C ILE A 175 8.83 26.30 18.66
N PHE A 176 7.56 25.98 18.45
CA PHE A 176 7.10 24.61 18.24
C PHE A 176 5.96 24.64 17.24
N ILE A 177 6.05 23.77 16.23
CA ILE A 177 5.04 23.67 15.18
C ILE A 177 3.81 23.00 15.79
N ASN A 178 2.73 23.76 15.93
CA ASN A 178 1.46 23.22 16.40
C ASN A 178 0.67 22.68 15.21
N GLN A 179 -0.60 22.33 15.46
CA GLN A 179 -1.54 21.77 14.49
C GLN A 179 -1.01 20.49 13.84
N GLY A 180 -0.35 19.63 14.61
CA GLY A 180 0.20 18.40 14.07
C GLY A 180 -0.55 17.17 14.51
N GLU A 181 0.07 16.38 15.40
CA GLU A 181 -0.55 15.16 15.88
C GLU A 181 -0.44 15.08 17.40
N TRP A 182 0.56 15.74 17.96
CA TRP A 182 0.95 15.57 19.36
C TRP A 182 1.16 16.93 20.03
N GLU A 183 1.13 16.92 21.37
CA GLU A 183 1.58 18.04 22.18
C GLU A 183 2.57 17.58 23.24
N LEU A 184 3.10 18.55 23.97
CA LEU A 184 3.96 18.33 25.13
C LEU A 184 3.53 19.24 26.26
N LEU A 185 3.65 18.75 27.51
CA LEU A 185 3.36 19.59 28.66
C LEU A 185 4.65 20.23 29.19
N GLU A 186 5.66 19.40 29.47
CA GLU A 186 6.93 19.88 30.00
C GLU A 186 8.02 18.91 29.59
N VAL A 187 9.27 19.36 29.73
CA VAL A 187 10.46 18.57 29.43
C VAL A 187 11.28 18.49 30.71
N PHE A 188 11.61 17.27 31.14
CA PHE A 188 12.29 17.04 32.40
C PHE A 188 13.71 16.53 32.17
N PRO A 189 14.74 17.36 32.33
CA PRO A 189 16.12 16.86 32.26
C PRO A 189 16.58 16.36 33.61
N GLN A 190 17.62 15.52 33.58
CA GLN A 190 18.19 14.96 34.80
C GLN A 190 19.65 14.57 34.61
N PHE A 191 20.52 15.00 35.53
CA PHE A 191 21.91 14.58 35.54
C PHE A 191 22.03 13.21 36.20
N LYS A 192 22.94 12.39 35.69
CA LYS A 192 23.04 11.00 36.08
C LYS A 192 24.51 10.60 36.14
N GLU A 193 24.82 9.66 37.03
CA GLU A 193 26.16 9.09 37.14
C GLU A 193 26.07 7.59 36.94
N PHE A 194 26.94 7.06 36.09
CA PHE A 194 26.91 5.64 35.75
C PHE A 194 28.34 5.11 35.67
N SER A 195 28.65 4.13 36.51
CA SER A 195 29.90 3.39 36.44
C SER A 195 29.61 1.91 36.24
N ILE A 196 30.57 1.20 35.63
CA ILE A 196 30.40 -0.22 35.36
C ILE A 196 31.41 -1.01 36.18
N ASP A 197 32.56 -0.42 36.47
CA ASP A 197 33.59 -1.02 37.32
C ASP A 197 34.50 0.09 37.84
N ILE A 198 35.64 -0.30 38.40
CA ILE A 198 36.60 0.67 38.93
C ILE A 198 37.36 1.31 37.78
N SER A 199 37.47 2.63 37.81
CA SER A 199 38.25 3.51 36.92
C SER A 199 37.78 3.50 35.47
N ASN A 200 36.57 3.02 35.19
CA ASN A 200 35.96 3.15 33.87
C ASN A 200 34.51 3.55 34.08
N SER A 201 34.26 4.86 34.15
CA SER A 201 32.94 5.41 34.36
C SER A 201 32.67 6.46 33.28
N TYR A 202 31.48 6.39 32.68
CA TYR A 202 31.14 7.22 31.54
C TYR A 202 30.20 8.34 31.96
N ALA A 203 30.12 9.36 31.11
CA ALA A 203 29.34 10.56 31.42
C ALA A 203 27.98 10.54 30.71
N GLU A 204 27.05 9.79 31.29
CA GLU A 204 25.68 9.78 30.80
C GLU A 204 24.86 10.86 31.50
N MET A 205 23.76 11.24 30.84
CA MET A 205 22.75 12.12 31.43
C MET A 205 21.44 11.87 30.71
N LYS A 206 20.34 12.00 31.44
CA LYS A 206 19.04 11.55 30.97
C LYS A 206 18.12 12.72 30.68
N PHE A 207 17.28 12.56 29.65
CA PHE A 207 16.14 13.43 29.41
C PHE A 207 14.87 12.63 29.56
N TYR A 208 13.78 13.32 29.89
CA TYR A 208 12.46 12.71 30.03
C TYR A 208 11.43 13.63 29.35
N VAL A 209 11.22 13.40 28.06
CA VAL A 209 10.16 14.10 27.34
C VAL A 209 8.88 13.28 27.40
N ILE A 210 7.75 13.96 27.57
CA ILE A 210 6.45 13.31 27.60
C ILE A 210 5.58 13.91 26.50
N ILE A 211 4.92 13.06 25.73
CA ILE A 211 4.24 13.45 24.51
C ILE A 211 2.76 13.10 24.67
N ARG A 212 1.88 13.94 24.12
CA ARG A 212 0.45 13.77 24.35
C ARG A 212 -0.33 13.95 23.05
N ARG A 213 -1.14 12.95 22.70
CA ARG A 213 -1.89 12.97 21.45
C ARG A 213 -3.22 13.71 21.63
N ARG A 214 -3.70 14.31 20.53
CA ARG A 214 -5.04 14.90 20.49
C ARG A 214 -6.07 13.80 20.27
N PRO A 215 -7.07 13.65 21.14
CA PRO A 215 -8.15 12.67 20.92
C PRO A 215 -9.31 13.23 20.10
N LEU A 216 -9.00 13.86 18.97
CA LEU A 216 -10.01 14.54 18.18
C LEU A 216 -10.29 13.90 16.84
N PHE A 217 -9.26 13.74 16.01
CA PHE A 217 -9.48 13.12 14.70
C PHE A 217 -9.66 11.62 14.80
N TYR A 218 -9.04 10.98 15.79
CA TYR A 218 -9.25 9.55 16.00
C TYR A 218 -10.65 9.25 16.49
N ALA A 219 -11.29 10.19 17.19
CA ALA A 219 -12.70 10.04 17.55
C ALA A 219 -13.57 10.00 16.31
N VAL A 220 -13.41 10.97 15.40
CA VAL A 220 -14.22 11.00 14.18
C VAL A 220 -13.75 9.95 13.17
N SER A 221 -12.63 9.29 13.43
CA SER A 221 -12.19 8.21 12.55
C SER A 221 -12.64 6.83 13.05
N LEU A 222 -12.86 6.66 14.36
CA LEU A 222 -13.13 5.33 14.88
C LEU A 222 -14.44 5.20 15.65
N LEU A 223 -14.84 6.22 16.42
CA LEU A 223 -15.86 6.02 17.44
C LEU A 223 -17.28 6.00 16.85
N LEU A 224 -17.65 7.04 16.11
CA LEU A 224 -19.02 7.18 15.60
C LEU A 224 -19.55 6.12 14.62
N PRO A 225 -18.74 5.34 13.87
CA PRO A 225 -19.35 4.19 13.15
C PRO A 225 -20.05 3.19 14.06
N SER A 226 -19.49 2.96 15.24
CA SER A 226 -20.17 2.15 16.25
C SER A 226 -21.50 2.78 16.66
N ILE A 227 -21.55 4.11 16.79
CA ILE A 227 -22.78 4.69 17.33
C ILE A 227 -23.86 4.80 16.24
N PHE A 228 -23.52 5.01 14.95
CA PHE A 228 -24.64 4.94 14.01
C PHE A 228 -24.97 3.50 13.60
N LEU A 229 -24.05 2.54 13.81
CA LEU A 229 -24.45 1.14 13.70
C LEU A 229 -25.43 0.78 14.82
N MET A 230 -25.24 1.36 16.00
CA MET A 230 -26.19 1.16 17.09
C MET A 230 -27.52 1.85 16.81
N VAL A 231 -27.49 3.04 16.21
CA VAL A 231 -28.76 3.69 15.84
C VAL A 231 -29.49 2.89 14.76
N VAL A 232 -28.76 2.34 13.78
CA VAL A 232 -29.45 1.65 12.70
C VAL A 232 -29.94 0.26 13.14
N ASP A 233 -29.25 -0.43 14.06
CA ASP A 233 -29.84 -1.71 14.45
C ASP A 233 -30.88 -1.56 15.57
N ILE A 234 -30.83 -0.48 16.36
CA ILE A 234 -31.94 -0.16 17.25
C ILE A 234 -33.20 0.18 16.44
N VAL A 235 -33.05 0.93 15.35
CA VAL A 235 -34.23 1.19 14.55
C VAL A 235 -34.61 -0.01 13.68
N GLY A 236 -33.68 -0.91 13.38
CA GLY A 236 -33.96 -2.09 12.58
C GLY A 236 -34.29 -3.34 13.36
N PHE A 237 -34.36 -3.26 14.69
CA PHE A 237 -34.92 -4.34 15.48
C PHE A 237 -36.42 -4.50 15.26
N CYS A 238 -37.09 -3.44 14.80
CA CYS A 238 -38.54 -3.33 14.90
C CYS A 238 -39.30 -4.04 13.79
N LEU A 239 -38.64 -4.70 12.84
CA LEU A 239 -39.45 -5.39 11.84
C LEU A 239 -39.91 -6.74 12.37
N PRO A 240 -41.11 -7.19 11.98
CA PRO A 240 -41.60 -8.48 12.48
C PRO A 240 -40.87 -9.65 11.83
N PRO A 241 -40.61 -10.72 12.57
CA PRO A 241 -39.89 -11.88 12.01
C PRO A 241 -40.75 -12.83 11.20
N ASP A 242 -42.00 -12.49 10.90
CA ASP A 242 -42.86 -13.39 10.14
C ASP A 242 -42.56 -13.36 8.65
N SER A 243 -41.85 -12.34 8.16
CA SER A 243 -41.51 -12.29 6.74
C SER A 243 -40.29 -13.15 6.42
N GLY A 244 -39.16 -12.87 7.09
CA GLY A 244 -37.92 -13.58 6.85
C GLY A 244 -36.75 -12.71 6.47
N GLU A 245 -36.97 -11.40 6.29
CA GLU A 245 -35.87 -10.51 5.92
C GLU A 245 -35.15 -9.94 7.13
N ARG A 246 -35.61 -10.28 8.35
CA ARG A 246 -34.93 -9.80 9.56
C ARG A 246 -33.58 -10.48 9.73
N VAL A 247 -33.52 -11.79 9.48
CA VAL A 247 -32.22 -12.47 9.50
C VAL A 247 -31.34 -12.01 8.35
N SER A 248 -31.94 -11.56 7.24
CA SER A 248 -31.17 -10.97 6.14
C SER A 248 -30.54 -9.64 6.57
N PHE A 249 -31.30 -8.83 7.32
CA PHE A 249 -30.76 -7.59 7.88
C PHE A 249 -29.63 -7.88 8.86
N LYS A 250 -29.79 -8.97 9.65
CA LYS A 250 -28.75 -9.35 10.60
C LYS A 250 -27.47 -9.78 9.89
N ILE A 251 -27.58 -10.61 8.85
CA ILE A 251 -26.36 -11.05 8.18
C ILE A 251 -25.71 -9.92 7.38
N THR A 252 -26.50 -8.98 6.85
CA THR A 252 -25.89 -7.88 6.12
C THR A 252 -25.20 -6.87 7.06
N LEU A 253 -25.76 -6.60 8.25
CA LEU A 253 -24.99 -5.68 9.07
C LEU A 253 -23.84 -6.36 9.80
N LEU A 254 -23.88 -7.70 9.99
CA LEU A 254 -22.66 -8.33 10.48
C LEU A 254 -21.59 -8.40 9.39
N LEU A 255 -22.00 -8.50 8.11
CA LEU A 255 -21.02 -8.36 7.03
C LEU A 255 -20.47 -6.93 6.95
N GLY A 256 -21.29 -5.94 7.28
CA GLY A 256 -20.80 -4.57 7.37
C GLY A 256 -19.79 -4.38 8.48
N TYR A 257 -20.06 -4.97 9.65
CA TYR A 257 -19.07 -4.96 10.72
C TYR A 257 -17.83 -5.76 10.33
N SER A 258 -17.99 -6.80 9.51
CA SER A 258 -16.85 -7.60 9.08
C SER A 258 -15.91 -6.81 8.20
N VAL A 259 -16.45 -6.10 7.19
CA VAL A 259 -15.58 -5.28 6.35
C VAL A 259 -15.04 -4.08 7.12
N PHE A 260 -15.80 -3.59 8.11
CA PHE A 260 -15.28 -2.51 8.96
C PHE A 260 -14.19 -3.03 9.90
N LEU A 261 -14.22 -4.32 10.24
CA LEU A 261 -13.21 -4.88 11.12
C LEU A 261 -11.94 -5.23 10.35
N ILE A 262 -12.08 -5.58 9.07
CA ILE A 262 -10.92 -5.66 8.19
C ILE A 262 -10.28 -4.28 8.02
N ILE A 263 -11.09 -3.23 7.85
CA ILE A 263 -10.48 -1.94 7.54
C ILE A 263 -9.94 -1.22 8.78
N VAL A 264 -10.29 -1.67 10.00
CA VAL A 264 -9.87 -0.98 11.20
C VAL A 264 -8.68 -1.68 11.87
N SER A 265 -8.28 -2.84 11.39
CA SER A 265 -7.18 -3.58 12.01
C SER A 265 -5.81 -2.94 11.76
N ASP A 266 -5.69 -2.06 10.77
CA ASP A 266 -4.41 -1.43 10.45
C ASP A 266 -4.29 -0.06 11.12
N THR A 267 -4.38 -0.06 12.44
CA THR A 267 -4.18 1.15 13.24
C THR A 267 -2.97 1.05 14.15
N LEU A 268 -2.89 0.00 14.98
CA LEU A 268 -1.74 -0.20 15.87
C LEU A 268 -1.48 -1.70 16.00
N PRO A 269 -0.25 -2.14 15.77
CA PRO A 269 0.10 -3.54 16.09
C PRO A 269 0.06 -3.84 17.58
N ALA A 270 0.87 -3.13 18.37
CA ALA A 270 1.11 -3.39 19.80
C ALA A 270 1.43 -4.87 20.04
N THR A 271 2.52 -5.33 19.44
CA THR A 271 2.78 -6.76 19.35
C THR A 271 3.43 -7.35 20.60
N ALA A 272 3.93 -6.52 21.51
CA ALA A 272 4.74 -7.05 22.59
C ALA A 272 3.97 -7.35 23.88
N ILE A 273 3.46 -6.31 24.53
CA ILE A 273 2.79 -6.45 25.82
C ILE A 273 1.43 -5.76 25.70
N GLY A 274 1.36 -4.77 24.82
CA GLY A 274 0.23 -3.86 24.73
C GLY A 274 -1.11 -4.46 24.38
N THR A 275 -2.05 -4.37 25.30
CA THR A 275 -3.37 -4.93 25.12
C THR A 275 -4.32 -3.86 24.58
N PRO A 276 -5.09 -4.14 23.54
CA PRO A 276 -6.04 -3.13 23.04
C PRO A 276 -7.22 -2.95 23.98
N LEU A 277 -7.07 -2.07 24.98
CA LEU A 277 -8.12 -1.82 25.95
C LEU A 277 -9.34 -1.16 25.31
N ILE A 278 -9.15 -0.45 24.18
CA ILE A 278 -10.30 0.04 23.42
C ILE A 278 -11.01 -1.10 22.71
N GLY A 279 -10.32 -2.23 22.46
CA GLY A 279 -10.92 -3.36 21.80
C GLY A 279 -11.87 -4.16 22.68
N VAL A 280 -11.82 -3.95 23.99
CA VAL A 280 -12.79 -4.57 24.89
C VAL A 280 -14.18 -3.98 24.66
N TYR A 281 -14.22 -2.66 24.43
CA TYR A 281 -15.45 -1.95 24.11
C TYR A 281 -16.07 -2.46 22.80
N PHE A 282 -15.24 -2.87 21.85
CA PHE A 282 -15.76 -3.48 20.64
C PHE A 282 -16.32 -4.87 20.92
N VAL A 283 -15.58 -5.71 21.65
CA VAL A 283 -15.90 -7.13 21.71
C VAL A 283 -17.10 -7.39 22.64
N VAL A 284 -17.32 -6.54 23.65
CA VAL A 284 -18.51 -6.76 24.48
C VAL A 284 -19.78 -6.31 23.74
N CYS A 285 -19.68 -5.28 22.90
CA CYS A 285 -20.81 -4.89 22.06
C CYS A 285 -21.08 -5.93 20.99
N MET A 286 -20.02 -6.54 20.45
CA MET A 286 -20.21 -7.61 19.49
C MET A 286 -20.82 -8.84 20.15
N ALA A 287 -20.47 -9.11 21.40
CA ALA A 287 -21.10 -10.21 22.14
C ALA A 287 -22.58 -9.97 22.37
N LEU A 288 -22.96 -8.72 22.68
CA LEU A 288 -24.37 -8.45 22.95
C LEU A 288 -25.20 -8.49 21.67
N LEU A 289 -24.67 -8.01 20.53
CA LEU A 289 -25.52 -8.21 19.35
C LEU A 289 -25.37 -9.62 18.76
N VAL A 290 -24.35 -10.38 19.14
CA VAL A 290 -24.31 -11.81 18.80
C VAL A 290 -25.42 -12.57 19.51
N ILE A 291 -25.61 -12.30 20.80
CA ILE A 291 -26.75 -12.95 21.47
C ILE A 291 -28.09 -12.34 21.02
N SER A 292 -28.08 -11.10 20.49
CA SER A 292 -29.28 -10.54 19.88
C SER A 292 -29.67 -11.28 18.61
N LEU A 293 -28.72 -11.56 17.72
CA LEU A 293 -29.14 -12.36 16.56
C LEU A 293 -29.31 -13.83 16.91
N ALA A 294 -28.73 -14.29 18.02
CA ALA A 294 -29.02 -15.64 18.50
C ALA A 294 -30.49 -15.76 18.91
N GLU A 295 -31.00 -14.76 19.65
CA GLU A 295 -32.42 -14.80 19.97
C GLU A 295 -33.29 -14.45 18.77
N THR A 296 -32.73 -13.78 17.75
CA THR A 296 -33.45 -13.61 16.49
C THR A 296 -33.68 -14.96 15.80
N ILE A 297 -32.63 -15.78 15.70
CA ILE A 297 -32.79 -17.14 15.18
C ILE A 297 -33.68 -17.98 16.08
N PHE A 298 -33.63 -17.75 17.39
CA PHE A 298 -34.51 -18.45 18.33
C PHE A 298 -35.99 -18.11 18.11
N ILE A 299 -36.29 -16.83 17.90
CA ILE A 299 -37.69 -16.43 17.76
C ILE A 299 -38.19 -16.71 16.34
N VAL A 300 -37.29 -16.81 15.35
CA VAL A 300 -37.71 -17.34 14.05
C VAL A 300 -37.98 -18.83 14.15
N ARG A 301 -37.21 -19.56 14.95
CA ARG A 301 -37.43 -20.99 15.17
C ARG A 301 -38.74 -21.25 15.90
N LEU A 302 -39.08 -20.43 16.89
CA LEU A 302 -40.30 -20.66 17.65
C LEU A 302 -41.54 -20.29 16.85
N VAL A 303 -41.48 -19.22 16.07
CA VAL A 303 -42.65 -18.72 15.34
C VAL A 303 -42.49 -19.13 13.87
N HIS A 304 -43.23 -20.16 13.46
CA HIS A 304 -43.19 -20.64 12.08
C HIS A 304 -44.47 -21.43 11.82
N LYS A 305 -44.95 -21.38 10.57
CA LYS A 305 -46.09 -22.20 10.17
C LYS A 305 -45.64 -23.65 10.09
N GLN A 306 -45.98 -24.43 11.11
CA GLN A 306 -45.39 -25.75 11.26
C GLN A 306 -46.41 -26.88 11.19
N ASP A 307 -47.57 -26.69 11.84
CA ASP A 307 -48.56 -27.74 12.12
C ASP A 307 -47.92 -28.90 12.89
N LEU A 308 -47.56 -28.58 14.13
CA LEU A 308 -46.86 -29.49 15.03
C LEU A 308 -47.51 -29.39 16.41
N GLN A 309 -46.77 -29.84 17.42
CA GLN A 309 -47.26 -30.01 18.80
C GLN A 309 -47.81 -28.71 19.38
N ARG A 310 -48.93 -28.84 20.10
CA ARG A 310 -49.65 -27.72 20.69
C ARG A 310 -48.80 -27.04 21.76
N PRO A 311 -48.98 -25.73 21.96
CA PRO A 311 -48.25 -25.05 23.03
C PRO A 311 -48.73 -25.47 24.41
N VAL A 312 -47.78 -25.57 25.33
CA VAL A 312 -48.02 -26.05 26.69
C VAL A 312 -48.80 -25.00 27.47
N PRO A 313 -49.76 -25.39 28.32
CA PRO A 313 -50.52 -24.40 29.09
C PRO A 313 -49.73 -23.79 30.24
N ASP A 314 -48.65 -24.45 30.68
CA ASP A 314 -47.88 -23.94 31.81
C ASP A 314 -47.14 -22.65 31.46
N TRP A 315 -46.75 -22.49 30.21
CA TRP A 315 -46.21 -21.23 29.71
C TRP A 315 -47.26 -20.38 29.00
N LEU A 316 -48.54 -20.65 29.24
CA LEU A 316 -49.63 -19.92 28.56
C LEU A 316 -50.52 -19.23 29.60
N ARG A 317 -50.69 -19.86 30.76
CA ARG A 317 -51.53 -19.27 31.80
C ARG A 317 -50.68 -18.57 32.86
N HIS A 318 -49.36 -18.79 32.82
CA HIS A 318 -48.48 -18.19 33.81
C HIS A 318 -47.50 -17.22 33.15
N LEU A 319 -46.93 -17.62 32.02
CA LEU A 319 -45.90 -16.79 31.37
C LEU A 319 -46.52 -15.62 30.63
N VAL A 320 -47.76 -15.78 30.17
CA VAL A 320 -48.41 -14.71 29.42
C VAL A 320 -48.91 -13.62 30.36
N LEU A 321 -49.42 -14.01 31.53
CA LEU A 321 -49.91 -13.02 32.48
C LEU A 321 -48.77 -12.32 33.19
N ASP A 322 -47.59 -12.94 33.23
CA ASP A 322 -46.42 -12.31 33.81
C ASP A 322 -45.83 -11.24 32.88
N ARG A 323 -46.06 -11.35 31.57
CA ARG A 323 -45.51 -10.40 30.61
C ARG A 323 -46.55 -9.42 30.08
N ILE A 324 -47.77 -9.46 30.58
CA ILE A 324 -48.82 -8.56 30.11
C ILE A 324 -49.22 -7.60 31.23
N ALA A 325 -49.27 -8.10 32.46
CA ALA A 325 -49.70 -7.29 33.59
C ALA A 325 -48.66 -6.23 33.97
N TRP A 326 -47.39 -6.47 33.67
CA TRP A 326 -46.34 -5.50 33.98
C TRP A 326 -46.07 -4.54 32.83
N ILE A 327 -46.41 -4.92 31.60
CA ILE A 327 -46.25 -4.01 30.46
C ILE A 327 -47.48 -3.12 30.35
N LEU A 328 -47.30 -1.96 29.71
CA LEU A 328 -48.39 -0.99 29.60
C LEU A 328 -49.44 -1.46 28.61
N CYS A 329 -49.05 -1.68 27.36
CA CYS A 329 -49.97 -2.14 26.32
C CYS A 329 -50.03 -3.66 26.34
N LEU A 330 -51.19 -4.20 26.72
CA LEU A 330 -51.34 -5.65 26.83
C LEU A 330 -52.54 -6.16 26.05
N GLY A 331 -53.57 -5.33 25.91
CA GLY A 331 -54.79 -5.77 25.25
C GLY A 331 -55.58 -6.77 26.09
N GLU A 332 -56.62 -7.31 25.47
CA GLU A 332 -57.46 -8.32 26.11
C GLU A 332 -57.43 -9.66 25.37
N GLN A 333 -57.68 -9.64 24.06
CA GLN A 333 -57.74 -10.81 23.17
C GLN A 333 -58.70 -11.89 23.66
N LEU A 392 -79.21 -45.53 3.33
CA LEU A 392 -80.28 -44.81 2.65
C LEU A 392 -79.69 -43.83 1.64
N ALA A 393 -80.57 -43.21 0.82
CA ALA A 393 -80.11 -42.24 -0.16
C ALA A 393 -79.76 -40.91 0.49
N VAL A 394 -80.40 -40.59 1.61
CA VAL A 394 -80.12 -39.32 2.29
C VAL A 394 -78.93 -39.44 3.21
N ARG A 395 -78.51 -40.67 3.54
CA ARG A 395 -77.36 -40.86 4.42
C ARG A 395 -76.04 -40.60 3.71
N GLY A 396 -76.02 -40.62 2.38
CA GLY A 396 -74.80 -40.29 1.66
C GLY A 396 -74.51 -38.81 1.64
N LEU A 397 -75.50 -37.98 1.91
CA LEU A 397 -75.29 -36.54 1.93
C LEU A 397 -74.61 -36.11 3.23
N LEU A 398 -74.81 -36.86 4.31
CA LEU A 398 -74.27 -36.46 5.61
C LEU A 398 -72.78 -36.74 5.72
N GLN A 399 -72.31 -37.84 5.10
CA GLN A 399 -70.89 -38.21 5.19
C GLN A 399 -70.01 -37.23 4.44
N GLU A 400 -70.47 -36.76 3.28
CA GLU A 400 -69.72 -35.81 2.47
C GLU A 400 -69.53 -34.48 3.19
N LEU A 401 -70.64 -33.90 3.66
CA LEU A 401 -70.57 -32.63 4.38
C LEU A 401 -69.87 -32.76 5.73
N SER A 402 -69.95 -33.95 6.35
CA SER A 402 -69.22 -34.17 7.61
C SER A 402 -67.72 -34.19 7.36
N SER A 403 -67.29 -34.83 6.27
CA SER A 403 -65.86 -34.82 5.92
C SER A 403 -65.39 -33.42 5.55
N ILE A 404 -66.25 -32.65 4.87
CA ILE A 404 -65.91 -31.26 4.50
C ILE A 404 -65.74 -30.40 5.74
N ARG A 405 -66.70 -30.48 6.68
CA ARG A 405 -66.60 -29.66 7.88
C ARG A 405 -65.48 -30.13 8.79
N HIS A 406 -65.14 -31.42 8.77
CA HIS A 406 -64.01 -31.91 9.56
C HIS A 406 -62.69 -31.39 9.01
N PHE A 407 -62.53 -31.39 7.68
CA PHE A 407 -61.31 -30.85 7.06
C PHE A 407 -61.20 -29.34 7.31
N LEU A 408 -62.32 -28.62 7.21
CA LEU A 408 -62.29 -27.17 7.43
C LEU A 408 -62.05 -26.82 8.89
N GLU A 409 -62.59 -27.60 9.85
CA GLU A 409 -62.32 -27.30 11.24
C GLU A 409 -60.91 -27.69 11.65
N LYS A 410 -60.32 -28.70 10.98
CA LYS A 410 -58.91 -29.01 11.22
C LYS A 410 -58.01 -27.88 10.71
N ARG A 411 -58.33 -27.34 9.52
CA ARG A 411 -57.56 -26.22 8.98
C ARG A 411 -57.71 -24.97 9.85
N ASP A 412 -58.93 -24.72 10.34
CA ASP A 412 -59.17 -23.56 11.20
C ASP A 412 -58.48 -23.72 12.55
N GLU A 413 -58.43 -24.95 13.08
CA GLU A 413 -57.74 -25.21 14.33
C GLU A 413 -56.23 -24.98 14.19
N MET A 414 -55.65 -25.45 13.08
CA MET A 414 -54.23 -25.20 12.83
C MET A 414 -53.94 -23.71 12.64
N ARG A 415 -54.88 -22.98 12.01
CA ARG A 415 -54.73 -21.54 11.84
C ARG A 415 -54.78 -20.81 13.18
N GLU A 416 -55.68 -21.22 14.08
CA GLU A 416 -55.76 -20.58 15.39
C GLU A 416 -54.55 -20.92 16.27
N VAL A 417 -54.01 -22.14 16.12
CA VAL A 417 -52.79 -22.50 16.85
C VAL A 417 -51.61 -21.67 16.35
N ALA A 418 -51.50 -21.47 15.02
CA ALA A 418 -50.44 -20.63 14.48
C ALA A 418 -50.61 -19.17 14.89
N ARG A 419 -51.87 -18.73 15.04
CA ARG A 419 -52.14 -17.39 15.58
C ARG A 419 -51.65 -17.28 17.02
N ASP A 420 -51.85 -18.33 17.82
CA ASP A 420 -51.36 -18.34 19.20
C ASP A 420 -49.83 -18.31 19.24
N TRP A 421 -49.17 -19.05 18.35
CA TRP A 421 -47.71 -19.02 18.26
C TRP A 421 -47.18 -17.64 17.92
N LEU A 422 -47.77 -16.98 16.90
CA LEU A 422 -47.29 -15.65 16.53
C LEU A 422 -47.64 -14.60 17.58
N ARG A 423 -48.72 -14.81 18.35
CA ARG A 423 -49.05 -13.88 19.43
C ARG A 423 -48.04 -13.99 20.58
N VAL A 424 -47.67 -15.22 20.96
CA VAL A 424 -46.64 -15.41 21.97
C VAL A 424 -45.30 -14.85 21.50
N GLY A 425 -44.99 -15.04 20.20
CA GLY A 425 -43.78 -14.45 19.66
C GLY A 425 -43.79 -12.93 19.65
N TYR A 426 -44.96 -12.32 19.42
CA TYR A 426 -45.06 -10.87 19.44
C TYR A 426 -44.90 -10.30 20.85
N VAL A 427 -45.47 -11.00 21.84
CA VAL A 427 -45.31 -10.58 23.24
C VAL A 427 -43.84 -10.70 23.67
N LEU A 428 -43.19 -11.79 23.27
CA LEU A 428 -41.76 -11.97 23.55
C LEU A 428 -40.91 -10.93 22.84
N ASP A 429 -41.30 -10.55 21.61
CA ASP A 429 -40.57 -9.52 20.87
C ASP A 429 -40.70 -8.16 21.54
N ARG A 430 -41.88 -7.84 22.07
CA ARG A 430 -42.08 -6.56 22.75
C ARG A 430 -41.30 -6.49 24.06
N LEU A 431 -41.32 -7.56 24.85
CA LEU A 431 -40.57 -7.54 26.11
C LEU A 431 -39.06 -7.53 25.85
N LEU A 432 -38.61 -8.22 24.80
CA LEU A 432 -37.19 -8.18 24.46
C LEU A 432 -36.80 -6.82 23.89
N PHE A 433 -37.72 -6.13 23.21
CA PHE A 433 -37.50 -4.75 22.78
C PHE A 433 -37.24 -3.83 23.97
N ARG A 434 -38.08 -3.96 25.00
CA ARG A 434 -37.90 -3.15 26.21
C ARG A 434 -36.59 -3.46 26.93
N ILE A 435 -36.28 -4.76 27.10
CA ILE A 435 -35.07 -5.18 27.80
C ILE A 435 -33.82 -4.79 27.01
N TYR A 436 -33.87 -4.89 25.68
CA TYR A 436 -32.70 -4.59 24.86
C TYR A 436 -32.45 -3.09 24.76
N LEU A 437 -33.51 -2.27 24.74
CA LEU A 437 -33.29 -0.83 24.80
C LEU A 437 -32.76 -0.39 26.15
N LEU A 438 -33.22 -1.04 27.23
CA LEU A 438 -32.64 -0.76 28.55
C LEU A 438 -31.17 -1.18 28.62
N ALA A 439 -30.83 -2.30 27.97
CA ALA A 439 -29.45 -2.79 27.98
C ALA A 439 -28.53 -1.88 27.17
N VAL A 440 -28.97 -1.43 25.99
CA VAL A 440 -28.11 -0.54 25.21
C VAL A 440 -28.04 0.86 25.81
N LEU A 441 -29.07 1.29 26.57
CA LEU A 441 -28.96 2.57 27.28
C LEU A 441 -27.98 2.45 28.45
N ALA A 442 -27.96 1.29 29.11
CA ALA A 442 -26.97 1.03 30.15
C ALA A 442 -25.56 0.95 29.56
N TYR A 443 -25.43 0.41 28.35
CA TYR A 443 -24.13 0.36 27.68
C TYR A 443 -23.66 1.76 27.29
N SER A 444 -24.58 2.60 26.83
CA SER A 444 -24.24 3.98 26.48
C SER A 444 -23.85 4.79 27.71
N ILE A 445 -24.55 4.61 28.84
CA ILE A 445 -24.17 5.35 30.03
C ILE A 445 -22.90 4.77 30.66
N THR A 446 -22.60 3.48 30.38
CA THR A 446 -21.33 2.91 30.79
C THR A 446 -20.18 3.51 29.99
N LEU A 447 -20.43 3.82 28.72
CA LEU A 447 -19.46 4.57 27.93
C LEU A 447 -19.28 5.99 28.46
N VAL A 448 -20.39 6.66 28.81
CA VAL A 448 -20.34 8.06 29.21
C VAL A 448 -19.66 8.23 30.57
N THR A 449 -19.90 7.30 31.50
CA THR A 449 -19.34 7.43 32.85
C THR A 449 -17.84 7.18 32.92
N LEU A 450 -17.21 6.74 31.82
CA LEU A 450 -15.75 6.65 31.80
C LEU A 450 -15.16 7.87 31.11
N TRP A 451 -15.88 8.44 30.14
CA TRP A 451 -15.40 9.63 29.43
C TRP A 451 -15.64 10.90 30.23
N SER A 452 -16.54 10.88 31.21
CA SER A 452 -16.92 12.09 31.93
C SER A 452 -15.82 12.59 32.87
N ILE A 453 -14.83 11.77 33.20
CA ILE A 453 -13.76 12.21 34.09
C ILE A 453 -12.80 13.13 33.35
N TRP A 454 -12.40 12.74 32.13
CA TRP A 454 -11.32 13.41 31.40
C TRP A 454 -11.74 14.70 30.70
N HIS A 455 -12.90 15.27 31.04
CA HIS A 455 -13.26 16.57 30.50
C HIS A 455 -12.42 17.69 31.11
N TYR A 456 -11.99 17.51 32.36
CA TYR A 456 -11.12 18.46 33.05
C TYR A 456 -9.71 17.92 33.28
N SER A 457 -9.60 16.64 33.64
CA SER A 457 -8.34 15.92 33.89
C SER A 457 -7.45 16.59 34.92
N ASP B 1 61.04 38.47 -26.56
CA ASP B 1 59.76 37.77 -26.72
C ASP B 1 58.84 38.04 -25.53
N THR B 2 57.56 38.24 -25.81
CA THR B 2 56.58 38.49 -24.76
C THR B 2 56.27 37.19 -24.02
N THR B 3 56.47 37.19 -22.70
CA THR B 3 56.25 36.02 -21.85
C THR B 3 54.92 36.10 -21.13
N GLN B 4 53.88 36.60 -21.78
CA GLN B 4 52.54 36.71 -21.20
C GLN B 4 51.67 35.57 -21.72
N PRO B 5 51.46 34.49 -20.95
CA PRO B 5 50.78 33.31 -21.49
C PRO B 5 49.30 33.50 -21.82
N ALA B 6 48.51 33.90 -20.82
CA ALA B 6 47.06 33.89 -20.90
C ALA B 6 46.51 34.69 -19.72
N LEU B 7 45.21 34.56 -19.47
CA LEU B 7 44.57 35.21 -18.32
C LEU B 7 44.73 34.40 -17.02
N LEU B 8 45.61 33.39 -17.01
CA LEU B 8 45.91 32.64 -15.79
C LEU B 8 46.72 33.48 -14.80
N ARG B 9 47.32 34.58 -15.27
CA ARG B 9 48.15 35.43 -14.42
C ARG B 9 47.34 36.11 -13.33
N LEU B 10 46.13 36.59 -13.67
CA LEU B 10 45.27 37.22 -12.68
C LEU B 10 44.77 36.21 -11.66
N SER B 11 44.49 34.98 -12.10
CA SER B 11 44.07 33.93 -11.18
C SER B 11 45.18 33.57 -10.21
N ASP B 12 46.41 33.45 -10.72
CA ASP B 12 47.57 33.20 -9.87
C ASP B 12 47.87 34.39 -8.98
N HIS B 13 47.48 35.60 -9.40
CA HIS B 13 47.70 36.78 -8.56
C HIS B 13 46.75 36.83 -7.38
N LEU B 14 45.44 36.74 -7.63
CA LEU B 14 44.49 36.93 -6.54
C LEU B 14 44.25 35.65 -5.74
N LEU B 15 44.58 34.48 -6.28
CA LEU B 15 44.47 33.21 -5.56
C LEU B 15 45.80 32.77 -4.98
N ALA B 16 46.68 33.72 -4.64
CA ALA B 16 47.98 33.38 -4.09
C ALA B 16 47.95 33.32 -2.57
N ASN B 17 47.56 34.42 -1.91
CA ASN B 17 47.55 34.51 -0.46
C ASN B 17 46.14 34.65 0.10
N TYR B 18 45.12 34.41 -0.71
CA TYR B 18 43.74 34.50 -0.25
C TYR B 18 43.33 33.21 0.46
N LYS B 19 42.61 33.37 1.56
CA LYS B 19 42.13 32.24 2.36
C LYS B 19 40.63 32.31 2.51
N LYS B 20 39.98 31.15 2.52
CA LYS B 20 38.53 31.05 2.62
C LYS B 20 38.02 30.99 4.06
N GLY B 21 38.92 31.03 5.05
CA GLY B 21 38.51 30.93 6.44
C GLY B 21 38.15 32.26 7.06
N VAL B 22 39.03 33.26 6.92
CA VAL B 22 38.83 34.57 7.53
C VAL B 22 37.81 35.33 6.70
N ARG B 23 37.16 36.32 7.31
CA ARG B 23 36.14 37.07 6.60
C ARG B 23 36.80 38.18 5.78
N PRO B 24 36.31 38.45 4.56
CA PRO B 24 37.09 39.28 3.60
C PRO B 24 36.88 40.79 3.54
N VAL B 25 37.17 41.47 4.66
CA VAL B 25 37.33 42.94 4.63
C VAL B 25 38.60 43.32 5.39
N ARG B 26 38.82 44.62 5.52
CA ARG B 26 39.89 45.17 6.35
C ARG B 26 39.36 45.75 7.65
N ASP B 27 38.33 46.61 7.58
CA ASP B 27 37.67 47.11 8.78
C ASP B 27 36.50 46.20 9.14
N TRP B 28 36.60 45.52 10.28
CA TRP B 28 35.64 44.50 10.68
C TRP B 28 34.32 45.07 11.18
N ARG B 29 34.22 46.39 11.39
CA ARG B 29 33.02 46.98 11.96
C ARG B 29 31.92 47.23 10.94
N LYS B 30 32.18 47.00 9.66
CA LYS B 30 31.16 47.25 8.64
C LYS B 30 30.56 45.93 8.17
N PRO B 31 29.27 45.68 8.42
CA PRO B 31 28.65 44.43 7.96
C PRO B 31 28.46 44.43 6.45
N THR B 32 28.88 43.33 5.81
CA THR B 32 28.70 43.17 4.38
C THR B 32 27.28 42.70 4.10
N THR B 33 26.51 43.55 3.42
CA THR B 33 25.12 43.23 3.13
C THR B 33 25.02 42.21 1.99
N VAL B 34 24.08 41.27 2.16
CA VAL B 34 23.83 40.25 1.15
C VAL B 34 22.42 40.45 0.59
N SER B 35 22.22 39.97 -0.63
CA SER B 35 20.96 40.15 -1.34
C SER B 35 20.38 38.79 -1.71
N ILE B 36 19.06 38.72 -1.72
CA ILE B 36 18.33 37.48 -1.95
C ILE B 36 17.39 37.66 -3.14
N ASP B 37 17.48 36.73 -4.09
CA ASP B 37 16.59 36.72 -5.25
C ASP B 37 16.02 35.32 -5.41
N VAL B 38 14.69 35.21 -5.37
CA VAL B 38 13.99 33.94 -5.30
C VAL B 38 12.98 33.86 -6.44
N ILE B 39 13.08 32.81 -7.25
CA ILE B 39 12.04 32.40 -8.18
C ILE B 39 11.77 30.91 -7.92
N MET B 40 10.56 30.59 -7.46
CA MET B 40 10.23 29.21 -7.16
C MET B 40 9.94 28.48 -8.49
N TYR B 41 10.43 27.25 -8.61
CA TYR B 41 10.27 26.53 -9.86
C TYR B 41 9.03 25.64 -9.87
N ALA B 42 8.96 24.69 -8.95
CA ALA B 42 7.86 23.74 -8.93
C ALA B 42 7.76 23.11 -7.54
N ILE B 43 6.55 22.75 -7.16
CA ILE B 43 6.33 21.98 -5.94
C ILE B 43 6.21 20.51 -6.31
N LEU B 44 6.50 19.65 -5.34
CA LEU B 44 6.53 18.20 -5.60
C LEU B 44 5.45 17.45 -4.84
N ASN B 45 5.41 17.57 -3.51
CA ASN B 45 4.54 16.73 -2.70
C ASN B 45 4.04 17.52 -1.51
N VAL B 46 2.76 17.36 -1.19
CA VAL B 46 2.16 17.91 0.01
C VAL B 46 1.73 16.76 0.90
N ASP B 47 1.73 17.00 2.21
CA ASP B 47 1.40 15.95 3.17
C ASP B 47 0.83 16.63 4.41
N GLU B 48 -0.47 16.48 4.64
CA GLU B 48 -1.09 17.03 5.83
C GLU B 48 -0.94 16.10 7.03
N LYS B 49 -0.58 14.83 6.81
CA LYS B 49 -0.46 13.88 7.91
C LYS B 49 0.80 14.14 8.73
N ASN B 50 1.96 14.14 8.10
CA ASN B 50 3.22 14.42 8.79
C ASN B 50 3.56 15.90 8.81
N GLN B 51 2.75 16.73 8.15
CA GLN B 51 2.92 18.20 8.09
C GLN B 51 4.28 18.58 7.50
N VAL B 52 4.48 18.25 6.23
CA VAL B 52 5.73 18.51 5.54
C VAL B 52 5.41 19.03 4.14
N LEU B 53 6.26 19.93 3.64
CA LEU B 53 6.09 20.54 2.33
C LEU B 53 7.35 20.31 1.51
N THR B 54 7.17 19.89 0.26
CA THR B 54 8.27 19.54 -0.63
C THR B 54 8.13 20.35 -1.92
N THR B 55 9.17 21.11 -2.25
CA THR B 55 9.19 21.94 -3.45
C THR B 55 10.62 22.07 -3.98
N TYR B 56 10.74 22.74 -5.13
CA TYR B 56 12.01 22.99 -5.79
C TYR B 56 12.03 24.43 -6.24
N ILE B 57 13.08 25.17 -5.87
CA ILE B 57 13.16 26.60 -6.14
C ILE B 57 14.48 26.90 -6.86
N TRP B 58 14.45 27.93 -7.69
CA TRP B 58 15.68 28.54 -8.18
C TRP B 58 16.14 29.61 -7.19
N TYR B 59 17.44 29.89 -7.19
CA TYR B 59 17.98 30.67 -6.08
C TYR B 59 19.23 31.42 -6.53
N ARG B 60 19.37 32.65 -6.04
CA ARG B 60 20.49 33.51 -6.36
C ARG B 60 21.04 34.15 -5.09
N GLN B 61 22.30 34.57 -5.15
CA GLN B 61 22.96 35.28 -4.06
C GLN B 61 23.80 36.41 -4.62
N TYR B 62 23.99 37.43 -3.78
CA TYR B 62 24.78 38.61 -4.13
C TYR B 62 25.43 39.13 -2.85
N TRP B 63 26.72 39.41 -2.89
CA TRP B 63 27.38 40.09 -1.78
C TRP B 63 28.57 40.88 -2.32
N THR B 64 29.18 41.67 -1.44
CA THR B 64 30.27 42.57 -1.79
C THR B 64 31.56 42.10 -1.14
N ASP B 65 32.61 41.97 -1.96
CA ASP B 65 33.91 41.49 -1.53
C ASP B 65 34.93 42.60 -1.69
N GLU B 66 35.99 42.55 -0.86
CA GLU B 66 37.08 43.51 -0.95
C GLU B 66 38.42 42.89 -1.27
N PHE B 67 38.53 41.56 -1.32
CA PHE B 67 39.79 40.88 -1.59
C PHE B 67 39.88 40.31 -2.99
N LEU B 68 38.80 40.35 -3.77
CA LEU B 68 38.81 39.81 -5.12
C LEU B 68 38.64 40.92 -6.14
N GLN B 69 39.34 42.03 -5.94
CA GLN B 69 39.30 43.18 -6.83
C GLN B 69 40.56 43.22 -7.69
N TRP B 70 40.43 43.76 -8.89
CA TRP B 70 41.56 43.98 -9.77
C TRP B 70 41.27 45.18 -10.66
N THR B 71 42.22 45.51 -11.52
CA THR B 71 42.06 46.65 -12.41
C THR B 71 41.79 46.17 -13.83
N PRO B 72 40.83 46.77 -14.54
CA PRO B 72 40.63 46.40 -15.96
C PRO B 72 41.74 46.87 -16.87
N GLU B 73 42.59 47.80 -16.43
CA GLU B 73 43.71 48.27 -17.22
C GLU B 73 44.75 47.16 -17.35
N ASP B 74 45.45 47.17 -18.51
CA ASP B 74 46.51 46.29 -19.02
C ASP B 74 46.39 44.80 -18.63
N PHE B 75 45.17 44.27 -18.68
CA PHE B 75 44.94 42.83 -18.60
C PHE B 75 43.92 42.39 -19.63
N ASP B 76 43.99 42.99 -20.83
CA ASP B 76 43.17 42.67 -22.01
C ASP B 76 41.68 42.94 -21.76
N ASN B 77 41.39 43.87 -20.83
CA ASN B 77 40.05 44.38 -20.51
C ASN B 77 39.08 43.27 -20.12
N VAL B 78 39.55 42.30 -19.34
CA VAL B 78 38.73 41.16 -18.94
C VAL B 78 37.96 41.51 -17.68
N THR B 79 36.67 41.16 -17.66
CA THR B 79 35.82 41.34 -16.50
C THR B 79 35.22 40.02 -16.02
N LYS B 80 34.64 39.23 -16.92
CA LYS B 80 34.08 37.94 -16.55
C LYS B 80 35.19 36.93 -16.29
N LEU B 81 35.07 36.21 -15.18
CA LEU B 81 36.08 35.22 -14.80
C LEU B 81 35.42 34.18 -13.91
N SER B 82 35.76 32.92 -14.14
CA SER B 82 35.23 31.82 -13.34
C SER B 82 36.20 31.47 -12.22
N ILE B 83 35.64 31.08 -11.08
CA ILE B 83 36.41 30.76 -9.89
C ILE B 83 35.65 29.68 -9.10
N PRO B 84 36.35 28.69 -8.55
CA PRO B 84 35.66 27.66 -7.76
C PRO B 84 35.06 28.20 -6.47
N THR B 85 34.03 27.50 -5.99
CA THR B 85 33.30 27.95 -4.81
C THR B 85 33.98 27.54 -3.52
N ASP B 86 34.84 26.51 -3.57
CA ASP B 86 35.50 25.98 -2.39
C ASP B 86 36.83 26.66 -2.10
N SER B 87 37.03 27.89 -2.59
CA SER B 87 38.25 28.64 -2.34
C SER B 87 37.93 30.09 -1.98
N ILE B 88 36.66 30.42 -1.83
CA ILE B 88 36.22 31.77 -1.49
C ILE B 88 35.27 31.71 -0.29
N TRP B 89 34.84 32.88 0.15
CA TRP B 89 33.97 32.97 1.32
C TRP B 89 32.54 32.62 0.95
N VAL B 90 31.95 31.71 1.71
CA VAL B 90 30.59 31.24 1.47
C VAL B 90 29.72 31.58 2.68
N PRO B 91 28.58 32.23 2.50
CA PRO B 91 27.70 32.51 3.63
C PRO B 91 26.97 31.27 4.13
N ASP B 92 26.37 31.39 5.31
CA ASP B 92 25.74 30.27 5.99
C ASP B 92 24.23 30.38 6.11
N ILE B 93 23.62 31.35 5.42
CA ILE B 93 22.20 31.63 5.60
C ILE B 93 21.34 30.57 4.92
N LEU B 94 20.26 30.19 5.58
CA LEU B 94 19.41 29.08 5.16
C LEU B 94 18.03 29.28 5.78
N ILE B 95 17.16 28.28 5.64
CA ILE B 95 15.77 28.39 6.09
C ILE B 95 15.68 27.90 7.52
N ASN B 96 14.89 28.60 8.34
CA ASN B 96 14.74 28.23 9.74
C ASN B 96 13.83 27.03 9.94
N GLU B 97 13.26 26.48 8.87
CA GLU B 97 12.21 25.46 8.96
C GLU B 97 12.55 24.23 8.12
N PHE B 98 13.83 23.85 8.08
CA PHE B 98 14.19 22.59 7.43
C PHE B 98 13.82 21.40 8.30
N VAL B 99 13.60 20.26 7.64
CA VAL B 99 13.44 18.98 8.31
C VAL B 99 14.48 18.01 7.79
N ASP B 100 14.48 17.78 6.48
CA ASP B 100 15.41 16.85 5.84
C ASP B 100 16.19 17.58 4.75
N VAL B 101 17.46 17.22 4.62
CA VAL B 101 18.32 17.83 3.61
C VAL B 101 18.08 17.14 2.27
N GLY B 102 17.62 17.92 1.29
CA GLY B 102 17.38 17.39 -0.04
C GLY B 102 18.62 17.43 -0.91
N LYS B 103 18.66 16.51 -1.87
CA LYS B 103 19.79 16.43 -2.79
C LYS B 103 19.70 17.57 -3.81
N SER B 104 20.69 18.45 -3.78
CA SER B 104 20.71 19.63 -4.63
C SER B 104 21.76 19.49 -5.71
N PRO B 105 21.53 20.03 -6.91
CA PRO B 105 22.57 20.02 -7.94
C PRO B 105 23.71 20.94 -7.58
N ASN B 106 24.94 20.47 -7.82
CA ASN B 106 26.14 21.20 -7.43
C ASN B 106 26.60 22.07 -8.60
N ILE B 107 26.73 23.37 -8.36
CA ILE B 107 27.29 24.31 -9.31
C ILE B 107 28.60 24.82 -8.74
N PRO B 108 29.75 24.28 -9.15
CA PRO B 108 31.03 24.69 -8.57
C PRO B 108 31.64 25.96 -9.13
N TYR B 109 30.99 26.63 -10.08
CA TYR B 109 31.53 27.82 -10.73
C TYR B 109 30.69 29.03 -10.38
N VAL B 110 31.35 30.15 -10.10
CA VAL B 110 30.70 31.43 -9.86
C VAL B 110 31.45 32.52 -10.60
N TYR B 111 30.75 33.63 -10.87
CA TYR B 111 31.35 34.80 -11.49
C TYR B 111 32.08 35.65 -10.46
N VAL B 112 32.83 36.63 -10.96
CA VAL B 112 33.53 37.60 -10.12
C VAL B 112 33.77 38.85 -10.96
N HIS B 113 33.61 40.01 -10.34
CA HIS B 113 33.80 41.30 -11.00
C HIS B 113 35.07 41.96 -10.46
N HIS B 114 35.46 43.06 -11.12
CA HIS B 114 36.66 43.77 -10.73
C HIS B 114 36.39 44.75 -9.60
N ARG B 115 35.15 45.21 -9.45
CA ARG B 115 34.81 46.12 -8.35
C ARG B 115 34.67 45.41 -7.02
N GLY B 116 34.31 44.12 -7.03
CA GLY B 116 34.21 43.37 -5.80
C GLY B 116 32.84 42.77 -5.51
N GLU B 117 32.06 42.50 -6.55
CA GLU B 117 30.80 41.79 -6.42
C GLU B 117 30.85 40.51 -7.23
N VAL B 118 30.13 39.49 -6.77
CA VAL B 118 30.14 38.18 -7.40
C VAL B 118 28.71 37.71 -7.63
N GLN B 119 28.57 36.77 -8.56
CA GLN B 119 27.32 36.07 -8.80
C GLN B 119 27.33 34.73 -8.07
N ASN B 120 26.15 34.18 -7.84
CA ASN B 120 26.03 32.86 -7.24
C ASN B 120 24.70 32.27 -7.69
N TYR B 121 24.74 31.37 -8.68
CA TYR B 121 23.54 30.74 -9.22
C TYR B 121 23.57 29.28 -8.78
N LYS B 122 22.94 29.01 -7.62
CA LYS B 122 22.86 27.62 -7.20
C LYS B 122 21.41 27.20 -6.95
N PRO B 123 21.03 26.00 -7.36
CA PRO B 123 19.69 25.50 -7.04
C PRO B 123 19.68 24.66 -5.78
N LEU B 124 18.50 24.45 -5.19
CA LEU B 124 18.36 23.58 -4.03
C LEU B 124 16.95 23.04 -3.98
N GLN B 125 16.83 21.78 -3.56
CA GLN B 125 15.56 21.09 -3.40
C GLN B 125 15.29 21.00 -1.90
N LEU B 126 14.43 21.89 -1.40
CA LEU B 126 14.23 22.01 0.03
C LEU B 126 13.08 21.11 0.49
N VAL B 127 13.19 20.65 1.73
CA VAL B 127 12.13 19.90 2.41
C VAL B 127 11.82 20.65 3.70
N THR B 128 10.64 21.26 3.77
CA THR B 128 10.29 22.12 4.90
C THR B 128 8.98 21.65 5.53
N ALA B 129 8.74 22.14 6.75
CA ALA B 129 7.49 21.91 7.46
C ALA B 129 6.80 23.25 7.66
N CYS B 130 5.58 23.37 7.14
CA CYS B 130 4.86 24.63 7.15
C CYS B 130 3.49 24.43 7.78
N SER B 131 2.81 25.53 8.06
CA SER B 131 1.50 25.48 8.69
C SER B 131 0.42 25.25 7.64
N LEU B 132 -0.44 24.27 7.87
CA LEU B 132 -1.53 23.92 6.96
C LEU B 132 -2.86 24.03 7.68
N ASP B 133 -3.92 24.16 6.88
CA ASP B 133 -5.28 24.25 7.38
C ASP B 133 -6.20 23.40 6.52
N ILE B 134 -7.14 22.71 7.15
CA ILE B 134 -8.00 21.76 6.46
C ILE B 134 -9.48 22.06 6.71
N TYR B 135 -9.79 23.32 6.98
CA TYR B 135 -11.18 23.70 7.25
C TYR B 135 -12.00 23.68 5.96
N ASN B 136 -11.63 24.52 4.98
CA ASN B 136 -12.26 24.53 3.67
C ASN B 136 -11.43 23.64 2.75
N PHE B 137 -11.88 22.39 2.59
CA PHE B 137 -11.07 21.40 1.88
C PHE B 137 -11.01 21.61 0.36
N PRO B 138 -12.14 21.83 -0.41
CA PRO B 138 -11.94 22.06 -1.85
C PRO B 138 -11.30 23.39 -2.20
N PHE B 139 -11.76 24.49 -1.59
CA PHE B 139 -11.26 25.82 -1.91
C PHE B 139 -10.52 26.37 -0.70
N ASP B 140 -9.21 26.20 -0.70
CA ASP B 140 -8.36 26.62 0.40
C ASP B 140 -7.31 27.63 -0.06
N VAL B 141 -6.87 28.46 0.89
CA VAL B 141 -5.69 29.29 0.70
C VAL B 141 -4.71 28.95 1.82
N GLN B 142 -3.43 28.86 1.49
CA GLN B 142 -2.40 28.42 2.44
C GLN B 142 -1.42 29.57 2.65
N ASN B 143 -1.54 30.25 3.79
CA ASN B 143 -0.63 31.34 4.16
C ASN B 143 0.62 30.71 4.77
N CYS B 144 1.48 30.20 3.90
CA CYS B 144 2.68 29.50 4.34
C CYS B 144 3.80 30.50 4.66
N SER B 145 4.91 29.97 5.17
CA SER B 145 6.04 30.79 5.56
C SER B 145 7.34 30.11 5.15
N LEU B 146 8.19 30.87 4.45
CA LEU B 146 9.53 30.42 4.06
C LEU B 146 10.51 31.44 4.64
N THR B 147 10.88 31.24 5.91
CA THR B 147 11.72 32.20 6.61
C THR B 147 13.18 31.97 6.30
N PHE B 148 13.79 32.89 5.55
CA PHE B 148 15.23 32.90 5.38
C PHE B 148 15.87 33.59 6.58
N THR B 149 16.93 32.99 7.11
CA THR B 149 17.52 33.52 8.33
C THR B 149 19.00 33.19 8.36
N SER B 150 19.68 33.79 9.32
CA SER B 150 21.05 33.41 9.63
C SER B 150 21.08 32.50 10.85
N TRP B 151 21.62 31.30 10.65
CA TRP B 151 21.67 30.29 11.69
C TRP B 151 22.79 30.51 12.69
N LEU B 152 23.87 31.18 12.29
CA LEU B 152 25.03 31.31 13.15
C LEU B 152 25.53 32.74 13.29
N HIS B 153 25.26 33.61 12.31
CA HIS B 153 25.80 34.96 12.37
C HIS B 153 24.73 35.98 12.76
N THR B 154 25.20 37.12 13.26
CA THR B 154 24.38 38.21 13.77
C THR B 154 24.30 39.36 12.76
N ILE B 155 23.76 40.48 13.21
CA ILE B 155 23.60 41.67 12.37
C ILE B 155 24.95 42.29 12.02
N GLN B 156 25.91 42.22 12.95
CA GLN B 156 27.16 42.97 12.83
C GLN B 156 28.11 42.42 11.78
N ASP B 157 27.81 41.30 11.14
CA ASP B 157 28.68 40.79 10.09
C ASP B 157 27.99 40.68 8.74
N ILE B 158 26.76 40.18 8.71
CA ILE B 158 26.00 40.01 7.47
C ILE B 158 24.65 40.71 7.61
N ASN B 159 23.99 40.97 6.48
CA ASN B 159 22.71 41.66 6.48
C ASN B 159 21.95 41.26 5.22
N ILE B 160 20.81 40.58 5.42
CA ILE B 160 20.00 40.09 4.32
C ILE B 160 19.13 41.23 3.79
N THR B 161 19.29 41.55 2.51
CA THR B 161 18.53 42.58 1.82
C THR B 161 17.86 41.97 0.59
N LEU B 162 17.26 42.83 -0.23
CA LEU B 162 16.64 42.42 -1.49
C LEU B 162 17.54 42.82 -2.65
N TRP B 163 17.14 42.43 -3.85
CA TRP B 163 17.88 42.76 -5.06
C TRP B 163 17.11 43.65 -6.02
N ARG B 164 15.88 43.31 -6.36
CA ARG B 164 15.05 44.13 -7.23
C ARG B 164 13.78 44.55 -6.47
N SER B 165 12.85 45.15 -7.20
CA SER B 165 11.63 45.69 -6.61
C SER B 165 10.73 44.56 -6.11
N PRO B 166 10.03 44.75 -4.99
CA PRO B 166 9.14 43.68 -4.51
C PRO B 166 7.89 43.49 -5.35
N GLU B 167 7.52 44.47 -6.17
CA GLU B 167 6.40 44.27 -7.08
C GLU B 167 6.76 43.30 -8.20
N GLU B 168 8.03 43.30 -8.62
CA GLU B 168 8.45 42.43 -9.71
C GLU B 168 8.54 40.98 -9.26
N VAL B 169 8.74 40.74 -7.96
CA VAL B 169 8.67 39.38 -7.44
C VAL B 169 7.28 39.06 -6.91
N ARG B 170 6.44 40.08 -6.70
CA ARG B 170 5.05 39.83 -6.34
C ARG B 170 4.24 39.38 -7.55
N SER B 171 4.50 39.97 -8.71
CA SER B 171 3.88 39.56 -9.97
C SER B 171 4.77 38.60 -10.75
N ASP B 172 5.53 37.76 -10.05
CA ASP B 172 6.47 36.85 -10.69
C ASP B 172 5.71 35.67 -11.27
N LYS B 173 5.42 35.74 -12.58
CA LYS B 173 4.77 34.68 -13.33
C LYS B 173 5.69 34.20 -14.45
N SER B 174 6.93 33.92 -14.07
CA SER B 174 7.97 33.41 -14.97
C SER B 174 7.78 31.91 -15.22
N ILE B 175 8.84 31.25 -15.69
CA ILE B 175 8.82 29.84 -16.08
C ILE B 175 8.39 28.95 -14.93
N PHE B 176 7.25 28.28 -15.13
CA PHE B 176 6.55 27.51 -14.10
C PHE B 176 5.82 26.37 -14.79
N ILE B 177 5.78 25.23 -14.13
CA ILE B 177 5.15 24.02 -14.68
C ILE B 177 3.70 24.00 -14.17
N ASN B 178 2.76 24.21 -15.09
CA ASN B 178 1.34 24.14 -14.78
C ASN B 178 0.84 22.72 -14.88
N GLN B 179 -0.49 22.55 -14.91
CA GLN B 179 -1.22 21.30 -15.05
C GLN B 179 -0.92 20.31 -13.93
N GLY B 180 -0.65 20.78 -12.72
CA GLY B 180 -0.38 19.92 -11.59
C GLY B 180 -1.53 19.86 -10.62
N GLU B 181 -1.20 19.60 -9.36
CA GLU B 181 -2.22 19.52 -8.32
C GLU B 181 -2.61 20.90 -7.81
N TRP B 182 -1.65 21.80 -7.67
CA TRP B 182 -1.87 23.14 -7.13
C TRP B 182 -1.59 24.19 -8.19
N GLU B 183 -1.80 25.45 -7.82
CA GLU B 183 -1.40 26.60 -8.62
C GLU B 183 -1.19 27.77 -7.67
N LEU B 184 -0.18 28.59 -7.98
CA LEU B 184 0.21 29.70 -7.13
C LEU B 184 -0.48 30.98 -7.58
N LEU B 185 -0.74 31.86 -6.62
CA LEU B 185 -1.34 33.16 -6.92
C LEU B 185 -0.30 34.28 -6.91
N GLU B 186 0.40 34.45 -5.79
CA GLU B 186 1.43 35.47 -5.69
C GLU B 186 2.40 35.10 -4.57
N VAL B 187 3.57 35.74 -4.59
CA VAL B 187 4.59 35.57 -3.57
C VAL B 187 4.81 36.92 -2.90
N PHE B 188 4.64 36.98 -1.57
CA PHE B 188 4.72 38.23 -0.84
C PHE B 188 5.92 38.23 0.09
N PRO B 189 7.02 38.88 -0.27
CA PRO B 189 8.17 38.98 0.64
C PRO B 189 7.97 40.10 1.66
N GLN B 190 8.65 39.95 2.80
CA GLN B 190 8.56 40.94 3.87
C GLN B 190 9.80 40.92 4.74
N PHE B 191 10.37 42.10 5.00
CA PHE B 191 11.52 42.21 5.90
C PHE B 191 11.06 42.15 7.34
N LYS B 192 11.86 41.52 8.19
CA LYS B 192 11.50 41.27 9.58
C LYS B 192 12.70 41.56 10.47
N GLU B 193 12.41 42.18 11.62
CA GLU B 193 13.43 42.50 12.61
C GLU B 193 13.15 41.71 13.88
N PHE B 194 14.11 40.86 14.27
CA PHE B 194 14.00 40.00 15.43
C PHE B 194 15.15 40.30 16.38
N SER B 195 14.82 40.76 17.59
CA SER B 195 15.79 41.00 18.65
C SER B 195 15.34 40.24 19.88
N ILE B 196 16.01 39.12 20.16
CA ILE B 196 15.60 38.27 21.29
C ILE B 196 16.07 38.87 22.61
N ASP B 197 17.20 39.58 22.61
CA ASP B 197 17.71 40.24 23.80
C ASP B 197 18.64 41.38 23.36
N ILE B 198 19.42 41.91 24.31
CA ILE B 198 20.32 43.01 24.03
C ILE B 198 21.58 42.48 23.37
N SER B 199 22.01 43.13 22.28
CA SER B 199 23.24 42.92 21.53
C SER B 199 23.34 41.55 20.87
N ASN B 200 22.23 40.84 20.68
CA ASN B 200 22.20 39.59 19.91
C ASN B 200 20.92 39.58 19.08
N SER B 201 21.06 39.87 17.79
CA SER B 201 19.92 39.93 16.89
C SER B 201 20.25 39.22 15.59
N TYR B 202 19.24 38.66 14.95
CA TYR B 202 19.38 37.91 13.71
C TYR B 202 18.66 38.64 12.58
N ALA B 203 19.07 38.35 11.35
CA ALA B 203 18.49 38.99 10.17
C ALA B 203 17.55 38.03 9.44
N GLU B 204 16.30 38.03 9.89
CA GLU B 204 15.26 37.24 9.25
C GLU B 204 14.59 38.03 8.14
N MET B 205 14.01 37.29 7.19
CA MET B 205 13.27 37.89 6.09
C MET B 205 12.24 36.87 5.61
N LYS B 206 10.99 37.29 5.48
CA LYS B 206 9.88 36.37 5.34
C LYS B 206 9.46 36.21 3.88
N PHE B 207 8.86 35.05 3.60
CA PHE B 207 8.20 34.78 2.32
C PHE B 207 6.84 34.18 2.60
N TYR B 208 5.78 34.89 2.21
CA TYR B 208 4.41 34.42 2.36
C TYR B 208 3.91 33.98 0.99
N VAL B 209 4.21 32.73 0.64
CA VAL B 209 3.77 32.18 -0.64
C VAL B 209 2.30 31.81 -0.56
N ILE B 210 1.59 31.96 -1.68
CA ILE B 210 0.16 31.71 -1.76
C ILE B 210 -0.09 30.70 -2.86
N ILE B 211 -0.64 29.54 -2.50
CA ILE B 211 -0.99 28.51 -3.47
C ILE B 211 -2.44 28.09 -3.27
N ARG B 212 -3.10 27.69 -4.36
CA ARG B 212 -4.54 27.42 -4.33
C ARG B 212 -4.83 26.17 -5.15
N ARG B 213 -5.73 25.34 -4.65
CA ARG B 213 -6.09 24.10 -5.33
C ARG B 213 -7.13 24.36 -6.43
N ARG B 214 -7.00 23.60 -7.52
CA ARG B 214 -8.01 23.52 -8.58
C ARG B 214 -8.83 22.26 -8.34
N PRO B 215 -10.07 22.37 -7.83
CA PRO B 215 -10.85 21.16 -7.52
C PRO B 215 -11.40 20.47 -8.76
N LEU B 216 -10.57 19.66 -9.42
CA LEU B 216 -11.03 18.94 -10.61
C LEU B 216 -10.90 17.44 -10.44
N PHE B 217 -9.81 16.98 -9.83
CA PHE B 217 -9.62 15.56 -9.59
C PHE B 217 -10.48 15.07 -8.43
N TYR B 218 -10.47 15.80 -7.32
CA TYR B 218 -11.22 15.39 -6.14
C TYR B 218 -12.72 15.57 -6.32
N ALA B 219 -13.16 16.52 -7.14
CA ALA B 219 -14.58 16.63 -7.47
C ALA B 219 -15.07 15.39 -8.21
N VAL B 220 -14.40 15.04 -9.32
CA VAL B 220 -14.80 13.89 -10.12
C VAL B 220 -14.50 12.57 -9.40
N SER B 221 -13.68 12.60 -8.33
CA SER B 221 -13.48 11.39 -7.53
C SER B 221 -14.46 11.28 -6.36
N LEU B 222 -15.06 12.39 -5.92
CA LEU B 222 -15.85 12.36 -4.69
C LEU B 222 -17.32 12.67 -4.87
N LEU B 223 -17.70 13.79 -5.52
CA LEU B 223 -19.06 14.28 -5.24
C LEU B 223 -20.14 13.62 -6.10
N LEU B 224 -19.89 13.34 -7.37
CA LEU B 224 -20.94 12.70 -8.20
C LEU B 224 -21.31 11.23 -7.91
N PRO B 225 -20.47 10.36 -7.30
CA PRO B 225 -21.01 9.05 -6.87
C PRO B 225 -22.14 9.14 -5.86
N SER B 226 -22.06 10.08 -4.91
CA SER B 226 -23.19 10.37 -4.03
C SER B 226 -24.41 10.78 -4.84
N ILE B 227 -24.19 11.59 -5.89
CA ILE B 227 -25.29 12.08 -6.73
C ILE B 227 -25.98 10.92 -7.44
N PHE B 228 -25.22 10.03 -8.10
CA PHE B 228 -25.97 9.02 -8.84
C PHE B 228 -26.44 7.83 -7.99
N LEU B 229 -25.85 7.55 -6.81
CA LEU B 229 -26.55 6.51 -6.05
C LEU B 229 -27.75 7.08 -5.29
N MET B 230 -27.78 8.40 -5.04
CA MET B 230 -29.04 9.01 -4.64
C MET B 230 -30.06 9.02 -5.79
N VAL B 231 -29.59 9.13 -7.04
CA VAL B 231 -30.49 8.90 -8.18
C VAL B 231 -31.03 7.48 -8.15
N VAL B 232 -30.17 6.51 -7.81
CA VAL B 232 -30.56 5.10 -7.74
C VAL B 232 -31.63 4.88 -6.68
N ASP B 233 -31.48 5.47 -5.48
CA ASP B 233 -32.54 5.17 -4.53
C ASP B 233 -33.80 6.02 -4.73
N ILE B 234 -33.70 7.22 -5.33
CA ILE B 234 -34.97 7.94 -5.58
C ILE B 234 -35.73 7.30 -6.75
N VAL B 235 -35.05 6.58 -7.63
CA VAL B 235 -35.81 5.80 -8.61
C VAL B 235 -36.13 4.41 -8.07
N GLY B 236 -35.51 4.00 -6.96
CA GLY B 236 -35.85 2.76 -6.29
C GLY B 236 -36.89 2.85 -5.22
N PHE B 237 -37.39 4.04 -4.89
CA PHE B 237 -38.56 4.13 -4.00
C PHE B 237 -39.88 3.69 -4.65
N CYS B 238 -39.86 3.20 -5.89
CA CYS B 238 -41.10 3.01 -6.64
C CYS B 238 -41.88 1.78 -6.18
N LEU B 239 -41.19 0.71 -5.76
CA LEU B 239 -41.90 -0.54 -5.47
C LEU B 239 -42.65 -0.45 -4.14
N PRO B 240 -43.77 -1.17 -4.03
CA PRO B 240 -44.45 -1.27 -2.73
C PRO B 240 -43.71 -2.21 -1.80
N PRO B 241 -43.82 -2.03 -0.49
CA PRO B 241 -43.11 -2.90 0.46
C PRO B 241 -43.79 -4.23 0.74
N ASP B 242 -44.76 -4.66 -0.06
CA ASP B 242 -45.48 -5.90 0.21
C ASP B 242 -44.67 -7.14 -0.19
N SER B 243 -43.76 -7.00 -1.16
CA SER B 243 -42.99 -8.15 -1.62
C SER B 243 -41.87 -8.53 -0.66
N GLY B 244 -41.35 -7.57 0.11
CA GLY B 244 -40.26 -7.84 1.01
C GLY B 244 -38.88 -7.62 0.44
N GLU B 245 -38.78 -7.13 -0.80
CA GLU B 245 -37.48 -6.85 -1.40
C GLU B 245 -37.11 -5.37 -1.32
N ARG B 246 -38.04 -4.51 -0.91
CA ARG B 246 -37.73 -3.09 -0.75
C ARG B 246 -36.75 -2.85 0.39
N VAL B 247 -36.94 -3.55 1.52
CA VAL B 247 -36.00 -3.48 2.63
C VAL B 247 -34.63 -3.99 2.21
N SER B 248 -34.59 -5.04 1.36
CA SER B 248 -33.32 -5.61 0.92
C SER B 248 -32.58 -4.68 -0.02
N PHE B 249 -33.30 -4.04 -0.94
CA PHE B 249 -32.75 -2.98 -1.80
C PHE B 249 -32.16 -1.85 -0.97
N LYS B 250 -32.91 -1.42 0.06
CA LYS B 250 -32.49 -0.30 0.90
C LYS B 250 -31.23 -0.64 1.69
N ILE B 251 -31.17 -1.83 2.30
CA ILE B 251 -29.98 -2.18 3.07
C ILE B 251 -28.81 -2.51 2.16
N THR B 252 -29.06 -2.96 0.93
CA THR B 252 -27.98 -3.23 -0.01
C THR B 252 -27.27 -1.95 -0.41
N LEU B 253 -28.02 -0.93 -0.83
CA LEU B 253 -27.29 0.28 -1.17
C LEU B 253 -26.91 1.09 0.07
N LEU B 254 -27.50 0.79 1.24
CA LEU B 254 -26.98 1.30 2.50
C LEU B 254 -25.60 0.73 2.78
N LEU B 255 -25.41 -0.56 2.52
CA LEU B 255 -24.09 -1.17 2.68
C LEU B 255 -23.11 -0.64 1.64
N GLY B 256 -23.59 -0.35 0.43
CA GLY B 256 -22.75 0.27 -0.58
C GLY B 256 -22.28 1.67 -0.20
N TYR B 257 -23.20 2.50 0.31
CA TYR B 257 -22.82 3.82 0.80
C TYR B 257 -21.95 3.73 2.04
N SER B 258 -22.15 2.68 2.86
CA SER B 258 -21.32 2.51 4.05
C SER B 258 -19.90 2.13 3.70
N VAL B 259 -19.72 1.25 2.70
CA VAL B 259 -18.35 0.88 2.33
C VAL B 259 -17.71 2.01 1.52
N PHE B 260 -18.50 2.85 0.84
CA PHE B 260 -17.91 4.02 0.20
C PHE B 260 -17.53 5.08 1.23
N LEU B 261 -18.25 5.13 2.35
CA LEU B 261 -17.87 6.02 3.45
C LEU B 261 -16.66 5.47 4.20
N ILE B 262 -16.49 4.15 4.18
CA ILE B 262 -15.26 3.54 4.70
C ILE B 262 -14.07 3.93 3.83
N ILE B 263 -14.22 3.79 2.50
CA ILE B 263 -13.08 3.96 1.61
C ILE B 263 -12.74 5.43 1.36
N VAL B 264 -13.63 6.35 1.75
CA VAL B 264 -13.35 7.79 1.54
C VAL B 264 -12.38 8.33 2.57
N SER B 265 -11.96 7.51 3.54
CA SER B 265 -10.92 7.87 4.50
C SER B 265 -9.52 7.52 4.00
N ASP B 266 -9.30 7.54 2.69
CA ASP B 266 -7.98 7.35 2.11
C ASP B 266 -7.28 8.69 1.86
N THR B 267 -7.98 9.62 1.18
CA THR B 267 -7.46 10.95 0.91
C THR B 267 -8.13 12.02 1.77
N LEU B 268 -8.46 11.71 3.02
CA LEU B 268 -9.14 12.63 3.90
C LEU B 268 -8.12 13.50 4.64
N PRO B 269 -8.56 14.62 5.26
CA PRO B 269 -7.62 15.41 6.08
C PRO B 269 -7.10 14.71 7.33
N ALA B 270 -6.25 15.41 8.09
CA ALA B 270 -5.46 14.82 9.17
C ALA B 270 -5.83 15.44 10.50
N THR B 271 -4.99 15.17 11.51
CA THR B 271 -5.19 15.54 12.90
C THR B 271 -4.84 17.00 13.21
N ALA B 272 -4.81 17.88 12.20
CA ALA B 272 -4.38 19.26 12.42
C ALA B 272 -5.40 20.04 13.26
N ILE B 273 -6.64 20.12 12.80
CA ILE B 273 -7.67 20.85 13.53
C ILE B 273 -8.77 19.89 13.96
N GLY B 274 -9.44 19.27 13.00
CA GLY B 274 -10.53 18.36 13.30
C GLY B 274 -11.34 17.97 12.09
N THR B 275 -12.66 18.09 12.19
CA THR B 275 -13.54 17.69 11.10
C THR B 275 -13.54 18.74 9.99
N PRO B 276 -13.46 18.30 8.73
CA PRO B 276 -13.55 19.26 7.62
C PRO B 276 -15.00 19.68 7.37
N LEU B 277 -15.14 20.62 6.43
CA LEU B 277 -16.47 21.10 6.08
C LEU B 277 -17.22 20.08 5.22
N ILE B 278 -16.50 19.23 4.49
CA ILE B 278 -17.12 18.24 3.62
C ILE B 278 -17.76 17.10 4.41
N GLY B 279 -17.36 16.91 5.68
CA GLY B 279 -17.94 15.85 6.50
C GLY B 279 -19.35 16.14 6.96
N VAL B 280 -19.77 17.40 6.93
CA VAL B 280 -21.14 17.74 7.33
C VAL B 280 -22.13 17.30 6.26
N TYR B 281 -21.80 17.55 5.00
CA TYR B 281 -22.65 17.15 3.88
C TYR B 281 -22.70 15.64 3.67
N PHE B 282 -21.75 14.90 4.24
CA PHE B 282 -21.81 13.44 4.28
C PHE B 282 -22.64 12.92 5.45
N VAL B 283 -22.54 13.56 6.61
CA VAL B 283 -23.28 13.05 7.77
C VAL B 283 -24.76 13.39 7.65
N VAL B 284 -25.11 14.51 7.00
CA VAL B 284 -26.54 14.77 6.80
C VAL B 284 -27.10 13.86 5.70
N CYS B 285 -26.26 13.44 4.74
CA CYS B 285 -26.74 12.52 3.70
C CYS B 285 -26.95 11.12 4.26
N MET B 286 -26.06 10.66 5.14
CA MET B 286 -26.29 9.37 5.77
C MET B 286 -27.44 9.44 6.76
N ALA B 287 -27.68 10.60 7.39
CA ALA B 287 -28.89 10.77 8.18
C ALA B 287 -30.15 10.67 7.33
N LEU B 288 -30.08 11.21 6.09
CA LEU B 288 -31.21 11.11 5.17
C LEU B 288 -31.52 9.67 4.80
N LEU B 289 -30.50 8.88 4.42
CA LEU B 289 -30.86 7.51 4.05
C LEU B 289 -31.07 6.60 5.27
N VAL B 290 -30.60 6.98 6.45
CA VAL B 290 -30.95 6.24 7.67
C VAL B 290 -32.41 6.48 8.03
N ILE B 291 -32.89 7.72 7.93
CA ILE B 291 -34.31 7.95 8.20
C ILE B 291 -35.17 7.42 7.05
N SER B 292 -34.59 7.27 5.85
CA SER B 292 -35.29 6.57 4.77
C SER B 292 -35.45 5.08 5.09
N LEU B 293 -34.40 4.46 5.63
CA LEU B 293 -34.50 3.08 6.11
C LEU B 293 -35.47 2.96 7.29
N ALA B 294 -35.57 4.01 8.12
CA ALA B 294 -36.48 3.98 9.26
C ALA B 294 -37.94 4.05 8.81
N GLU B 295 -38.24 4.92 7.84
CA GLU B 295 -39.61 4.92 7.31
C GLU B 295 -39.89 3.67 6.47
N THR B 296 -38.85 3.06 5.90
CA THR B 296 -39.02 1.80 5.19
C THR B 296 -39.43 0.68 6.15
N ILE B 297 -38.72 0.53 7.27
CA ILE B 297 -39.10 -0.49 8.23
C ILE B 297 -40.41 -0.13 8.94
N PHE B 298 -40.74 1.16 9.02
CA PHE B 298 -42.01 1.58 9.60
C PHE B 298 -43.18 1.16 8.72
N ILE B 299 -43.07 1.38 7.41
CA ILE B 299 -44.15 0.99 6.51
C ILE B 299 -44.18 -0.51 6.28
N VAL B 300 -43.08 -1.23 6.53
CA VAL B 300 -43.16 -2.69 6.53
C VAL B 300 -43.83 -3.19 7.82
N ARG B 301 -43.54 -2.55 8.96
CA ARG B 301 -44.15 -2.94 10.23
C ARG B 301 -45.65 -2.68 10.25
N LEU B 302 -46.10 -1.58 9.65
CA LEU B 302 -47.53 -1.26 9.63
C LEU B 302 -48.29 -2.16 8.68
N VAL B 303 -47.74 -2.42 7.50
CA VAL B 303 -48.44 -3.21 6.48
C VAL B 303 -47.82 -4.60 6.45
N HIS B 304 -48.50 -5.56 7.08
CA HIS B 304 -48.12 -6.96 7.09
C HIS B 304 -49.33 -7.78 7.52
N LYS B 305 -49.40 -9.02 7.03
CA LYS B 305 -50.45 -9.95 7.42
C LYS B 305 -50.15 -10.43 8.84
N GLN B 306 -50.52 -9.62 9.82
CA GLN B 306 -50.23 -9.87 11.22
C GLN B 306 -51.41 -10.47 11.99
N ASP B 307 -52.58 -10.56 11.35
CA ASP B 307 -53.83 -11.05 11.94
C ASP B 307 -54.22 -10.26 13.19
N LEU B 308 -54.45 -8.96 12.97
CA LEU B 308 -54.97 -8.09 14.03
C LEU B 308 -56.33 -7.52 13.64
N GLN B 309 -56.84 -6.60 14.44
CA GLN B 309 -58.20 -6.09 14.27
C GLN B 309 -58.23 -4.98 13.21
N ARG B 310 -59.40 -4.37 13.08
CA ARG B 310 -59.60 -3.26 12.16
C ARG B 310 -58.89 -2.01 12.69
N PRO B 311 -58.48 -1.11 11.79
CA PRO B 311 -57.86 0.14 12.27
C PRO B 311 -58.87 1.06 12.94
N VAL B 312 -58.35 1.92 13.81
CA VAL B 312 -59.21 2.79 14.63
C VAL B 312 -59.76 3.92 13.76
N PRO B 313 -61.01 4.33 13.95
CA PRO B 313 -61.56 5.42 13.14
C PRO B 313 -61.10 6.81 13.58
N ASP B 314 -60.36 6.92 14.68
CA ASP B 314 -59.86 8.22 15.13
C ASP B 314 -58.77 8.77 14.22
N TRP B 315 -58.05 7.90 13.51
CA TRP B 315 -57.04 8.32 12.55
C TRP B 315 -57.32 7.86 11.14
N LEU B 316 -58.49 7.29 10.87
CA LEU B 316 -58.81 6.77 9.54
C LEU B 316 -59.60 7.77 8.72
N ARG B 317 -60.60 8.41 9.34
CA ARG B 317 -61.46 9.35 8.62
C ARG B 317 -60.75 10.68 8.39
N HIS B 318 -59.77 11.00 9.23
CA HIS B 318 -59.15 12.32 9.18
C HIS B 318 -57.81 12.30 8.44
N LEU B 319 -56.92 11.38 8.82
CA LEU B 319 -55.56 11.41 8.30
C LEU B 319 -55.48 10.82 6.89
N VAL B 320 -56.23 9.74 6.64
CA VAL B 320 -56.18 9.07 5.34
C VAL B 320 -56.93 9.89 4.30
N LEU B 321 -57.94 10.65 4.74
CA LEU B 321 -58.70 11.46 3.81
C LEU B 321 -58.05 12.83 3.61
N ASP B 322 -57.07 13.17 4.46
CA ASP B 322 -56.36 14.44 4.29
C ASP B 322 -55.48 14.42 3.05
N ARG B 323 -54.69 13.35 2.88
CA ARG B 323 -53.80 13.25 1.74
C ARG B 323 -54.50 12.69 0.51
N ILE B 324 -55.82 12.51 0.57
CA ILE B 324 -56.60 12.07 -0.58
C ILE B 324 -57.37 13.27 -1.11
N ALA B 325 -57.63 14.26 -0.24
CA ALA B 325 -58.40 15.42 -0.66
C ALA B 325 -57.53 16.64 -0.93
N TRP B 326 -56.57 16.93 -0.06
CA TRP B 326 -55.72 18.12 -0.20
C TRP B 326 -54.50 17.84 -1.06
N ILE B 327 -54.38 16.59 -1.54
CA ILE B 327 -53.36 16.16 -2.47
C ILE B 327 -54.20 15.59 -3.63
N LEU B 328 -53.59 14.93 -4.59
CA LEU B 328 -54.24 14.58 -5.86
C LEU B 328 -55.29 13.48 -5.67
N CYS B 329 -55.80 12.97 -6.80
CA CYS B 329 -57.05 12.23 -6.87
C CYS B 329 -57.01 10.91 -6.11
N LEU B 330 -58.18 10.47 -5.64
CA LEU B 330 -58.31 9.32 -4.77
C LEU B 330 -59.08 8.19 -5.44
N GLY B 331 -59.35 7.14 -4.68
CA GLY B 331 -60.18 6.04 -5.13
C GLY B 331 -61.34 5.84 -4.18
N GLU B 332 -62.55 6.09 -4.69
CA GLU B 332 -63.77 5.99 -3.88
C GLU B 332 -64.13 4.52 -3.75
N GLN B 333 -63.91 3.97 -2.57
CA GLN B 333 -64.20 2.57 -2.30
C GLN B 333 -65.64 2.38 -1.84
N LEU B 392 -86.48 -38.26 11.54
CA LEU B 392 -86.25 -37.48 10.34
C LEU B 392 -85.79 -36.07 10.70
N ALA B 393 -84.48 -35.85 10.66
CA ALA B 393 -83.90 -34.54 10.99
C ALA B 393 -84.05 -33.62 9.79
N VAL B 394 -85.17 -32.88 9.78
CA VAL B 394 -85.42 -31.93 8.71
C VAL B 394 -84.52 -30.71 8.87
N ARG B 395 -84.43 -30.16 10.07
CA ARG B 395 -83.54 -29.04 10.33
C ARG B 395 -82.11 -29.50 10.58
N GLY B 396 -81.89 -30.80 10.71
CA GLY B 396 -80.56 -31.33 10.98
C GLY B 396 -79.75 -31.65 9.75
N LEU B 397 -80.29 -31.45 8.55
CA LEU B 397 -79.56 -31.77 7.33
C LEU B 397 -78.95 -30.55 6.67
N LEU B 398 -79.62 -29.41 6.72
CA LEU B 398 -79.10 -28.16 6.16
C LEU B 398 -78.27 -27.37 7.16
N GLN B 399 -78.09 -27.88 8.38
CA GLN B 399 -77.29 -27.19 9.37
C GLN B 399 -75.79 -27.44 9.23
N GLU B 400 -75.39 -28.28 8.28
CA GLU B 400 -73.96 -28.50 8.05
C GLU B 400 -73.43 -27.55 6.98
N LEU B 401 -73.75 -26.27 7.12
CA LEU B 401 -73.19 -25.20 6.31
C LEU B 401 -72.83 -23.96 7.11
N SER B 402 -73.22 -23.88 8.39
CA SER B 402 -73.03 -22.67 9.18
C SER B 402 -71.56 -22.46 9.53
N SER B 403 -70.85 -23.53 9.89
CA SER B 403 -69.43 -23.43 10.18
C SER B 403 -68.64 -23.08 8.92
N ILE B 404 -69.09 -23.59 7.78
CA ILE B 404 -68.43 -23.31 6.49
C ILE B 404 -68.61 -21.85 6.13
N ARG B 405 -69.83 -21.31 6.26
CA ARG B 405 -70.05 -19.92 5.90
C ARG B 405 -69.42 -18.97 6.91
N HIS B 406 -69.33 -19.37 8.20
CA HIS B 406 -68.62 -18.56 9.18
C HIS B 406 -67.12 -18.51 8.89
N PHE B 407 -66.53 -19.64 8.52
CA PHE B 407 -65.11 -19.66 8.18
C PHE B 407 -64.81 -18.83 6.93
N LEU B 408 -65.70 -18.93 5.92
CA LEU B 408 -65.50 -18.17 4.69
C LEU B 408 -65.69 -16.67 4.91
N GLU B 409 -66.67 -16.28 5.74
CA GLU B 409 -66.87 -14.86 6.00
C GLU B 409 -65.78 -14.31 6.92
N LYS B 410 -65.20 -15.16 7.78
CA LYS B 410 -64.06 -14.72 8.58
C LYS B 410 -62.83 -14.48 7.70
N ARG B 411 -62.60 -15.36 6.73
CA ARG B 411 -61.51 -15.16 5.78
C ARG B 411 -61.75 -13.91 4.93
N ASP B 412 -63.00 -13.66 4.54
CA ASP B 412 -63.31 -12.47 3.74
C ASP B 412 -63.15 -11.19 4.55
N GLU B 413 -63.55 -11.21 5.83
CA GLU B 413 -63.35 -10.03 6.69
C GLU B 413 -61.88 -9.76 6.94
N MET B 414 -61.07 -10.81 7.15
CA MET B 414 -59.63 -10.61 7.31
C MET B 414 -58.99 -10.08 6.02
N ARG B 415 -59.50 -10.52 4.86
CA ARG B 415 -58.99 -10.00 3.59
C ARG B 415 -59.35 -8.53 3.41
N GLU B 416 -60.56 -8.12 3.80
CA GLU B 416 -60.96 -6.72 3.66
C GLU B 416 -60.21 -5.83 4.65
N VAL B 417 -59.94 -6.34 5.86
CA VAL B 417 -59.15 -5.58 6.83
C VAL B 417 -57.72 -5.40 6.33
N ALA B 418 -57.12 -6.46 5.76
CA ALA B 418 -55.79 -6.36 5.18
C ALA B 418 -55.76 -5.43 3.97
N ARG B 419 -56.87 -5.38 3.22
CA ARG B 419 -57.02 -4.40 2.14
C ARG B 419 -56.98 -2.98 2.68
N ASP B 420 -57.66 -2.73 3.80
CA ASP B 420 -57.60 -1.43 4.45
C ASP B 420 -56.18 -1.12 4.94
N TRP B 421 -55.47 -2.14 5.43
CA TRP B 421 -54.08 -1.98 5.87
C TRP B 421 -53.17 -1.51 4.74
N LEU B 422 -53.16 -2.22 3.60
CA LEU B 422 -52.24 -1.79 2.56
C LEU B 422 -52.76 -0.57 1.81
N ARG B 423 -54.06 -0.24 1.93
CA ARG B 423 -54.54 1.02 1.37
C ARG B 423 -54.01 2.22 2.17
N VAL B 424 -54.08 2.15 3.49
CA VAL B 424 -53.52 3.20 4.34
C VAL B 424 -52.01 3.28 4.16
N GLY B 425 -51.36 2.11 3.98
CA GLY B 425 -49.94 2.10 3.68
C GLY B 425 -49.58 2.71 2.34
N TYR B 426 -50.41 2.52 1.32
CA TYR B 426 -50.15 3.11 0.01
C TYR B 426 -50.32 4.62 0.04
N VAL B 427 -51.34 5.11 0.77
CA VAL B 427 -51.53 6.55 0.91
C VAL B 427 -50.37 7.18 1.66
N LEU B 428 -49.90 6.52 2.73
CA LEU B 428 -48.74 7.01 3.49
C LEU B 428 -47.47 6.97 2.63
N ASP B 429 -47.35 5.96 1.77
CA ASP B 429 -46.20 5.85 0.87
C ASP B 429 -46.17 7.01 -0.13
N ARG B 430 -47.32 7.35 -0.71
CA ARG B 430 -47.37 8.44 -1.69
C ARG B 430 -47.09 9.80 -1.04
N LEU B 431 -47.66 10.03 0.15
CA LEU B 431 -47.42 11.32 0.80
C LEU B 431 -45.97 11.45 1.26
N LEU B 432 -45.38 10.36 1.75
CA LEU B 432 -43.98 10.41 2.16
C LEU B 432 -43.05 10.52 0.94
N PHE B 433 -43.47 9.97 -0.21
CA PHE B 433 -42.73 10.15 -1.45
C PHE B 433 -42.69 11.62 -1.85
N ARG B 434 -43.84 12.30 -1.78
CA ARG B 434 -43.91 13.73 -2.09
C ARG B 434 -43.05 14.55 -1.13
N ILE B 435 -43.15 14.26 0.17
CA ILE B 435 -42.39 15.02 1.17
C ILE B 435 -40.89 14.77 1.04
N TYR B 436 -40.48 13.54 0.73
CA TYR B 436 -39.05 13.25 0.64
C TYR B 436 -38.45 13.82 -0.63
N LEU B 437 -39.20 13.83 -1.75
CA LEU B 437 -38.69 14.50 -2.94
C LEU B 437 -38.62 16.01 -2.76
N LEU B 438 -39.56 16.60 -2.01
CA LEU B 438 -39.45 18.02 -1.69
C LEU B 438 -38.22 18.31 -0.82
N ALA B 439 -37.93 17.42 0.13
CA ALA B 439 -36.76 17.61 1.00
C ALA B 439 -35.45 17.43 0.23
N VAL B 440 -35.41 16.48 -0.70
CA VAL B 440 -34.22 16.27 -1.52
C VAL B 440 -33.99 17.46 -2.45
N LEU B 441 -35.06 18.01 -3.02
CA LEU B 441 -34.92 19.18 -3.89
C LEU B 441 -34.51 20.41 -3.10
N ALA B 442 -34.98 20.53 -1.85
CA ALA B 442 -34.54 21.64 -0.99
C ALA B 442 -33.07 21.51 -0.61
N TYR B 443 -32.62 20.29 -0.30
CA TYR B 443 -31.21 20.07 0.01
C TYR B 443 -30.34 20.30 -1.21
N SER B 444 -30.84 19.96 -2.40
CA SER B 444 -30.07 20.16 -3.62
C SER B 444 -29.96 21.65 -3.97
N ILE B 445 -31.05 22.41 -3.79
CA ILE B 445 -30.97 23.83 -4.10
C ILE B 445 -30.14 24.56 -3.04
N THR B 446 -30.12 24.06 -1.80
CA THR B 446 -29.23 24.62 -0.78
C THR B 446 -27.77 24.32 -1.10
N LEU B 447 -27.48 23.11 -1.58
CA LEU B 447 -26.12 22.74 -1.94
C LEU B 447 -25.62 23.54 -3.13
N VAL B 448 -26.48 23.77 -4.12
CA VAL B 448 -26.00 24.52 -5.28
C VAL B 448 -25.95 26.03 -5.01
N THR B 449 -26.77 26.55 -4.08
CA THR B 449 -26.61 27.96 -3.73
C THR B 449 -25.48 28.19 -2.73
N LEU B 450 -24.97 27.13 -2.10
CA LEU B 450 -23.74 27.27 -1.33
C LEU B 450 -22.53 27.09 -2.24
N TRP B 451 -22.64 26.25 -3.27
CA TRP B 451 -21.50 25.98 -4.15
C TRP B 451 -21.34 27.06 -5.22
N SER B 452 -22.41 27.77 -5.56
CA SER B 452 -22.35 28.74 -6.67
C SER B 452 -21.58 30.00 -6.31
N ILE B 453 -21.31 30.25 -5.02
CA ILE B 453 -20.60 31.46 -4.63
C ILE B 453 -19.10 31.28 -4.84
N TRP B 454 -18.55 30.15 -4.40
CA TRP B 454 -17.11 29.93 -4.48
C TRP B 454 -16.65 29.63 -5.89
N HIS B 455 -17.53 29.07 -6.73
CA HIS B 455 -17.16 28.80 -8.12
C HIS B 455 -17.13 30.07 -8.95
N TYR B 456 -17.95 31.06 -8.61
CA TYR B 456 -17.94 32.31 -9.34
C TYR B 456 -16.75 33.18 -8.99
N SER B 457 -16.27 33.09 -7.74
CA SER B 457 -15.15 33.86 -7.18
C SER B 457 -15.29 35.37 -7.35
N ASP C 1 71.94 3.99 -19.91
CA ASP C 1 70.64 4.36 -19.36
C ASP C 1 70.07 5.53 -20.15
N THR C 2 69.06 5.25 -20.96
CA THR C 2 68.38 6.30 -21.73
C THR C 2 67.48 7.11 -20.81
N THR C 3 67.13 8.32 -21.24
CA THR C 3 66.35 9.25 -20.42
C THR C 3 64.88 9.11 -20.74
N GLN C 4 64.38 7.88 -20.61
CA GLN C 4 62.95 7.61 -20.76
C GLN C 4 62.53 6.40 -19.92
N PRO C 5 61.92 6.63 -18.76
CA PRO C 5 61.32 5.51 -18.01
C PRO C 5 60.14 4.90 -18.74
N ALA C 6 59.18 5.74 -19.09
CA ALA C 6 57.94 5.35 -19.74
C ALA C 6 57.31 6.60 -20.36
N LEU C 7 56.02 6.51 -20.71
CA LEU C 7 55.26 7.65 -21.18
C LEU C 7 54.77 8.55 -20.05
N LEU C 8 55.28 8.39 -18.82
CA LEU C 8 54.95 9.25 -17.70
C LEU C 8 55.57 10.64 -17.83
N ARG C 9 56.54 10.80 -18.74
CA ARG C 9 57.19 12.09 -18.96
C ARG C 9 56.22 13.14 -19.48
N LEU C 10 55.24 12.73 -20.30
CA LEU C 10 54.23 13.68 -20.77
C LEU C 10 53.31 14.13 -19.64
N SER C 11 52.95 13.22 -18.73
CA SER C 11 52.14 13.61 -17.57
C SER C 11 52.93 14.51 -16.63
N ASP C 12 54.24 14.27 -16.51
CA ASP C 12 55.08 15.14 -15.69
C ASP C 12 55.27 16.50 -16.34
N HIS C 13 55.24 16.56 -17.68
CA HIS C 13 55.38 17.83 -18.38
C HIS C 13 54.10 18.63 -18.35
N LEU C 14 52.94 17.97 -18.36
CA LEU C 14 51.65 18.65 -18.34
C LEU C 14 51.16 19.04 -16.95
N LEU C 15 51.22 18.12 -15.99
CA LEU C 15 50.52 18.26 -14.71
C LEU C 15 51.39 18.85 -13.63
N ALA C 16 52.33 19.73 -13.99
CA ALA C 16 53.14 20.44 -13.00
C ALA C 16 52.64 21.86 -12.78
N ASN C 17 52.17 22.52 -13.83
CA ASN C 17 51.73 23.91 -13.73
C ASN C 17 50.40 24.13 -14.46
N TYR C 18 49.43 23.25 -14.23
CA TYR C 18 48.11 23.36 -14.86
C TYR C 18 47.05 23.33 -13.76
N LYS C 19 46.31 24.43 -13.62
CA LYS C 19 45.23 24.50 -12.65
C LYS C 19 43.89 24.25 -13.36
N LYS C 20 42.97 23.58 -12.67
CA LYS C 20 41.68 23.23 -13.25
C LYS C 20 40.64 24.34 -13.12
N GLY C 21 40.92 25.40 -12.37
CA GLY C 21 39.95 26.44 -12.15
C GLY C 21 39.84 27.44 -13.28
N VAL C 22 40.93 27.64 -14.02
CA VAL C 22 40.95 28.62 -15.11
C VAL C 22 40.32 28.01 -16.35
N ARG C 23 39.71 28.85 -17.17
CA ARG C 23 39.12 28.37 -18.42
C ARG C 23 40.19 28.27 -19.49
N PRO C 24 40.43 27.08 -20.06
CA PRO C 24 41.64 26.87 -20.89
C PRO C 24 41.57 27.50 -22.27
N VAL C 25 41.68 28.82 -22.35
CA VAL C 25 41.81 29.53 -23.61
C VAL C 25 42.98 30.50 -23.51
N ARG C 26 43.45 30.94 -24.68
CA ARG C 26 44.51 31.94 -24.76
C ARG C 26 43.98 33.37 -24.75
N ASP C 27 42.70 33.57 -25.04
CA ASP C 27 42.09 34.89 -25.04
C ASP C 27 40.63 34.74 -24.64
N TRP C 28 40.15 35.68 -23.82
CA TRP C 28 38.81 35.57 -23.24
C TRP C 28 37.71 35.91 -24.22
N ARG C 29 38.01 36.47 -25.38
CA ARG C 29 36.99 36.82 -26.37
C ARG C 29 36.64 35.65 -27.28
N LYS C 30 37.19 34.48 -27.06
CA LYS C 30 36.93 33.31 -27.91
C LYS C 30 36.17 32.27 -27.11
N PRO C 31 34.87 32.08 -27.37
CA PRO C 31 34.11 31.06 -26.63
C PRO C 31 34.50 29.65 -27.05
N THR C 32 34.31 28.71 -26.13
CA THR C 32 34.63 27.31 -26.36
C THR C 32 33.44 26.61 -27.00
N THR C 33 33.71 25.81 -28.02
CA THR C 33 32.65 25.10 -28.72
C THR C 33 32.57 23.65 -28.23
N VAL C 34 31.39 23.28 -27.73
CA VAL C 34 31.15 21.93 -27.24
C VAL C 34 30.20 21.24 -28.20
N SER C 35 30.10 19.91 -28.06
CA SER C 35 29.24 19.10 -28.92
C SER C 35 28.39 18.18 -28.05
N ILE C 36 27.17 17.93 -28.52
CA ILE C 36 26.18 17.14 -27.79
C ILE C 36 25.69 15.99 -28.66
N ASP C 37 25.77 14.77 -28.11
CA ASP C 37 25.22 13.58 -28.73
C ASP C 37 24.43 12.81 -27.68
N VAL C 38 23.16 12.52 -27.98
CA VAL C 38 22.24 11.92 -27.02
C VAL C 38 21.77 10.59 -27.57
N ILE C 39 22.05 9.52 -26.83
CA ILE C 39 21.55 8.18 -27.13
C ILE C 39 20.80 7.72 -25.88
N MET C 40 19.47 7.74 -25.92
CA MET C 40 18.70 7.46 -24.70
C MET C 40 18.64 5.94 -24.50
N TYR C 41 18.85 5.50 -23.25
CA TYR C 41 18.89 4.07 -22.97
C TYR C 41 17.48 3.51 -22.74
N ALA C 42 16.81 3.98 -21.70
CA ALA C 42 15.49 3.48 -21.33
C ALA C 42 14.84 4.47 -20.38
N ILE C 43 13.51 4.49 -20.38
CA ILE C 43 12.74 5.22 -19.38
C ILE C 43 12.18 4.20 -18.39
N LEU C 44 11.93 4.68 -17.17
CA LEU C 44 11.64 3.77 -16.06
C LEU C 44 10.23 3.92 -15.52
N ASN C 45 9.83 5.12 -15.09
CA ASN C 45 8.56 5.29 -14.41
C ASN C 45 7.95 6.62 -14.83
N VAL C 46 6.65 6.60 -15.09
CA VAL C 46 5.88 7.80 -15.36
C VAL C 46 4.92 8.04 -14.20
N ASP C 47 4.74 9.32 -13.87
CA ASP C 47 3.87 9.71 -12.75
C ASP C 47 3.44 11.15 -13.01
N GLU C 48 2.22 11.34 -13.50
CA GLU C 48 1.71 12.69 -13.73
C GLU C 48 1.03 13.27 -12.49
N LYS C 49 0.93 12.51 -11.40
CA LYS C 49 0.47 13.09 -10.14
C LYS C 49 1.51 14.04 -9.57
N ASN C 50 2.79 13.70 -9.70
CA ASN C 50 3.89 14.61 -9.36
C ASN C 50 4.51 15.23 -10.60
N GLN C 51 3.98 14.89 -11.79
CA GLN C 51 4.46 15.36 -13.10
C GLN C 51 5.93 15.05 -13.34
N VAL C 52 6.39 13.90 -12.86
CA VAL C 52 7.81 13.56 -12.87
C VAL C 52 8.08 12.49 -13.93
N LEU C 53 9.29 12.54 -14.51
CA LEU C 53 9.74 11.57 -15.49
C LEU C 53 11.18 11.18 -15.17
N THR C 54 11.45 9.87 -15.19
CA THR C 54 12.76 9.30 -14.86
C THR C 54 13.29 8.53 -16.06
N THR C 55 14.49 8.88 -16.51
CA THR C 55 15.13 8.21 -17.64
C THR C 55 16.65 8.11 -17.43
N TYR C 56 17.28 7.29 -18.27
CA TYR C 56 18.72 7.05 -18.23
C TYR C 56 19.30 7.27 -19.63
N ILE C 57 20.39 8.03 -19.72
CA ILE C 57 20.90 8.55 -21.00
C ILE C 57 22.35 8.12 -21.18
N TRP C 58 22.65 7.52 -22.33
CA TRP C 58 24.02 7.45 -22.82
C TRP C 58 24.34 8.71 -23.62
N TYR C 59 25.10 9.63 -23.01
CA TYR C 59 25.40 10.88 -23.70
C TYR C 59 26.91 11.09 -23.73
N ARG C 60 27.34 11.94 -24.67
CA ARG C 60 28.75 12.22 -24.87
C ARG C 60 28.97 13.73 -24.80
N GLN C 61 30.18 14.12 -24.42
CA GLN C 61 30.57 15.53 -24.34
C GLN C 61 31.91 15.70 -25.04
N TYR C 62 31.93 16.51 -26.10
CA TYR C 62 33.11 16.73 -26.92
C TYR C 62 33.44 18.23 -26.88
N TRP C 63 34.56 18.59 -26.24
CA TRP C 63 34.98 19.98 -26.31
C TRP C 63 36.46 20.09 -26.70
N THR C 64 36.92 21.33 -26.88
CA THR C 64 38.24 21.60 -27.44
C THR C 64 39.08 22.36 -26.41
N ASP C 65 40.32 21.90 -26.23
CA ASP C 65 41.25 22.47 -25.27
C ASP C 65 42.35 23.24 -26.00
N GLU C 66 42.92 24.24 -25.32
CA GLU C 66 44.02 25.01 -25.86
C GLU C 66 45.26 25.05 -24.97
N PHE C 67 45.30 24.27 -23.89
CA PHE C 67 46.46 24.21 -23.02
C PHE C 67 47.15 22.86 -23.03
N LEU C 68 46.60 21.87 -23.73
CA LEU C 68 47.13 20.51 -23.69
C LEU C 68 47.52 20.03 -25.09
N GLN C 69 48.25 20.86 -25.82
CA GLN C 69 48.74 20.51 -27.15
C GLN C 69 50.25 20.29 -27.12
N TRP C 70 50.70 19.21 -27.75
CA TRP C 70 52.12 18.93 -27.92
C TRP C 70 52.30 18.08 -29.17
N THR C 71 53.56 17.77 -29.47
CA THR C 71 53.88 17.08 -30.73
C THR C 71 53.87 15.57 -30.53
N PRO C 72 53.30 14.81 -31.47
CA PRO C 72 53.40 13.34 -31.35
C PRO C 72 54.77 12.79 -31.69
N GLU C 73 55.43 13.31 -32.73
CA GLU C 73 56.71 12.78 -33.15
C GLU C 73 57.84 13.35 -32.29
N ASP C 74 58.74 12.45 -31.87
CA ASP C 74 59.83 12.47 -30.86
C ASP C 74 59.28 12.23 -29.45
N PHE C 75 58.01 11.87 -29.31
CA PHE C 75 57.45 11.35 -28.07
C PHE C 75 56.83 9.98 -28.28
N ASP C 76 57.49 9.16 -29.11
CA ASP C 76 57.22 7.72 -29.28
C ASP C 76 55.83 7.47 -29.88
N ASN C 77 55.38 8.41 -30.73
CA ASN C 77 54.16 8.30 -31.56
C ASN C 77 52.87 8.07 -30.78
N VAL C 78 52.82 8.43 -29.50
CA VAL C 78 51.61 8.20 -28.71
C VAL C 78 50.60 9.31 -29.02
N THR C 79 49.35 8.92 -29.19
CA THR C 79 48.27 9.85 -29.54
C THR C 79 47.22 9.95 -28.46
N LYS C 80 46.61 8.84 -28.06
CA LYS C 80 45.51 8.83 -27.11
C LYS C 80 46.01 8.41 -25.73
N LEU C 81 45.70 9.25 -24.74
CA LEU C 81 46.22 9.05 -23.38
C LEU C 81 45.10 9.31 -22.39
N SER C 82 44.99 8.46 -21.38
CA SER C 82 44.01 8.63 -20.31
C SER C 82 44.50 9.67 -19.31
N ILE C 83 43.55 10.35 -18.69
CA ILE C 83 43.85 11.42 -17.73
C ILE C 83 42.66 11.48 -16.77
N PRO C 84 42.86 11.74 -15.48
CA PRO C 84 41.71 11.85 -14.57
C PRO C 84 40.91 13.12 -14.79
N THR C 85 39.63 13.05 -14.39
CA THR C 85 38.69 14.13 -14.64
C THR C 85 38.82 15.27 -13.63
N ASP C 86 39.37 15.01 -12.44
CA ASP C 86 39.47 16.00 -11.39
C ASP C 86 40.76 16.82 -11.47
N SER C 87 41.38 16.91 -12.66
CA SER C 87 42.58 17.70 -12.85
C SER C 87 42.48 18.61 -14.06
N ILE C 88 41.35 18.58 -14.78
CA ILE C 88 41.15 19.40 -15.96
C ILE C 88 39.83 20.16 -15.83
N TRP C 89 39.53 20.97 -16.84
CA TRP C 89 38.34 21.81 -16.81
C TRP C 89 37.11 20.98 -17.17
N VAL C 90 36.10 21.05 -16.30
CA VAL C 90 34.84 20.34 -16.49
C VAL C 90 33.71 21.36 -16.60
N PRO C 91 32.88 21.29 -17.63
CA PRO C 91 31.78 22.25 -17.77
C PRO C 91 30.62 21.95 -16.84
N ASP C 92 29.59 22.78 -16.95
CA ASP C 92 28.43 22.71 -16.06
C ASP C 92 27.13 22.49 -16.82
N ILE C 93 27.12 21.52 -17.74
CA ILE C 93 25.96 21.26 -18.58
C ILE C 93 24.90 20.56 -17.75
N LEU C 94 23.85 21.29 -17.38
CA LEU C 94 22.73 20.77 -16.60
C LEU C 94 21.41 21.20 -17.25
N ILE C 95 20.32 20.54 -16.86
CA ILE C 95 18.99 20.95 -17.30
C ILE C 95 18.30 21.69 -16.17
N ASN C 96 17.28 22.48 -16.52
CA ASN C 96 16.51 23.27 -15.58
C ASN C 96 15.19 22.59 -15.24
N GLU C 97 15.21 21.25 -15.18
CA GLU C 97 14.04 20.49 -14.77
C GLU C 97 14.37 19.44 -13.71
N PHE C 98 15.49 19.58 -12.99
CA PHE C 98 15.81 18.63 -11.92
C PHE C 98 14.87 18.80 -10.75
N VAL C 99 14.32 17.68 -10.27
CA VAL C 99 13.60 17.63 -9.00
C VAL C 99 14.26 16.67 -8.01
N ASP C 100 15.18 15.84 -8.48
CA ASP C 100 15.94 14.93 -7.62
C ASP C 100 17.25 14.61 -8.34
N VAL C 101 18.34 14.58 -7.57
CA VAL C 101 19.64 14.29 -8.14
C VAL C 101 19.77 12.80 -8.40
N GLY C 102 19.95 12.42 -9.66
CA GLY C 102 20.05 11.03 -10.04
C GLY C 102 21.42 10.47 -9.71
N LYS C 103 21.43 9.28 -9.11
CA LYS C 103 22.67 8.61 -8.78
C LYS C 103 23.32 8.05 -10.05
N SER C 104 24.55 8.47 -10.32
CA SER C 104 25.25 8.09 -11.54
C SER C 104 26.63 7.55 -11.22
N PRO C 105 27.02 6.44 -11.86
CA PRO C 105 28.41 5.95 -11.73
C PRO C 105 29.39 6.88 -12.43
N ASN C 106 30.23 7.56 -11.64
CA ASN C 106 31.17 8.52 -12.19
C ASN C 106 32.30 7.81 -12.93
N ILE C 107 32.57 8.25 -14.16
CA ILE C 107 33.71 7.74 -14.93
C ILE C 107 34.92 8.60 -14.59
N PRO C 108 35.93 8.06 -13.92
CA PRO C 108 37.07 8.88 -13.47
C PRO C 108 38.10 9.20 -14.55
N TYR C 109 37.99 8.62 -15.74
CA TYR C 109 38.99 8.77 -16.79
C TYR C 109 38.39 9.44 -18.01
N VAL C 110 39.18 10.30 -18.65
CA VAL C 110 38.87 10.85 -19.98
C VAL C 110 40.15 10.81 -20.80
N TYR C 111 39.98 10.94 -22.11
CA TYR C 111 41.10 10.91 -23.04
C TYR C 111 41.64 12.33 -23.28
N VAL C 112 42.72 12.39 -24.06
CA VAL C 112 43.28 13.66 -24.53
C VAL C 112 43.99 13.38 -25.85
N HIS C 113 43.87 14.32 -26.79
CA HIS C 113 44.55 14.25 -28.07
C HIS C 113 45.61 15.33 -28.14
N HIS C 114 46.59 15.12 -29.02
CA HIS C 114 47.67 16.09 -29.17
C HIS C 114 47.27 17.25 -30.10
N ARG C 115 46.18 17.12 -30.85
CA ARG C 115 45.69 18.26 -31.61
C ARG C 115 45.02 19.29 -30.71
N GLY C 116 44.41 18.85 -29.61
CA GLY C 116 43.78 19.76 -28.68
C GLY C 116 42.32 19.49 -28.40
N GLU C 117 41.88 18.25 -28.58
CA GLU C 117 40.52 17.87 -28.23
C GLU C 117 40.53 16.74 -27.21
N VAL C 118 39.50 16.75 -26.35
CA VAL C 118 39.25 15.67 -25.40
C VAL C 118 37.81 15.22 -25.58
N GLN C 119 37.49 14.09 -24.95
CA GLN C 119 36.13 13.58 -24.95
C GLN C 119 35.79 13.01 -23.58
N ASN C 120 34.52 13.11 -23.22
CA ASN C 120 34.05 12.67 -21.90
C ASN C 120 32.83 11.80 -22.12
N TYR C 121 32.96 10.50 -21.89
CA TYR C 121 31.86 9.55 -21.98
C TYR C 121 31.30 9.38 -20.57
N LYS C 122 30.47 10.34 -20.16
CA LYS C 122 29.96 10.38 -18.80
C LYS C 122 28.45 10.14 -18.78
N PRO C 123 27.94 9.21 -17.99
CA PRO C 123 26.49 9.04 -17.84
C PRO C 123 25.94 9.87 -16.69
N LEU C 124 24.65 10.22 -16.80
CA LEU C 124 23.90 10.61 -15.61
C LEU C 124 22.41 10.29 -15.80
N GLN C 125 21.79 9.82 -14.72
CA GLN C 125 20.36 9.54 -14.69
C GLN C 125 19.57 10.83 -14.49
N LEU C 126 18.46 10.95 -15.22
CA LEU C 126 17.61 12.14 -15.16
C LEU C 126 16.35 11.87 -14.36
N VAL C 127 16.08 12.73 -13.39
CA VAL C 127 14.80 12.76 -12.69
C VAL C 127 14.20 14.13 -13.01
N THR C 128 13.41 14.19 -14.07
CA THR C 128 12.94 15.45 -14.64
C THR C 128 11.44 15.63 -14.41
N ALA C 129 11.01 16.87 -14.45
CA ALA C 129 9.59 17.18 -14.42
C ALA C 129 9.10 17.58 -15.80
N CYS C 130 8.01 16.96 -16.25
CA CYS C 130 7.51 17.15 -17.59
C CYS C 130 6.04 17.54 -17.55
N SER C 131 5.59 18.13 -18.65
CA SER C 131 4.18 18.46 -18.83
C SER C 131 3.46 17.27 -19.46
N LEU C 132 2.52 16.68 -18.73
CA LEU C 132 1.87 15.45 -19.15
C LEU C 132 0.43 15.74 -19.57
N ASP C 133 -0.06 14.94 -20.52
CA ASP C 133 -1.43 15.03 -21.01
C ASP C 133 -2.04 13.65 -21.05
N ILE C 134 -3.24 13.53 -20.46
CA ILE C 134 -3.91 12.25 -20.34
C ILE C 134 -5.32 12.31 -20.94
N TYR C 135 -5.50 13.15 -21.95
CA TYR C 135 -6.80 13.33 -22.59
C TYR C 135 -7.17 12.08 -23.39
N ASN C 136 -6.38 11.77 -24.41
CA ASN C 136 -6.55 10.51 -25.15
C ASN C 136 -5.76 9.42 -24.43
N PHE C 137 -6.43 8.62 -23.62
CA PHE C 137 -5.76 7.76 -22.66
C PHE C 137 -5.03 6.54 -23.26
N PRO C 138 -5.65 5.65 -24.12
CA PRO C 138 -4.87 4.49 -24.60
C PRO C 138 -3.75 4.84 -25.59
N PHE C 139 -4.06 5.57 -26.64
CA PHE C 139 -3.08 5.93 -27.68
C PHE C 139 -2.47 7.30 -27.42
N ASP C 140 -1.91 7.50 -26.23
CA ASP C 140 -1.37 8.80 -25.89
C ASP C 140 0.02 9.02 -26.49
N VAL C 141 0.30 10.28 -26.80
CA VAL C 141 1.63 10.74 -27.17
C VAL C 141 1.96 11.94 -26.30
N GLN C 142 3.19 11.99 -25.80
CA GLN C 142 3.60 13.06 -24.90
C GLN C 142 4.67 13.92 -25.56
N ASN C 143 5.00 15.03 -24.89
CA ASN C 143 5.90 16.01 -25.47
C ASN C 143 6.69 16.63 -24.33
N CYS C 144 7.87 16.08 -24.05
CA CYS C 144 8.73 16.55 -22.98
C CYS C 144 9.88 17.38 -23.54
N SER C 145 10.41 18.26 -22.69
CA SER C 145 11.46 19.19 -23.08
C SER C 145 12.68 18.97 -22.21
N LEU C 146 13.72 18.36 -22.77
CA LEU C 146 15.01 18.23 -22.12
C LEU C 146 15.90 19.36 -22.64
N THR C 147 15.71 20.55 -22.07
CA THR C 147 16.38 21.76 -22.53
C THR C 147 17.82 21.74 -22.01
N PHE C 148 18.76 21.35 -22.86
CA PHE C 148 20.16 21.42 -22.49
C PHE C 148 20.63 22.87 -22.49
N THR C 149 21.32 23.25 -21.43
CA THR C 149 21.78 24.62 -21.26
C THR C 149 22.96 24.63 -20.29
N SER C 150 23.62 25.78 -20.20
CA SER C 150 24.56 26.03 -19.13
C SER C 150 23.89 26.87 -18.06
N TRP C 151 24.06 26.47 -16.81
CA TRP C 151 23.35 27.09 -15.70
C TRP C 151 23.86 28.48 -15.37
N LEU C 152 25.13 28.79 -15.68
CA LEU C 152 25.70 30.05 -15.25
C LEU C 152 26.48 30.74 -16.37
N HIS C 153 26.93 29.99 -17.38
CA HIS C 153 27.71 30.60 -18.45
C HIS C 153 26.80 31.16 -19.53
N THR C 154 27.41 31.91 -20.45
CA THR C 154 26.70 32.67 -21.49
C THR C 154 27.21 32.27 -22.87
N ILE C 155 26.78 33.03 -23.89
CA ILE C 155 27.27 32.85 -25.25
C ILE C 155 28.73 33.27 -25.36
N GLN C 156 29.13 34.31 -24.62
CA GLN C 156 30.50 34.78 -24.63
C GLN C 156 31.46 33.83 -23.92
N ASP C 157 30.97 32.84 -23.18
CA ASP C 157 31.80 31.84 -22.54
C ASP C 157 31.78 30.50 -23.28
N ILE C 158 30.60 29.94 -23.53
CA ILE C 158 30.46 28.66 -24.20
C ILE C 158 29.47 28.80 -25.36
N ASN C 159 29.32 27.71 -26.11
CA ASN C 159 28.40 27.65 -27.24
C ASN C 159 27.98 26.21 -27.43
N ILE C 160 26.67 25.95 -27.44
CA ILE C 160 26.14 24.60 -27.60
C ILE C 160 25.95 24.31 -29.07
N THR C 161 26.75 23.36 -29.58
CA THR C 161 26.61 22.92 -30.97
C THR C 161 26.35 21.43 -31.03
N LEU C 162 26.07 20.91 -32.22
CA LEU C 162 25.87 19.49 -32.42
C LEU C 162 27.15 18.87 -32.98
N TRP C 163 27.18 17.55 -33.13
CA TRP C 163 28.35 16.85 -33.64
C TRP C 163 28.09 16.23 -35.01
N ARG C 164 27.10 15.36 -35.13
CA ARG C 164 26.75 14.74 -36.40
C ARG C 164 25.47 15.37 -36.95
N SER C 165 24.96 14.80 -38.04
CA SER C 165 23.72 15.26 -38.63
C SER C 165 22.53 14.90 -37.74
N PRO C 166 21.51 15.77 -37.65
CA PRO C 166 20.35 15.42 -36.81
C PRO C 166 19.46 14.35 -37.40
N GLU C 167 19.64 14.00 -38.68
CA GLU C 167 18.88 12.89 -39.26
C GLU C 167 19.35 11.56 -38.68
N GLU C 168 20.64 11.44 -38.36
CA GLU C 168 21.14 10.23 -37.73
C GLU C 168 20.72 10.15 -36.26
N VAL C 169 20.38 11.29 -35.66
CA VAL C 169 19.81 11.28 -34.32
C VAL C 169 18.34 10.90 -34.37
N ARG C 170 17.62 11.41 -35.38
CA ARG C 170 16.21 11.07 -35.58
C ARG C 170 16.02 9.62 -35.98
N SER C 171 17.00 9.02 -36.64
CA SER C 171 16.96 7.64 -37.10
C SER C 171 17.66 6.68 -36.14
N ASP C 172 17.47 6.89 -34.83
CA ASP C 172 18.24 6.21 -33.79
C ASP C 172 17.87 4.73 -33.75
N LYS C 173 18.66 3.93 -34.46
CA LYS C 173 18.50 2.49 -34.52
C LYS C 173 19.35 1.79 -33.45
N SER C 174 19.89 2.55 -32.50
CA SER C 174 20.84 2.04 -31.52
C SER C 174 20.16 1.29 -30.39
N ILE C 175 20.90 1.03 -29.31
CA ILE C 175 20.47 0.21 -28.19
C ILE C 175 19.31 0.85 -27.43
N PHE C 176 18.17 0.18 -27.42
CA PHE C 176 17.00 0.59 -26.65
C PHE C 176 16.35 -0.65 -26.05
N ILE C 177 16.04 -0.57 -24.77
CA ILE C 177 15.46 -1.69 -24.04
C ILE C 177 13.99 -1.79 -24.44
N ASN C 178 13.65 -2.86 -25.16
CA ASN C 178 12.26 -3.14 -25.49
C ASN C 178 11.61 -3.92 -24.36
N GLN C 179 10.42 -4.49 -24.62
CA GLN C 179 9.60 -5.28 -23.70
C GLN C 179 9.22 -4.52 -22.44
N GLY C 180 9.01 -3.20 -22.52
CA GLY C 180 8.62 -2.40 -21.37
C GLY C 180 7.23 -1.84 -21.49
N GLU C 181 7.01 -0.71 -20.81
CA GLU C 181 5.69 -0.09 -20.83
C GLU C 181 5.51 0.78 -22.08
N TRP C 182 6.54 1.53 -22.45
CA TRP C 182 6.48 2.49 -23.54
C TRP C 182 7.33 2.01 -24.72
N GLU C 183 7.30 2.80 -25.80
CA GLU C 183 8.14 2.56 -26.96
C GLU C 183 8.43 3.89 -27.63
N LEU C 184 9.41 3.88 -28.52
CA LEU C 184 9.88 5.08 -29.18
C LEU C 184 9.32 5.20 -30.59
N LEU C 185 9.00 6.44 -30.98
CA LEU C 185 8.70 6.76 -32.38
C LEU C 185 9.88 7.48 -33.03
N GLU C 186 10.30 8.61 -32.47
CA GLU C 186 11.42 9.39 -33.01
C GLU C 186 11.94 10.32 -31.93
N VAL C 187 13.12 10.87 -32.17
CA VAL C 187 13.75 11.87 -31.31
C VAL C 187 14.08 13.07 -32.17
N PHE C 188 13.54 14.24 -31.81
CA PHE C 188 13.67 15.44 -32.63
C PHE C 188 14.46 16.52 -31.89
N PRO C 189 15.74 16.71 -32.18
CA PRO C 189 16.47 17.84 -31.60
C PRO C 189 16.16 19.14 -32.31
N GLN C 190 16.38 20.24 -31.59
CA GLN C 190 16.10 21.58 -32.14
C GLN C 190 16.93 22.60 -31.38
N PHE C 191 17.59 23.50 -32.12
CA PHE C 191 18.31 24.60 -31.50
C PHE C 191 17.39 25.80 -31.33
N LYS C 192 17.57 26.53 -30.22
CA LYS C 192 16.69 27.65 -29.90
C LYS C 192 17.53 28.72 -29.19
N GLU C 193 17.87 29.78 -29.92
CA GLU C 193 18.56 30.90 -29.31
C GLU C 193 17.59 31.70 -28.46
N PHE C 194 17.97 31.92 -27.19
CA PHE C 194 17.09 32.57 -26.23
C PHE C 194 17.88 33.55 -25.39
N SER C 195 17.50 34.83 -25.46
CA SER C 195 18.04 35.86 -24.59
C SER C 195 16.92 36.46 -23.75
N ILE C 196 17.31 37.04 -22.61
CA ILE C 196 16.32 37.58 -21.68
C ILE C 196 16.60 39.05 -21.40
N ASP C 197 17.86 39.47 -21.56
CA ASP C 197 18.28 40.83 -21.25
C ASP C 197 19.24 41.31 -22.32
N ILE C 198 19.69 42.57 -22.17
CA ILE C 198 20.72 43.11 -23.05
C ILE C 198 22.08 42.63 -22.56
N SER C 199 22.85 42.02 -23.46
CA SER C 199 24.15 41.39 -23.22
C SER C 199 24.11 40.31 -22.15
N ASN C 200 22.95 39.69 -21.93
CA ASN C 200 22.81 38.54 -21.03
C ASN C 200 22.03 37.48 -21.80
N SER C 201 22.76 36.68 -22.57
CA SER C 201 22.16 35.66 -23.44
C SER C 201 22.79 34.32 -23.13
N TYR C 202 21.95 33.31 -22.87
CA TYR C 202 22.40 31.97 -22.53
C TYR C 202 22.31 31.08 -23.75
N ALA C 203 22.85 29.87 -23.62
CA ALA C 203 22.89 28.91 -24.73
C ALA C 203 21.90 27.77 -24.50
N GLU C 204 20.68 27.97 -24.99
CA GLU C 204 19.66 26.95 -24.90
C GLU C 204 19.50 26.19 -26.22
N MET C 205 18.92 25.00 -26.13
CA MET C 205 18.49 24.19 -27.25
C MET C 205 17.53 23.13 -26.71
N LYS C 206 16.66 22.63 -27.58
CA LYS C 206 15.52 21.84 -27.17
C LYS C 206 15.64 20.39 -27.65
N PHE C 207 15.03 19.50 -26.86
CA PHE C 207 14.80 18.12 -27.27
C PHE C 207 13.33 17.80 -27.04
N TYR C 208 12.65 17.31 -28.08
CA TYR C 208 11.25 16.91 -27.97
C TYR C 208 11.19 15.41 -28.23
N VAL C 209 11.32 14.61 -27.16
CA VAL C 209 11.27 13.17 -27.27
C VAL C 209 9.82 12.73 -27.47
N ILE C 210 9.63 11.64 -28.21
CA ILE C 210 8.31 11.13 -28.57
C ILE C 210 8.22 9.69 -28.07
N ILE C 211 7.22 9.41 -27.24
CA ILE C 211 6.98 8.07 -26.71
C ILE C 211 5.51 7.71 -26.92
N ARG C 212 5.25 6.41 -27.04
CA ARG C 212 3.91 5.91 -27.34
C ARG C 212 3.65 4.66 -26.52
N ARG C 213 2.43 4.55 -25.99
CA ARG C 213 2.06 3.39 -25.19
C ARG C 213 1.67 2.23 -26.08
N ARG C 214 1.92 1.01 -25.60
CA ARG C 214 1.39 -0.22 -26.18
C ARG C 214 0.24 -0.70 -25.30
N PRO C 215 -1.02 -0.40 -25.64
CA PRO C 215 -2.16 -0.83 -24.79
C PRO C 215 -2.45 -2.34 -24.90
N LEU C 216 -1.63 -3.12 -24.22
CA LEU C 216 -1.80 -4.58 -24.20
C LEU C 216 -2.10 -5.12 -22.82
N PHE C 217 -1.87 -4.35 -21.76
CA PHE C 217 -2.26 -4.79 -20.42
C PHE C 217 -3.46 -4.00 -19.92
N TYR C 218 -3.38 -2.67 -19.94
CA TYR C 218 -4.44 -1.82 -19.39
C TYR C 218 -5.71 -1.89 -20.23
N ALA C 219 -5.57 -1.97 -21.56
CA ALA C 219 -6.72 -2.01 -22.44
C ALA C 219 -7.56 -3.27 -22.24
N VAL C 220 -6.93 -4.45 -22.30
CA VAL C 220 -7.68 -5.69 -22.11
C VAL C 220 -8.07 -5.85 -20.64
N SER C 221 -7.28 -5.28 -19.72
CA SER C 221 -7.55 -5.42 -18.29
C SER C 221 -8.76 -4.60 -17.85
N LEU C 222 -8.98 -3.45 -18.48
CA LEU C 222 -10.19 -2.67 -18.23
C LEU C 222 -11.25 -2.90 -19.30
N LEU C 223 -10.99 -3.81 -20.24
CA LEU C 223 -11.98 -4.22 -21.22
C LEU C 223 -12.71 -5.51 -20.87
N LEU C 224 -12.04 -6.45 -20.18
CA LEU C 224 -12.73 -7.71 -19.88
C LEU C 224 -13.86 -7.61 -18.85
N PRO C 225 -13.73 -6.91 -17.69
CA PRO C 225 -14.84 -6.95 -16.73
C PRO C 225 -16.09 -6.24 -17.21
N SER C 226 -15.93 -5.15 -17.99
CA SER C 226 -17.07 -4.48 -18.59
C SER C 226 -17.79 -5.41 -19.58
N ILE C 227 -17.03 -6.16 -20.37
CA ILE C 227 -17.69 -6.96 -21.41
C ILE C 227 -18.31 -8.23 -20.82
N PHE C 228 -17.74 -8.83 -19.75
CA PHE C 228 -18.55 -9.91 -19.20
C PHE C 228 -19.63 -9.42 -18.26
N LEU C 229 -19.56 -8.19 -17.74
CA LEU C 229 -20.73 -7.62 -17.09
C LEU C 229 -21.86 -7.40 -18.10
N MET C 230 -21.50 -7.03 -19.34
CA MET C 230 -22.49 -6.93 -20.40
C MET C 230 -23.09 -8.29 -20.75
N VAL C 231 -22.26 -9.34 -20.87
CA VAL C 231 -22.88 -10.63 -21.21
C VAL C 231 -23.65 -11.21 -20.03
N VAL C 232 -23.25 -10.88 -18.80
CA VAL C 232 -23.96 -11.37 -17.61
C VAL C 232 -25.32 -10.72 -17.48
N ASP C 233 -25.41 -9.39 -17.61
CA ASP C 233 -26.75 -8.82 -17.48
C ASP C 233 -27.60 -9.01 -18.74
N ILE C 234 -27.00 -9.28 -19.90
CA ILE C 234 -27.79 -9.72 -21.05
C ILE C 234 -28.41 -11.10 -20.79
N VAL C 235 -27.62 -12.06 -20.29
CA VAL C 235 -28.21 -13.38 -20.05
C VAL C 235 -29.01 -13.41 -18.74
N GLY C 236 -28.91 -12.38 -17.92
CA GLY C 236 -29.67 -12.28 -16.69
C GLY C 236 -30.83 -11.31 -16.71
N PHE C 237 -31.11 -10.68 -17.86
CA PHE C 237 -32.39 -10.00 -18.03
C PHE C 237 -33.54 -11.00 -18.11
N CYS C 238 -33.26 -12.24 -18.50
CA CYS C 238 -34.27 -13.17 -18.97
C CYS C 238 -35.02 -13.91 -17.86
N LEU C 239 -34.64 -13.74 -16.58
CA LEU C 239 -35.45 -14.43 -15.58
C LEU C 239 -36.71 -13.61 -15.30
N PRO C 240 -37.83 -14.27 -15.01
CA PRO C 240 -39.09 -13.54 -14.80
C PRO C 240 -39.09 -12.80 -13.47
N PRO C 241 -39.64 -11.58 -13.44
CA PRO C 241 -39.68 -10.82 -12.19
C PRO C 241 -40.81 -11.21 -11.25
N ASP C 242 -41.57 -12.27 -11.57
CA ASP C 242 -42.69 -12.68 -10.72
C ASP C 242 -42.21 -13.36 -9.44
N SER C 243 -40.99 -13.88 -9.41
CA SER C 243 -40.48 -14.54 -8.22
C SER C 243 -40.03 -13.55 -7.16
N GLY C 244 -39.23 -12.55 -7.53
CA GLY C 244 -38.73 -11.57 -6.59
C GLY C 244 -37.23 -11.55 -6.41
N GLU C 245 -36.49 -12.43 -7.10
CA GLU C 245 -35.04 -12.46 -6.99
C GLU C 245 -34.34 -11.79 -8.17
N ARG C 246 -35.11 -11.27 -9.14
CA ARG C 246 -34.52 -10.49 -10.23
C ARG C 246 -33.96 -9.18 -9.71
N VAL C 247 -34.65 -8.55 -8.75
CA VAL C 247 -34.10 -7.37 -8.10
C VAL C 247 -32.89 -7.73 -7.24
N SER C 248 -32.83 -8.97 -6.75
CA SER C 248 -31.63 -9.43 -6.04
C SER C 248 -30.44 -9.56 -6.99
N PHE C 249 -30.70 -10.06 -8.21
CA PHE C 249 -29.67 -10.09 -9.25
C PHE C 249 -29.20 -8.69 -9.60
N LYS C 250 -30.14 -7.73 -9.67
CA LYS C 250 -29.78 -6.37 -10.06
C LYS C 250 -29.01 -5.65 -8.96
N ILE C 251 -29.36 -5.86 -7.69
CA ILE C 251 -28.56 -5.27 -6.62
C ILE C 251 -27.20 -5.96 -6.51
N THR C 252 -27.14 -7.24 -6.89
CA THR C 252 -25.86 -7.95 -6.91
C THR C 252 -24.90 -7.34 -7.93
N LEU C 253 -25.37 -7.11 -9.16
CA LEU C 253 -24.40 -6.58 -10.12
C LEU C 253 -24.17 -5.08 -9.93
N LEU C 254 -25.09 -4.34 -9.28
CA LEU C 254 -24.73 -2.96 -8.97
C LEU C 254 -23.72 -2.89 -7.81
N LEU C 255 -23.79 -3.84 -6.86
CA LEU C 255 -22.74 -3.93 -5.84
C LEU C 255 -21.42 -4.38 -6.46
N GLY C 256 -21.49 -5.25 -7.47
CA GLY C 256 -20.29 -5.63 -8.20
C GLY C 256 -19.65 -4.48 -8.94
N TYR C 257 -20.48 -3.63 -9.57
CA TYR C 257 -19.92 -2.43 -10.18
C TYR C 257 -19.44 -1.43 -9.13
N SER C 258 -20.03 -1.45 -7.94
CA SER C 258 -19.56 -0.58 -6.87
C SER C 258 -18.14 -0.95 -6.43
N VAL C 259 -17.90 -2.25 -6.22
CA VAL C 259 -16.55 -2.67 -5.82
C VAL C 259 -15.57 -2.58 -6.99
N PHE C 260 -16.04 -2.76 -8.24
CA PHE C 260 -15.15 -2.62 -9.38
C PHE C 260 -14.86 -1.15 -9.68
N LEU C 261 -15.78 -0.26 -9.32
CA LEU C 261 -15.57 1.17 -9.53
C LEU C 261 -14.69 1.75 -8.44
N ILE C 262 -14.71 1.16 -7.25
CA ILE C 262 -13.82 1.66 -6.21
C ILE C 262 -12.44 1.03 -6.34
N ILE C 263 -12.33 -0.13 -7.00
CA ILE C 263 -11.00 -0.67 -7.24
C ILE C 263 -10.34 0.00 -8.45
N VAL C 264 -11.13 0.65 -9.32
CA VAL C 264 -10.57 1.41 -10.43
C VAL C 264 -10.39 2.89 -10.07
N SER C 265 -10.78 3.28 -8.85
CA SER C 265 -10.52 4.64 -8.40
C SER C 265 -9.04 4.87 -8.12
N ASP C 266 -8.30 3.81 -7.80
CA ASP C 266 -6.85 3.89 -7.61
C ASP C 266 -6.16 3.45 -8.90
N THR C 267 -6.08 4.38 -9.83
CA THR C 267 -5.56 4.17 -11.18
C THR C 267 -4.82 5.45 -11.60
N LEU C 268 -4.62 5.61 -12.90
CA LEU C 268 -3.86 6.72 -13.47
C LEU C 268 -4.52 8.06 -13.15
N PRO C 269 -3.74 9.08 -12.74
CA PRO C 269 -4.33 10.34 -12.27
C PRO C 269 -4.94 11.22 -13.35
N ALA C 270 -5.33 12.42 -12.96
CA ALA C 270 -6.07 13.36 -13.79
C ALA C 270 -5.64 14.77 -13.38
N THR C 271 -6.52 15.75 -13.65
CA THR C 271 -6.56 17.20 -13.32
C THR C 271 -5.46 18.00 -14.01
N ALA C 272 -4.67 17.40 -14.90
CA ALA C 272 -3.80 18.20 -15.76
C ALA C 272 -4.63 19.07 -16.71
N ILE C 273 -5.62 18.48 -17.37
CA ILE C 273 -6.62 19.25 -18.11
C ILE C 273 -8.01 18.86 -17.60
N GLY C 274 -8.19 17.59 -17.27
CA GLY C 274 -9.46 17.12 -16.75
C GLY C 274 -9.54 15.62 -16.77
N THR C 275 -10.77 15.11 -16.76
CA THR C 275 -10.98 13.67 -16.83
C THR C 275 -10.80 13.18 -18.26
N PRO C 276 -10.29 11.96 -18.44
CA PRO C 276 -10.21 11.40 -19.80
C PRO C 276 -11.57 10.99 -20.32
N LEU C 277 -11.63 10.77 -21.64
CA LEU C 277 -12.89 10.44 -22.30
C LEU C 277 -13.27 8.97 -22.11
N ILE C 278 -12.40 8.14 -21.53
CA ILE C 278 -12.74 6.75 -21.27
C ILE C 278 -13.78 6.63 -20.15
N GLY C 279 -13.87 7.65 -19.28
CA GLY C 279 -14.90 7.65 -18.25
C GLY C 279 -16.26 8.08 -18.76
N VAL C 280 -16.31 8.72 -19.93
CA VAL C 280 -17.60 9.11 -20.52
C VAL C 280 -18.34 7.88 -21.04
N TYR C 281 -17.62 7.01 -21.77
CA TYR C 281 -18.15 5.74 -22.22
C TYR C 281 -18.53 4.82 -21.05
N PHE C 282 -17.85 4.96 -19.90
CA PHE C 282 -18.25 4.23 -18.70
C PHE C 282 -19.56 4.77 -18.15
N VAL C 283 -19.65 6.09 -17.98
CA VAL C 283 -20.80 6.67 -17.28
C VAL C 283 -22.06 6.62 -18.14
N VAL C 284 -21.95 6.60 -19.48
CA VAL C 284 -23.17 6.53 -20.29
C VAL C 284 -23.75 5.11 -20.28
N CYS C 285 -22.90 4.08 -20.24
CA CYS C 285 -23.44 2.73 -20.15
C CYS C 285 -23.92 2.42 -18.74
N MET C 286 -23.29 3.04 -17.73
CA MET C 286 -23.85 2.95 -16.38
C MET C 286 -25.20 3.65 -16.29
N ALA C 287 -25.38 4.74 -17.04
CA ALA C 287 -26.67 5.42 -17.07
C ALA C 287 -27.73 4.55 -17.77
N LEU C 288 -27.33 3.80 -18.81
CA LEU C 288 -28.33 2.96 -19.47
C LEU C 288 -28.70 1.75 -18.60
N LEU C 289 -27.78 1.22 -17.78
CA LEU C 289 -28.31 0.20 -16.87
C LEU C 289 -28.95 0.80 -15.62
N VAL C 290 -28.75 2.09 -15.34
CA VAL C 290 -29.63 2.79 -14.40
C VAL C 290 -31.06 2.81 -14.94
N ILE C 291 -31.21 3.10 -16.24
CA ILE C 291 -32.52 2.97 -16.88
C ILE C 291 -33.02 1.52 -16.86
N SER C 292 -32.09 0.55 -16.90
CA SER C 292 -32.50 -0.85 -16.83
C SER C 292 -33.05 -1.23 -15.45
N LEU C 293 -32.40 -0.80 -14.36
CA LEU C 293 -33.00 -1.13 -13.06
C LEU C 293 -34.22 -0.25 -12.78
N ALA C 294 -34.32 0.91 -13.44
CA ALA C 294 -35.54 1.70 -13.38
C ALA C 294 -36.71 0.96 -14.04
N GLU C 295 -36.47 0.31 -15.17
CA GLU C 295 -37.58 -0.44 -15.77
C GLU C 295 -37.83 -1.76 -15.05
N THR C 296 -36.84 -2.31 -14.33
CA THR C 296 -37.15 -3.45 -13.45
C THR C 296 -38.07 -3.02 -12.32
N ILE C 297 -37.82 -1.84 -11.72
CA ILE C 297 -38.67 -1.40 -10.63
C ILE C 297 -40.03 -0.98 -11.18
N PHE C 298 -40.08 -0.57 -12.45
CA PHE C 298 -41.33 -0.27 -13.13
C PHE C 298 -42.16 -1.53 -13.36
N ILE C 299 -41.53 -2.61 -13.84
CA ILE C 299 -42.27 -3.84 -14.13
C ILE C 299 -42.59 -4.61 -12.85
N VAL C 300 -41.86 -4.37 -11.75
CA VAL C 300 -42.25 -4.94 -10.47
C VAL C 300 -43.40 -4.12 -9.85
N ARG C 301 -43.39 -2.79 -10.03
CA ARG C 301 -44.49 -1.96 -9.57
C ARG C 301 -45.79 -2.26 -10.32
N LEU C 302 -45.72 -2.49 -11.62
CA LEU C 302 -46.92 -2.78 -12.40
C LEU C 302 -47.43 -4.19 -12.13
N VAL C 303 -46.54 -5.17 -12.13
CA VAL C 303 -46.94 -6.57 -11.94
C VAL C 303 -46.79 -6.89 -10.45
N HIS C 304 -47.90 -6.80 -9.72
CA HIS C 304 -47.94 -7.14 -8.31
C HIS C 304 -49.40 -7.34 -7.92
N LYS C 305 -49.63 -8.24 -6.96
CA LYS C 305 -50.97 -8.47 -6.42
C LYS C 305 -51.33 -7.29 -5.51
N GLN C 306 -51.76 -6.21 -6.13
CA GLN C 306 -52.04 -4.96 -5.42
C GLN C 306 -53.51 -4.81 -5.04
N ASP C 307 -54.37 -5.70 -5.54
CA ASP C 307 -55.83 -5.70 -5.31
C ASP C 307 -56.47 -4.39 -5.80
N LEU C 308 -56.30 -4.13 -7.09
CA LEU C 308 -56.97 -3.00 -7.73
C LEU C 308 -57.94 -3.49 -8.81
N GLN C 309 -58.53 -2.57 -9.54
CA GLN C 309 -59.55 -2.90 -10.52
C GLN C 309 -58.91 -3.22 -11.88
N ARG C 310 -59.77 -3.34 -12.89
CA ARG C 310 -59.31 -3.57 -14.26
C ARG C 310 -58.66 -2.30 -14.81
N PRO C 311 -57.71 -2.44 -15.73
CA PRO C 311 -57.06 -1.24 -16.29
C PRO C 311 -57.96 -0.50 -17.27
N VAL C 312 -57.50 0.68 -17.66
CA VAL C 312 -58.21 1.56 -18.59
C VAL C 312 -58.22 0.92 -19.97
N PRO C 313 -59.30 1.09 -20.78
CA PRO C 313 -59.37 0.40 -22.08
C PRO C 313 -58.39 0.91 -23.12
N ASP C 314 -58.11 2.23 -23.10
CA ASP C 314 -57.20 2.81 -24.08
C ASP C 314 -55.76 2.41 -23.81
N TRP C 315 -55.45 2.01 -22.59
CA TRP C 315 -54.10 1.54 -22.28
C TRP C 315 -53.95 0.05 -22.58
N LEU C 316 -55.03 -0.72 -22.39
CA LEU C 316 -54.93 -2.16 -22.64
C LEU C 316 -55.08 -2.48 -24.12
N ARG C 317 -55.67 -1.57 -24.91
CA ARG C 317 -55.71 -1.78 -26.35
C ARG C 317 -54.38 -1.40 -27.00
N HIS C 318 -53.56 -0.65 -26.27
CA HIS C 318 -52.24 -0.27 -26.79
C HIS C 318 -51.16 -1.21 -26.28
N LEU C 319 -51.44 -1.94 -25.20
CA LEU C 319 -50.43 -2.81 -24.62
C LEU C 319 -50.69 -4.29 -24.91
N VAL C 320 -51.97 -4.67 -25.02
CA VAL C 320 -52.33 -6.07 -25.24
C VAL C 320 -52.93 -6.31 -26.62
N LEU C 321 -53.06 -5.28 -27.44
CA LEU C 321 -53.59 -5.44 -28.78
C LEU C 321 -52.74 -4.75 -29.84
N ASP C 322 -51.93 -3.76 -29.46
CA ASP C 322 -51.09 -3.04 -30.40
C ASP C 322 -49.64 -3.52 -30.35
N ARG C 323 -49.03 -3.44 -29.18
CA ARG C 323 -47.63 -3.84 -29.03
C ARG C 323 -47.49 -5.35 -28.90
N ILE C 324 -48.60 -6.06 -28.73
CA ILE C 324 -48.55 -7.52 -28.78
C ILE C 324 -48.81 -8.04 -30.18
N ALA C 325 -49.19 -7.16 -31.12
CA ALA C 325 -49.55 -7.61 -32.46
C ALA C 325 -48.62 -7.07 -33.54
N TRP C 326 -48.47 -5.75 -33.63
CA TRP C 326 -47.81 -5.15 -34.79
C TRP C 326 -46.30 -4.95 -34.62
N ILE C 327 -45.67 -5.62 -33.65
CA ILE C 327 -44.22 -5.61 -33.53
C ILE C 327 -43.65 -7.01 -33.33
N LEU C 328 -44.48 -7.97 -32.94
CA LEU C 328 -44.02 -9.32 -32.64
C LEU C 328 -45.14 -10.30 -32.98
N CYS C 329 -45.01 -11.53 -32.46
CA CYS C 329 -46.02 -12.55 -32.69
C CYS C 329 -47.29 -12.23 -31.90
N LEU C 330 -48.45 -12.45 -32.52
CA LEU C 330 -49.73 -12.11 -31.93
C LEU C 330 -50.14 -13.23 -30.98
N GLY C 331 -49.98 -12.96 -29.69
CA GLY C 331 -50.35 -13.90 -28.65
C GLY C 331 -51.79 -13.74 -28.17
N GLU C 332 -52.75 -14.20 -28.96
CA GLU C 332 -54.15 -14.05 -28.58
C GLU C 332 -54.52 -15.03 -27.46
N GLN C 333 -55.69 -14.80 -26.87
CA GLN C 333 -56.17 -15.65 -25.79
C GLN C 333 -57.39 -16.45 -26.23
N LEU C 392 -90.17 -22.86 3.98
CA LEU C 392 -89.68 -23.38 5.25
C LEU C 392 -88.20 -23.74 5.08
N ALA C 393 -87.95 -24.88 4.45
CA ALA C 393 -86.60 -25.36 4.22
C ALA C 393 -86.07 -25.05 2.83
N VAL C 394 -86.96 -24.92 1.83
CA VAL C 394 -86.52 -24.60 0.47
C VAL C 394 -86.08 -23.15 0.38
N ARG C 395 -86.72 -22.26 1.14
CA ARG C 395 -86.31 -20.86 1.17
C ARG C 395 -85.09 -20.63 2.06
N GLY C 396 -84.82 -21.55 2.99
CA GLY C 396 -83.62 -21.43 3.81
C GLY C 396 -82.35 -21.75 3.03
N LEU C 397 -82.43 -22.75 2.17
CA LEU C 397 -81.28 -23.10 1.33
C LEU C 397 -81.12 -22.13 0.16
N LEU C 398 -82.18 -21.38 -0.17
CA LEU C 398 -82.06 -20.34 -1.18
C LEU C 398 -81.23 -19.18 -0.67
N GLN C 399 -81.33 -18.88 0.63
CA GLN C 399 -80.45 -17.89 1.23
C GLN C 399 -79.02 -18.42 1.36
N GLU C 400 -78.87 -19.73 1.51
CA GLU C 400 -77.55 -20.33 1.59
C GLU C 400 -76.88 -20.35 0.23
N LEU C 401 -75.55 -20.51 0.27
CA LEU C 401 -74.62 -20.65 -0.87
C LEU C 401 -74.44 -19.37 -1.68
N SER C 402 -75.18 -18.30 -1.36
CA SER C 402 -75.07 -17.05 -2.10
C SER C 402 -73.77 -16.33 -1.76
N SER C 403 -73.42 -16.29 -0.47
CA SER C 403 -72.14 -15.72 -0.05
C SER C 403 -70.98 -16.58 -0.55
N ILE C 404 -71.21 -17.89 -0.65
CA ILE C 404 -70.18 -18.81 -1.13
C ILE C 404 -69.88 -18.55 -2.60
N ARG C 405 -70.93 -18.47 -3.42
CA ARG C 405 -70.73 -18.20 -4.85
C ARG C 405 -70.22 -16.79 -5.09
N HIS C 406 -70.60 -15.82 -4.23
CA HIS C 406 -70.09 -14.47 -4.36
C HIS C 406 -68.60 -14.40 -4.05
N PHE C 407 -68.16 -15.10 -2.99
CA PHE C 407 -66.74 -15.11 -2.64
C PHE C 407 -65.92 -15.85 -3.69
N LEU C 408 -66.47 -16.95 -4.25
CA LEU C 408 -65.76 -17.69 -5.27
C LEU C 408 -65.66 -16.90 -6.58
N GLU C 409 -66.73 -16.19 -6.97
CA GLU C 409 -66.64 -15.40 -8.20
C GLU C 409 -65.80 -14.15 -7.98
N LYS C 410 -65.70 -13.65 -6.74
CA LYS C 410 -64.79 -12.55 -6.45
C LYS C 410 -63.34 -13.00 -6.56
N ARG C 411 -63.03 -14.18 -6.03
CA ARG C 411 -61.69 -14.75 -6.19
C ARG C 411 -61.37 -15.02 -7.66
N ASP C 412 -62.37 -15.46 -8.43
CA ASP C 412 -62.18 -15.75 -9.84
C ASP C 412 -61.93 -14.48 -10.64
N GLU C 413 -62.68 -13.40 -10.37
CA GLU C 413 -62.46 -12.17 -11.11
C GLU C 413 -61.16 -11.49 -10.70
N MET C 414 -60.75 -11.62 -9.43
CA MET C 414 -59.44 -11.11 -9.04
C MET C 414 -58.31 -11.89 -9.70
N ARG C 415 -58.50 -13.22 -9.86
CA ARG C 415 -57.50 -14.02 -10.55
C ARG C 415 -57.40 -13.67 -12.03
N GLU C 416 -58.55 -13.41 -12.67
CA GLU C 416 -58.53 -13.02 -14.09
C GLU C 416 -57.96 -11.62 -14.30
N VAL C 417 -58.25 -10.68 -13.40
CA VAL C 417 -57.66 -9.35 -13.50
C VAL C 417 -56.15 -9.41 -13.28
N ALA C 418 -55.70 -10.22 -12.31
CA ALA C 418 -54.25 -10.38 -12.10
C ALA C 418 -53.58 -11.10 -13.28
N ARG C 419 -54.33 -11.98 -13.95
CA ARG C 419 -53.85 -12.59 -15.19
C ARG C 419 -53.65 -11.52 -16.27
N ASP C 420 -54.60 -10.58 -16.37
CA ASP C 420 -54.43 -9.46 -17.30
C ASP C 420 -53.24 -8.59 -16.93
N TRP C 421 -53.02 -8.39 -15.61
CA TRP C 421 -51.86 -7.63 -15.12
C TRP C 421 -50.54 -8.24 -15.56
N LEU C 422 -50.30 -9.52 -15.24
CA LEU C 422 -49.00 -10.07 -15.63
C LEU C 422 -48.93 -10.42 -17.12
N ARG C 423 -50.07 -10.48 -17.83
CA ARG C 423 -50.01 -10.62 -19.28
C ARG C 423 -49.52 -9.34 -19.94
N VAL C 424 -50.06 -8.18 -19.52
CA VAL C 424 -49.56 -6.90 -19.99
C VAL C 424 -48.10 -6.70 -19.59
N GLY C 425 -47.74 -7.16 -18.38
CA GLY C 425 -46.35 -7.10 -17.95
C GLY C 425 -45.42 -7.99 -18.77
N TYR C 426 -45.92 -9.15 -19.21
CA TYR C 426 -45.11 -10.06 -20.03
C TYR C 426 -44.91 -9.49 -21.43
N VAL C 427 -45.95 -8.87 -22.00
CA VAL C 427 -45.81 -8.22 -23.30
C VAL C 427 -44.84 -7.04 -23.22
N LEU C 428 -44.91 -6.27 -22.11
CA LEU C 428 -43.97 -5.17 -21.90
C LEU C 428 -42.55 -5.68 -21.72
N ASP C 429 -42.38 -6.82 -21.04
CA ASP C 429 -41.06 -7.40 -20.84
C ASP C 429 -40.46 -7.88 -22.16
N ARG C 430 -41.30 -8.47 -23.03
CA ARG C 430 -40.82 -8.94 -24.33
C ARG C 430 -40.42 -7.78 -25.23
N LEU C 431 -41.24 -6.72 -25.29
CA LEU C 431 -40.91 -5.59 -26.15
C LEU C 431 -39.70 -4.83 -25.62
N LEU C 432 -39.56 -4.75 -24.29
CA LEU C 432 -38.38 -4.10 -23.73
C LEU C 432 -37.14 -4.95 -23.94
N PHE C 433 -37.28 -6.28 -23.96
CA PHE C 433 -36.15 -7.16 -24.28
C PHE C 433 -35.67 -6.93 -25.72
N ARG C 434 -36.62 -6.80 -26.66
CA ARG C 434 -36.27 -6.50 -28.05
C ARG C 434 -35.57 -5.14 -28.18
N ILE C 435 -36.16 -4.10 -27.59
CA ILE C 435 -35.61 -2.74 -27.69
C ILE C 435 -34.27 -2.64 -26.98
N TYR C 436 -34.11 -3.34 -25.85
CA TYR C 436 -32.86 -3.28 -25.10
C TYR C 436 -31.75 -4.01 -25.82
N LEU C 437 -32.05 -5.15 -26.47
CA LEU C 437 -31.06 -5.82 -27.29
C LEU C 437 -30.63 -4.96 -28.47
N LEU C 438 -31.59 -4.29 -29.12
CA LEU C 438 -31.24 -3.41 -30.23
C LEU C 438 -30.39 -2.22 -29.76
N ALA C 439 -30.69 -1.69 -28.57
CA ALA C 439 -29.93 -0.55 -28.05
C ALA C 439 -28.51 -0.94 -27.67
N VAL C 440 -28.35 -2.07 -26.98
CA VAL C 440 -27.00 -2.47 -26.59
C VAL C 440 -26.20 -2.96 -27.80
N LEU C 441 -26.87 -3.50 -28.82
CA LEU C 441 -26.17 -3.89 -30.04
C LEU C 441 -25.70 -2.67 -30.82
N ALA C 442 -26.53 -1.63 -30.88
CA ALA C 442 -26.14 -0.39 -31.55
C ALA C 442 -24.99 0.30 -30.83
N TYR C 443 -25.05 0.37 -29.49
CA TYR C 443 -23.97 1.01 -28.74
C TYR C 443 -22.68 0.20 -28.81
N SER C 444 -22.80 -1.14 -28.80
CA SER C 444 -21.61 -1.99 -28.89
C SER C 444 -20.95 -1.88 -30.26
N ILE C 445 -21.74 -1.88 -31.34
CA ILE C 445 -21.15 -1.79 -32.67
C ILE C 445 -20.63 -0.37 -32.93
N THR C 446 -21.22 0.64 -32.26
CA THR C 446 -20.69 2.00 -32.37
C THR C 446 -19.33 2.12 -31.69
N LEU C 447 -19.20 1.54 -30.49
CA LEU C 447 -17.91 1.54 -29.79
C LEU C 447 -16.87 0.75 -30.55
N VAL C 448 -17.28 -0.38 -31.17
CA VAL C 448 -16.35 -1.21 -31.93
C VAL C 448 -15.86 -0.47 -33.17
N THR C 449 -16.75 0.22 -33.90
CA THR C 449 -16.30 0.89 -35.12
C THR C 449 -15.51 2.16 -34.81
N LEU C 450 -15.83 2.85 -33.70
CA LEU C 450 -15.06 4.03 -33.33
C LEU C 450 -13.72 3.66 -32.71
N TRP C 451 -13.57 2.42 -32.24
CA TRP C 451 -12.24 1.94 -31.88
C TRP C 451 -11.51 1.39 -33.11
N SER C 452 -12.25 0.90 -34.10
CA SER C 452 -11.65 0.20 -35.23
C SER C 452 -11.06 1.16 -36.25
N ILE C 453 -11.77 2.24 -36.58
CA ILE C 453 -11.20 3.25 -37.48
C ILE C 453 -10.04 3.98 -36.80
N TRP C 454 -10.19 4.27 -35.50
CA TRP C 454 -9.17 5.00 -34.77
C TRP C 454 -7.92 4.16 -34.49
N HIS C 455 -8.02 2.83 -34.54
CA HIS C 455 -6.85 1.98 -34.34
C HIS C 455 -5.92 2.01 -35.54
N TYR C 456 -6.45 2.25 -36.74
CA TYR C 456 -5.64 2.19 -37.95
C TYR C 456 -4.77 3.43 -38.05
N SER C 457 -3.45 3.22 -37.94
CA SER C 457 -2.41 4.26 -37.99
C SER C 457 -2.63 5.39 -36.98
N ASP D 1 72.87 -0.43 15.53
CA ASP D 1 71.69 0.12 14.86
C ASP D 1 71.78 -0.15 13.35
N THR D 2 71.17 -1.24 12.91
CA THR D 2 71.16 -1.56 11.50
C THR D 2 70.17 -0.67 10.75
N THR D 3 70.28 -0.63 9.43
CA THR D 3 69.48 0.26 8.59
C THR D 3 68.25 -0.49 8.08
N GLN D 4 67.44 -0.97 9.03
CA GLN D 4 66.16 -1.59 8.72
C GLN D 4 65.20 -1.42 9.91
N PRO D 5 64.30 -0.44 9.83
CA PRO D 5 63.25 -0.35 10.85
C PRO D 5 62.24 -1.47 10.72
N ALA D 6 61.70 -1.63 9.51
CA ALA D 6 60.64 -2.59 9.22
C ALA D 6 60.52 -2.82 7.73
N LEU D 7 59.40 -3.42 7.30
CA LEU D 7 59.08 -3.54 5.88
C LEU D 7 58.47 -2.25 5.31
N LEU D 8 58.53 -1.14 6.05
CA LEU D 8 58.12 0.17 5.56
C LEU D 8 59.09 0.74 4.53
N ARG D 9 60.28 0.14 4.40
CA ARG D 9 61.28 0.63 3.46
C ARG D 9 60.80 0.48 2.01
N LEU D 10 60.14 -0.64 1.69
CA LEU D 10 59.57 -0.81 0.36
C LEU D 10 58.39 0.13 0.14
N SER D 11 57.54 0.29 1.16
CA SER D 11 56.37 1.15 1.06
C SER D 11 56.73 2.62 0.90
N ASP D 12 57.92 3.02 1.36
CA ASP D 12 58.40 4.37 1.06
C ASP D 12 59.26 4.38 -0.21
N HIS D 13 59.76 3.22 -0.62
CA HIS D 13 60.65 3.13 -1.77
C HIS D 13 59.89 3.24 -3.08
N LEU D 14 58.96 2.31 -3.34
CA LEU D 14 58.27 2.35 -4.62
C LEU D 14 56.99 3.20 -4.60
N LEU D 15 56.80 4.03 -3.57
CA LEU D 15 55.71 4.98 -3.54
C LEU D 15 56.22 6.41 -3.45
N ALA D 16 57.43 6.65 -3.95
CA ALA D 16 58.00 8.00 -3.91
C ALA D 16 57.68 8.77 -5.18
N ASN D 17 57.77 8.10 -6.34
CA ASN D 17 57.54 8.74 -7.63
C ASN D 17 56.53 7.98 -8.48
N TYR D 18 55.78 7.06 -7.90
CA TYR D 18 54.76 6.33 -8.66
C TYR D 18 53.49 7.15 -8.74
N LYS D 19 53.02 7.42 -9.95
CA LYS D 19 51.82 8.20 -10.16
C LYS D 19 50.59 7.29 -10.22
N LYS D 20 49.41 7.91 -10.09
CA LYS D 20 48.15 7.18 -10.06
C LYS D 20 47.24 7.50 -11.23
N GLY D 21 47.70 8.28 -12.20
CA GLY D 21 46.87 8.66 -13.33
C GLY D 21 47.24 7.98 -14.62
N VAL D 22 48.54 7.73 -14.83
CA VAL D 22 49.01 7.15 -16.07
C VAL D 22 48.85 5.62 -16.00
N ARG D 23 48.63 5.00 -17.15
CA ARG D 23 48.51 3.55 -17.25
C ARG D 23 49.91 2.93 -17.18
N PRO D 24 50.22 2.14 -16.15
CA PRO D 24 51.62 1.71 -15.93
C PRO D 24 52.05 0.61 -16.88
N VAL D 25 52.82 0.99 -17.91
CA VAL D 25 53.47 0.08 -18.84
C VAL D 25 54.84 0.65 -19.16
N ARG D 26 55.57 -0.05 -20.03
CA ARG D 26 56.83 0.44 -20.59
C ARG D 26 56.66 1.00 -21.99
N ASP D 27 55.88 0.31 -22.83
CA ASP D 27 55.53 0.78 -24.16
C ASP D 27 54.01 0.82 -24.28
N TRP D 28 53.50 1.84 -24.96
CA TRP D 28 52.05 2.09 -25.02
C TRP D 28 51.33 1.19 -26.01
N ARG D 29 52.04 0.41 -26.82
CA ARG D 29 51.42 -0.48 -27.80
C ARG D 29 51.16 -1.87 -27.24
N LYS D 30 51.33 -2.07 -25.93
CA LYS D 30 51.16 -3.40 -25.33
C LYS D 30 49.93 -3.40 -24.45
N PRO D 31 48.83 -4.05 -24.86
CA PRO D 31 47.64 -4.09 -24.00
C PRO D 31 47.84 -5.00 -22.80
N THR D 32 47.24 -4.63 -21.67
CA THR D 32 47.30 -5.42 -20.45
C THR D 32 45.99 -6.18 -20.28
N THR D 33 46.08 -7.49 -20.13
CA THR D 33 44.89 -8.32 -20.00
C THR D 33 44.42 -8.39 -18.55
N VAL D 34 43.10 -8.47 -18.38
CA VAL D 34 42.49 -8.62 -17.07
C VAL D 34 41.76 -9.97 -17.02
N SER D 35 41.34 -10.35 -15.82
CA SER D 35 40.67 -11.63 -15.62
C SER D 35 39.31 -11.40 -14.97
N ILE D 36 38.42 -12.36 -15.14
CA ILE D 36 37.04 -12.29 -14.66
C ILE D 36 36.75 -13.49 -13.76
N ASP D 37 36.23 -13.20 -12.57
CA ASP D 37 35.74 -14.23 -11.66
C ASP D 37 34.41 -13.77 -11.08
N VAL D 38 33.36 -14.56 -11.33
CA VAL D 38 32.00 -14.23 -10.93
C VAL D 38 31.47 -15.34 -10.04
N ILE D 39 30.99 -14.97 -8.86
CA ILE D 39 30.33 -15.89 -7.93
C ILE D 39 28.89 -15.40 -7.79
N MET D 40 27.94 -16.20 -8.28
CA MET D 40 26.52 -15.89 -8.16
C MET D 40 26.08 -16.15 -6.73
N TYR D 41 26.09 -15.10 -5.91
CA TYR D 41 25.89 -15.28 -4.48
C TYR D 41 24.41 -15.40 -4.12
N ALA D 42 23.62 -14.36 -4.37
CA ALA D 42 22.23 -14.34 -3.96
C ALA D 42 21.47 -13.29 -4.77
N ILE D 43 20.16 -13.48 -4.88
CA ILE D 43 19.31 -12.48 -5.50
C ILE D 43 18.60 -11.66 -4.42
N LEU D 44 18.21 -10.45 -4.78
CA LEU D 44 17.54 -9.54 -3.84
C LEU D 44 16.10 -9.26 -4.22
N ASN D 45 15.86 -8.76 -5.44
CA ASN D 45 14.51 -8.33 -5.82
C ASN D 45 14.38 -8.45 -7.33
N VAL D 46 13.32 -9.12 -7.79
CA VAL D 46 12.97 -9.18 -9.21
C VAL D 46 11.76 -8.28 -9.43
N ASP D 47 11.62 -7.79 -10.66
CA ASP D 47 10.54 -6.88 -11.00
C ASP D 47 10.31 -6.94 -12.51
N GLU D 48 9.05 -6.71 -12.91
CA GLU D 48 8.68 -6.66 -14.32
C GLU D 48 7.95 -5.40 -14.71
N LYS D 49 7.41 -4.64 -13.74
CA LYS D 49 6.79 -3.36 -14.06
C LYS D 49 7.84 -2.31 -14.37
N ASN D 50 8.82 -2.15 -13.47
CA ASN D 50 9.94 -1.25 -13.70
C ASN D 50 11.03 -1.87 -14.55
N GLN D 51 11.02 -3.19 -14.71
CA GLN D 51 12.01 -3.99 -15.44
C GLN D 51 13.41 -3.75 -14.87
N VAL D 52 13.56 -4.18 -13.62
CA VAL D 52 14.80 -4.02 -12.88
C VAL D 52 15.13 -5.33 -12.16
N LEU D 53 16.41 -5.68 -12.17
CA LEU D 53 16.92 -6.87 -11.49
C LEU D 53 17.95 -6.43 -10.45
N THR D 54 17.79 -6.93 -9.22
CA THR D 54 18.66 -6.54 -8.11
C THR D 54 19.25 -7.80 -7.48
N THR D 55 20.58 -7.88 -7.44
CA THR D 55 21.29 -9.02 -6.89
C THR D 55 22.65 -8.58 -6.36
N TYR D 56 23.35 -9.50 -5.69
CA TYR D 56 24.65 -9.24 -5.08
C TYR D 56 25.64 -10.30 -5.54
N ILE D 57 26.82 -9.86 -5.96
CA ILE D 57 27.81 -10.72 -6.60
C ILE D 57 29.14 -10.58 -5.87
N TRP D 58 29.71 -11.70 -5.42
CA TRP D 58 31.12 -11.74 -5.05
C TRP D 58 31.97 -11.67 -6.31
N TYR D 59 32.82 -10.66 -6.38
CA TYR D 59 33.54 -10.37 -7.63
C TYR D 59 35.03 -10.18 -7.33
N ARG D 60 35.86 -10.63 -8.27
CA ARG D 60 37.31 -10.57 -8.13
C ARG D 60 37.91 -9.91 -9.36
N GLN D 61 39.13 -9.39 -9.19
CA GLN D 61 39.85 -8.74 -10.29
C GLN D 61 41.30 -9.20 -10.27
N TYR D 62 41.90 -9.20 -11.46
CA TYR D 62 43.28 -9.61 -11.64
C TYR D 62 43.86 -8.86 -12.84
N TRP D 63 45.02 -8.22 -12.65
CA TRP D 63 45.78 -7.66 -13.76
C TRP D 63 47.25 -7.62 -13.38
N THR D 64 48.07 -7.10 -14.27
CA THR D 64 49.53 -7.11 -14.12
C THR D 64 50.09 -5.77 -14.58
N ASP D 65 50.81 -5.08 -13.69
CA ASP D 65 51.46 -3.83 -14.03
C ASP D 65 52.98 -4.02 -14.00
N GLU D 66 53.70 -3.01 -14.51
CA GLU D 66 55.15 -3.14 -14.71
C GLU D 66 55.99 -2.17 -13.88
N PHE D 67 55.39 -1.41 -12.96
CA PHE D 67 56.14 -0.48 -12.13
C PHE D 67 56.30 -0.98 -10.70
N LEU D 68 55.75 -2.13 -10.37
CA LEU D 68 55.65 -2.62 -8.99
C LEU D 68 56.38 -3.94 -8.84
N GLN D 69 57.59 -4.00 -9.37
CA GLN D 69 58.42 -5.20 -9.30
C GLN D 69 59.68 -4.93 -8.49
N TRP D 70 60.03 -5.88 -7.63
CA TRP D 70 61.26 -5.81 -6.84
C TRP D 70 61.68 -7.22 -6.47
N THR D 71 62.92 -7.36 -6.02
CA THR D 71 63.47 -8.67 -5.71
C THR D 71 63.03 -9.12 -4.32
N PRO D 72 62.64 -10.39 -4.15
CA PRO D 72 62.29 -10.88 -2.80
C PRO D 72 63.51 -11.00 -1.89
N GLU D 73 64.57 -11.61 -2.40
CA GLU D 73 65.78 -11.80 -1.62
C GLU D 73 66.68 -10.56 -1.73
N ASP D 74 67.21 -10.15 -0.58
CA ASP D 74 67.81 -8.88 -0.07
C ASP D 74 66.74 -7.91 0.41
N PHE D 75 65.47 -8.31 0.47
CA PHE D 75 64.45 -7.57 1.20
C PHE D 75 63.71 -8.49 2.16
N ASP D 76 64.46 -9.44 2.75
CA ASP D 76 64.03 -10.30 3.86
C ASP D 76 62.85 -11.20 3.48
N ASN D 77 62.93 -11.81 2.29
CA ASN D 77 62.05 -12.88 1.80
C ASN D 77 60.56 -12.50 1.78
N VAL D 78 60.24 -11.26 1.45
CA VAL D 78 58.84 -10.82 1.40
C VAL D 78 58.30 -11.10 0.00
N THR D 79 57.06 -11.59 -0.07
CA THR D 79 56.41 -11.89 -1.33
C THR D 79 55.17 -11.03 -1.57
N LYS D 80 54.22 -11.04 -0.64
CA LYS D 80 52.98 -10.27 -0.77
C LYS D 80 52.98 -9.11 0.21
N LEU D 81 52.16 -8.11 -0.10
CA LEU D 81 52.08 -6.89 0.69
C LEU D 81 50.75 -6.20 0.42
N SER D 82 50.16 -5.63 1.47
CA SER D 82 48.95 -4.84 1.33
C SER D 82 49.30 -3.40 0.96
N ILE D 83 48.44 -2.79 0.16
CA ILE D 83 48.68 -1.44 -0.34
C ILE D 83 47.31 -0.77 -0.50
N PRO D 84 47.17 0.54 -0.25
CA PRO D 84 45.90 1.21 -0.49
C PRO D 84 45.52 1.26 -1.96
N THR D 85 44.21 1.36 -2.21
CA THR D 85 43.69 1.31 -3.58
C THR D 85 43.65 2.68 -4.23
N ASP D 86 43.72 3.75 -3.42
CA ASP D 86 43.67 5.11 -3.93
C ASP D 86 45.05 5.68 -4.23
N SER D 87 46.03 4.82 -4.53
CA SER D 87 47.37 5.23 -4.91
C SER D 87 47.89 4.39 -6.07
N ILE D 88 47.04 3.53 -6.63
CA ILE D 88 47.40 2.67 -7.74
C ILE D 88 46.41 2.87 -8.88
N TRP D 89 46.71 2.23 -10.02
CA TRP D 89 45.86 2.34 -11.19
C TRP D 89 44.65 1.42 -11.06
N VAL D 90 43.46 1.99 -11.26
CA VAL D 90 42.20 1.25 -11.16
C VAL D 90 41.50 1.27 -12.50
N PRO D 91 41.12 0.13 -13.05
CA PRO D 91 40.37 0.13 -14.32
C PRO D 91 38.94 0.57 -14.12
N ASP D 92 38.27 0.85 -15.25
CA ASP D 92 36.91 1.38 -15.26
C ASP D 92 35.89 0.37 -15.79
N ILE D 93 36.05 -0.91 -15.47
CA ILE D 93 35.12 -1.92 -15.97
C ILE D 93 33.80 -1.85 -15.20
N LEU D 94 32.71 -1.86 -15.96
CA LEU D 94 31.33 -1.78 -15.47
C LEU D 94 30.41 -2.15 -16.62
N ILE D 95 29.27 -2.75 -16.26
CA ILE D 95 28.25 -3.10 -17.24
C ILE D 95 27.57 -1.83 -17.72
N ASN D 96 27.03 -1.85 -18.94
CA ASN D 96 26.34 -0.70 -19.51
C ASN D 96 24.83 -0.91 -19.47
N GLU D 97 24.34 -1.50 -18.38
CA GLU D 97 22.90 -1.69 -18.19
C GLU D 97 22.50 -1.23 -16.79
N PHE D 98 23.27 -0.32 -16.21
CA PHE D 98 22.94 0.19 -14.88
C PHE D 98 21.70 1.09 -14.92
N VAL D 99 20.99 1.11 -13.79
CA VAL D 99 19.80 1.94 -13.63
C VAL D 99 19.98 2.77 -12.36
N ASP D 100 20.86 2.33 -11.48
CA ASP D 100 21.05 2.96 -10.17
C ASP D 100 22.41 2.53 -9.62
N VAL D 101 22.96 3.37 -8.75
CA VAL D 101 24.23 3.05 -8.12
C VAL D 101 23.98 2.14 -6.92
N GLY D 102 24.44 0.91 -7.01
CA GLY D 102 24.30 -0.06 -5.93
C GLY D 102 25.28 0.24 -4.81
N LYS D 103 24.76 0.32 -3.59
CA LYS D 103 25.59 0.58 -2.43
C LYS D 103 26.41 -0.66 -2.07
N SER D 104 27.73 -0.52 -2.17
CA SER D 104 28.65 -1.62 -1.89
C SER D 104 29.74 -1.13 -0.95
N PRO D 105 30.15 -1.94 0.03
CA PRO D 105 31.25 -1.53 0.92
C PRO D 105 32.59 -1.49 0.20
N ASN D 106 33.32 -0.37 0.34
CA ASN D 106 34.61 -0.23 -0.31
C ASN D 106 35.66 -1.11 0.35
N ILE D 107 36.67 -1.49 -0.44
CA ILE D 107 37.78 -2.31 0.02
C ILE D 107 39.06 -1.50 -0.15
N PRO D 108 39.68 -1.01 0.92
CA PRO D 108 40.84 -0.13 0.77
C PRO D 108 42.17 -0.86 0.66
N TYR D 109 42.16 -2.16 0.38
CA TYR D 109 43.40 -2.94 0.32
C TYR D 109 43.36 -3.91 -0.85
N VAL D 110 44.49 -4.01 -1.56
CA VAL D 110 44.70 -5.02 -2.59
C VAL D 110 46.08 -5.63 -2.41
N TYR D 111 46.32 -6.74 -3.09
CA TYR D 111 47.60 -7.45 -3.02
C TYR D 111 48.60 -6.84 -3.98
N VAL D 112 49.86 -7.27 -3.83
CA VAL D 112 50.91 -7.00 -4.81
C VAL D 112 51.91 -8.14 -4.73
N HIS D 113 52.46 -8.52 -5.88
CA HIS D 113 53.47 -9.57 -5.95
C HIS D 113 54.77 -9.00 -6.46
N HIS D 114 55.83 -9.80 -6.36
CA HIS D 114 57.16 -9.33 -6.76
C HIS D 114 57.38 -9.46 -8.25
N ARG D 115 56.67 -10.37 -8.92
CA ARG D 115 56.79 -10.49 -10.36
C ARG D 115 56.00 -9.40 -11.08
N GLY D 116 55.03 -8.79 -10.42
CA GLY D 116 54.26 -7.71 -10.97
C GLY D 116 52.75 -7.92 -11.06
N GLU D 117 52.23 -9.01 -10.49
CA GLU D 117 50.80 -9.28 -10.53
C GLU D 117 50.14 -8.71 -9.28
N VAL D 118 48.93 -8.18 -9.44
CA VAL D 118 48.14 -7.68 -8.32
C VAL D 118 46.90 -8.54 -8.18
N GLN D 119 46.08 -8.26 -7.15
CA GLN D 119 44.93 -9.08 -6.85
C GLN D 119 43.91 -8.24 -6.09
N ASN D 120 42.71 -8.11 -6.66
CA ASN D 120 41.69 -7.20 -6.12
C ASN D 120 40.45 -8.03 -5.84
N TYR D 121 40.09 -8.16 -4.56
CA TYR D 121 38.81 -8.70 -4.14
C TYR D 121 37.85 -7.56 -3.88
N LYS D 122 36.96 -7.28 -4.83
CA LYS D 122 36.10 -6.11 -4.78
C LYS D 122 34.67 -6.53 -5.07
N PRO D 123 33.79 -6.50 -4.06
CA PRO D 123 32.37 -6.78 -4.32
C PRO D 123 31.65 -5.53 -4.80
N LEU D 124 30.58 -5.75 -5.59
CA LEU D 124 29.75 -4.66 -6.05
C LEU D 124 28.34 -5.19 -6.28
N GLN D 125 27.34 -4.37 -5.93
CA GLN D 125 25.94 -4.77 -6.03
C GLN D 125 25.41 -4.49 -7.43
N LEU D 126 24.70 -5.47 -7.99
CA LEU D 126 24.11 -5.36 -9.32
C LEU D 126 22.65 -4.98 -9.18
N VAL D 127 22.34 -3.70 -9.39
CA VAL D 127 20.98 -3.26 -9.65
C VAL D 127 20.93 -2.76 -11.10
N THR D 128 20.12 -3.42 -11.92
CA THR D 128 20.25 -3.26 -13.36
C THR D 128 18.95 -3.69 -14.04
N ALA D 129 18.84 -3.31 -15.32
CA ALA D 129 17.73 -3.72 -16.16
C ALA D 129 18.17 -4.87 -17.06
N CYS D 130 17.21 -5.70 -17.45
CA CYS D 130 17.51 -6.88 -18.25
C CYS D 130 16.27 -7.26 -19.05
N SER D 131 16.45 -8.19 -19.99
CA SER D 131 15.35 -8.68 -20.80
C SER D 131 14.61 -9.78 -20.04
N LEU D 132 13.34 -9.53 -19.71
CA LEU D 132 12.54 -10.46 -18.95
C LEU D 132 11.30 -10.84 -19.73
N ASP D 133 11.02 -12.14 -19.79
CA ASP D 133 9.83 -12.66 -20.46
C ASP D 133 9.22 -13.73 -19.56
N ILE D 134 8.00 -13.47 -19.10
CA ILE D 134 7.33 -14.32 -18.13
C ILE D 134 6.08 -14.96 -18.75
N TYR D 135 6.17 -15.27 -20.05
CA TYR D 135 5.11 -15.86 -20.85
C TYR D 135 4.58 -17.17 -20.25
N ASN D 136 5.43 -18.19 -20.15
CA ASN D 136 5.07 -19.36 -19.37
C ASN D 136 5.11 -18.99 -17.89
N PHE D 137 3.94 -18.73 -17.30
CA PHE D 137 3.91 -18.01 -16.01
C PHE D 137 4.33 -18.87 -14.82
N PRO D 138 3.77 -20.08 -14.58
CA PRO D 138 4.27 -20.84 -13.42
C PRO D 138 5.59 -21.56 -13.66
N PHE D 139 5.91 -21.92 -14.90
CA PHE D 139 7.09 -22.73 -15.24
C PHE D 139 7.94 -21.90 -16.19
N ASP D 140 8.79 -21.03 -15.64
CA ASP D 140 9.50 -20.05 -16.44
C ASP D 140 11.01 -20.27 -16.37
N VAL D 141 11.69 -19.75 -17.40
CA VAL D 141 13.14 -19.66 -17.43
C VAL D 141 13.49 -18.34 -18.10
N GLN D 142 14.51 -17.65 -17.59
CA GLN D 142 14.87 -16.32 -18.05
C GLN D 142 16.27 -16.36 -18.63
N ASN D 143 16.42 -15.91 -19.87
CA ASN D 143 17.74 -15.80 -20.51
C ASN D 143 18.23 -14.36 -20.37
N CYS D 144 18.55 -14.00 -19.13
CA CYS D 144 19.06 -12.67 -18.85
C CYS D 144 20.51 -12.53 -19.32
N SER D 145 20.95 -11.28 -19.47
CA SER D 145 22.25 -11.00 -20.05
C SER D 145 23.01 -10.00 -19.20
N LEU D 146 24.24 -10.36 -18.86
CA LEU D 146 25.21 -9.45 -18.26
C LEU D 146 26.36 -9.25 -19.23
N THR D 147 26.78 -7.99 -19.40
CA THR D 147 27.76 -7.66 -20.42
C THR D 147 28.91 -6.91 -19.75
N PHE D 148 29.93 -7.65 -19.34
CA PHE D 148 31.16 -7.03 -18.84
C PHE D 148 31.90 -6.37 -19.98
N THR D 149 32.19 -5.08 -19.80
CA THR D 149 32.86 -4.31 -20.84
C THR D 149 33.58 -3.14 -20.18
N SER D 150 34.57 -2.61 -20.90
CA SER D 150 35.16 -1.35 -20.50
C SER D 150 34.35 -0.20 -21.09
N TRP D 151 34.39 0.95 -20.42
CA TRP D 151 33.55 2.07 -20.81
C TRP D 151 34.14 2.93 -21.91
N LEU D 152 35.46 3.07 -21.98
CA LEU D 152 36.07 3.91 -23.00
C LEU D 152 37.30 3.27 -23.65
N HIS D 153 37.82 2.19 -23.06
CA HIS D 153 39.02 1.57 -23.58
C HIS D 153 38.68 0.65 -24.76
N THR D 154 39.72 0.28 -25.50
CA THR D 154 39.61 -0.59 -26.67
C THR D 154 40.42 -1.86 -26.45
N ILE D 155 40.49 -2.69 -27.50
CA ILE D 155 41.35 -3.88 -27.47
C ILE D 155 42.82 -3.45 -27.50
N GLN D 156 43.14 -2.39 -28.24
CA GLN D 156 44.49 -1.83 -28.30
C GLN D 156 44.94 -1.15 -27.00
N ASP D 157 44.10 -1.01 -25.97
CA ASP D 157 44.49 -0.47 -24.68
C ASP D 157 44.55 -1.52 -23.58
N ILE D 158 43.46 -2.26 -23.38
CA ILE D 158 43.41 -3.39 -22.44
C ILE D 158 42.70 -4.56 -23.12
N ASN D 159 42.57 -5.66 -22.39
CA ASN D 159 41.90 -6.84 -22.90
C ASN D 159 41.27 -7.57 -21.73
N ILE D 160 40.21 -8.32 -22.01
CA ILE D 160 39.43 -9.01 -20.97
C ILE D 160 39.51 -10.51 -21.22
N THR D 161 40.08 -11.23 -20.26
CA THR D 161 40.16 -12.69 -20.27
C THR D 161 39.41 -13.24 -19.05
N LEU D 162 39.51 -14.55 -18.85
CA LEU D 162 38.92 -15.21 -17.69
C LEU D 162 39.99 -16.04 -16.99
N TRP D 163 39.88 -16.14 -15.67
CA TRP D 163 40.99 -16.64 -14.86
C TRP D 163 41.13 -18.15 -14.94
N ARG D 164 40.13 -18.89 -14.46
CA ARG D 164 40.22 -20.34 -14.39
C ARG D 164 39.48 -20.96 -15.59
N SER D 165 39.26 -22.27 -15.52
CA SER D 165 38.60 -23.00 -16.60
C SER D 165 37.13 -22.59 -16.70
N PRO D 166 36.57 -22.52 -17.92
CA PRO D 166 35.15 -22.14 -18.05
C PRO D 166 34.20 -23.21 -17.57
N GLU D 167 34.63 -24.48 -17.48
CA GLU D 167 33.79 -25.51 -16.90
C GLU D 167 33.65 -25.32 -15.39
N GLU D 168 34.69 -24.80 -14.75
CA GLU D 168 34.66 -24.60 -13.31
C GLU D 168 33.76 -23.43 -12.92
N VAL D 169 33.57 -22.47 -13.84
CA VAL D 169 32.62 -21.40 -13.57
C VAL D 169 31.25 -21.73 -14.13
N ARG D 170 31.15 -22.67 -15.06
CA ARG D 170 29.84 -23.11 -15.55
C ARG D 170 29.16 -24.00 -14.52
N SER D 171 29.91 -24.92 -13.91
CA SER D 171 29.40 -25.77 -12.84
C SER D 171 29.68 -25.20 -11.46
N ASP D 172 29.78 -23.89 -11.34
CA ASP D 172 30.16 -23.23 -10.08
C ASP D 172 28.96 -23.23 -9.14
N LYS D 173 28.78 -24.35 -8.44
CA LYS D 173 27.84 -24.42 -7.32
C LYS D 173 28.55 -24.12 -6.00
N SER D 174 28.99 -22.87 -5.86
CA SER D 174 29.65 -22.37 -4.66
C SER D 174 28.63 -22.00 -3.59
N ILE D 175 29.06 -21.20 -2.61
CA ILE D 175 28.19 -20.70 -1.55
C ILE D 175 27.02 -19.92 -2.13
N PHE D 176 25.82 -20.44 -1.95
CA PHE D 176 24.60 -19.90 -2.55
C PHE D 176 23.49 -20.00 -1.51
N ILE D 177 22.75 -18.91 -1.36
CA ILE D 177 21.68 -18.82 -0.37
C ILE D 177 20.43 -19.47 -0.96
N ASN D 178 20.03 -20.60 -0.38
CA ASN D 178 18.80 -21.27 -0.78
C ASN D 178 17.64 -20.79 0.08
N GLN D 179 16.52 -21.52 0.03
CA GLN D 179 15.28 -21.26 0.77
C GLN D 179 14.68 -19.90 0.48
N GLY D 180 14.78 -19.41 -0.75
CA GLY D 180 14.22 -18.12 -1.12
C GLY D 180 13.11 -18.24 -2.15
N GLU D 181 13.36 -17.71 -3.34
CA GLU D 181 12.38 -17.72 -4.42
C GLU D 181 12.93 -18.29 -5.72
N TRP D 182 14.19 -18.03 -6.03
CA TRP D 182 14.80 -18.42 -7.30
C TRP D 182 15.96 -19.37 -7.05
N GLU D 183 16.02 -20.46 -7.82
CA GLU D 183 17.21 -21.31 -7.82
C GLU D 183 18.28 -20.74 -8.75
N LEU D 184 19.34 -21.53 -8.91
CA LEU D 184 20.44 -21.19 -9.81
C LEU D 184 20.87 -22.49 -10.49
N LEU D 185 20.43 -22.69 -11.73
CA LEU D 185 20.78 -23.90 -12.46
C LEU D 185 22.23 -23.83 -12.94
N GLU D 186 22.52 -22.86 -13.80
CA GLU D 186 23.87 -22.68 -14.33
C GLU D 186 24.01 -21.26 -14.86
N VAL D 187 25.25 -20.87 -15.12
CA VAL D 187 25.58 -19.63 -15.82
C VAL D 187 26.43 -19.98 -17.03
N PHE D 188 26.46 -19.09 -18.01
CA PHE D 188 27.17 -19.37 -19.26
C PHE D 188 28.03 -18.19 -19.68
N PRO D 189 29.33 -18.22 -19.41
CA PRO D 189 30.21 -17.16 -19.93
C PRO D 189 30.51 -17.37 -21.41
N GLN D 190 30.67 -16.25 -22.12
CA GLN D 190 30.97 -16.28 -23.54
C GLN D 190 31.70 -15.01 -23.98
N PHE D 191 32.89 -15.18 -24.55
CA PHE D 191 33.67 -14.04 -25.00
C PHE D 191 33.28 -13.67 -26.43
N LYS D 192 32.89 -12.42 -26.62
CA LYS D 192 32.46 -11.90 -27.92
C LYS D 192 33.32 -10.69 -28.31
N GLU D 193 32.93 -10.03 -29.39
CA GLU D 193 33.62 -8.84 -29.86
C GLU D 193 32.63 -7.97 -30.64
N PHE D 194 32.58 -6.69 -30.28
CA PHE D 194 31.66 -5.73 -30.89
C PHE D 194 32.49 -4.56 -31.44
N SER D 195 32.86 -4.65 -32.72
CA SER D 195 33.57 -3.59 -33.42
C SER D 195 32.55 -2.81 -34.25
N ILE D 196 32.33 -1.55 -33.88
CA ILE D 196 31.29 -0.77 -34.55
C ILE D 196 31.78 -0.21 -35.88
N ASP D 197 33.06 0.15 -35.97
CA ASP D 197 33.64 0.66 -37.21
C ASP D 197 35.15 0.43 -37.18
N ILE D 198 35.87 1.08 -38.10
CA ILE D 198 37.31 0.92 -38.17
C ILE D 198 37.97 1.74 -37.07
N SER D 199 38.94 1.12 -36.38
CA SER D 199 39.83 1.68 -35.35
C SER D 199 39.11 2.10 -34.08
N ASN D 200 37.83 1.79 -33.91
CA ASN D 200 37.11 1.98 -32.65
C ASN D 200 36.38 0.69 -32.35
N SER D 201 37.06 -0.25 -31.71
CA SER D 201 36.53 -1.58 -31.41
C SER D 201 36.55 -1.80 -29.91
N TYR D 202 35.42 -2.24 -29.37
CA TYR D 202 35.27 -2.47 -27.94
C TYR D 202 35.28 -3.98 -27.65
N ALA D 203 35.72 -4.33 -26.46
CA ALA D 203 35.85 -5.72 -26.03
C ALA D 203 34.78 -6.03 -25.01
N GLU D 204 33.98 -7.06 -25.28
CA GLU D 204 32.90 -7.50 -24.39
C GLU D 204 32.99 -9.00 -24.16
N MET D 205 32.31 -9.43 -23.10
CA MET D 205 32.12 -10.85 -22.81
C MET D 205 30.86 -11.00 -21.99
N LYS D 206 30.10 -12.06 -22.28
CA LYS D 206 28.71 -12.15 -21.83
C LYS D 206 28.54 -13.12 -20.67
N PHE D 207 27.38 -13.04 -20.02
CA PHE D 207 26.94 -13.99 -19.02
C PHE D 207 25.45 -14.23 -19.18
N TYR D 208 25.07 -15.47 -19.48
CA TYR D 208 23.67 -15.83 -19.64
C TYR D 208 23.25 -16.67 -18.43
N VAL D 209 22.74 -15.99 -17.40
CA VAL D 209 22.36 -16.66 -16.17
C VAL D 209 21.02 -17.37 -16.38
N ILE D 210 20.90 -18.55 -15.78
CA ILE D 210 19.69 -19.38 -15.89
C ILE D 210 19.11 -19.52 -14.49
N ILE D 211 17.93 -18.92 -14.28
CA ILE D 211 17.27 -18.92 -12.97
C ILE D 211 15.82 -19.36 -13.15
N ARG D 212 15.30 -20.02 -12.11
CA ARG D 212 14.01 -20.68 -12.20
C ARG D 212 13.19 -20.40 -10.95
N ARG D 213 11.93 -20.00 -11.14
CA ARG D 213 11.02 -19.71 -10.04
C ARG D 213 10.51 -21.01 -9.42
N ARG D 214 10.32 -20.99 -8.09
CA ARG D 214 9.71 -22.11 -7.38
C ARG D 214 8.20 -22.08 -7.57
N PRO D 215 7.57 -23.14 -8.08
CA PRO D 215 6.11 -23.17 -8.24
C PRO D 215 5.39 -23.69 -7.00
N LEU D 216 5.67 -23.08 -5.86
CA LEU D 216 5.06 -23.55 -4.61
C LEU D 216 4.38 -22.46 -3.81
N PHE D 217 4.94 -21.24 -3.79
CA PHE D 217 4.43 -20.21 -2.89
C PHE D 217 3.23 -19.47 -3.48
N TYR D 218 3.19 -19.31 -4.80
CA TYR D 218 2.03 -18.70 -5.45
C TYR D 218 1.06 -19.74 -5.99
N ALA D 219 1.53 -20.98 -6.21
CA ALA D 219 0.70 -22.02 -6.81
C ALA D 219 -0.43 -22.43 -5.89
N VAL D 220 -0.19 -22.37 -4.58
CA VAL D 220 -1.23 -22.67 -3.58
C VAL D 220 -2.41 -21.69 -3.72
N SER D 221 -2.14 -20.39 -3.62
CA SER D 221 -3.23 -19.41 -3.57
C SER D 221 -3.77 -19.13 -4.97
N LEU D 222 -3.06 -19.55 -6.02
CA LEU D 222 -3.59 -19.39 -7.36
C LEU D 222 -4.15 -20.69 -7.95
N LEU D 223 -4.08 -21.80 -7.22
CA LEU D 223 -4.66 -23.06 -7.69
C LEU D 223 -5.82 -23.54 -6.82
N LEU D 224 -5.60 -23.80 -5.51
CA LEU D 224 -6.73 -24.40 -4.77
C LEU D 224 -7.95 -23.54 -4.45
N PRO D 225 -7.88 -22.18 -4.35
CA PRO D 225 -9.16 -21.41 -4.33
C PRO D 225 -10.11 -21.69 -5.49
N SER D 226 -9.59 -21.83 -6.71
CA SER D 226 -10.45 -22.26 -7.83
C SER D 226 -10.97 -23.67 -7.62
N ILE D 227 -10.17 -24.53 -6.96
CA ILE D 227 -10.57 -25.92 -6.75
C ILE D 227 -11.73 -26.01 -5.75
N PHE D 228 -11.64 -25.29 -4.63
CA PHE D 228 -12.80 -25.39 -3.75
C PHE D 228 -13.94 -24.49 -4.18
N LEU D 229 -13.73 -23.52 -5.08
CA LEU D 229 -14.87 -22.86 -5.71
C LEU D 229 -15.61 -23.85 -6.62
N MET D 230 -14.86 -24.73 -7.29
CA MET D 230 -15.49 -25.81 -8.05
C MET D 230 -16.24 -26.78 -7.15
N VAL D 231 -15.67 -27.13 -5.99
CA VAL D 231 -16.42 -28.07 -5.14
C VAL D 231 -17.63 -27.38 -4.50
N VAL D 232 -17.56 -26.05 -4.30
CA VAL D 232 -18.70 -25.31 -3.75
C VAL D 232 -19.84 -25.24 -4.76
N ASP D 233 -19.56 -24.90 -6.02
CA ASP D 233 -20.71 -24.82 -6.92
C ASP D 233 -21.21 -26.20 -7.37
N ILE D 234 -20.34 -27.22 -7.41
CA ILE D 234 -20.80 -28.58 -7.70
C ILE D 234 -21.69 -29.10 -6.58
N VAL D 235 -21.34 -28.83 -5.31
CA VAL D 235 -22.22 -29.26 -4.24
C VAL D 235 -23.43 -28.33 -4.11
N GLY D 236 -23.36 -27.13 -4.68
CA GLY D 236 -24.45 -26.18 -4.64
C GLY D 236 -25.45 -26.28 -5.77
N PHE D 237 -25.20 -27.12 -6.79
CA PHE D 237 -26.24 -27.38 -7.79
C PHE D 237 -27.43 -28.18 -7.24
N CYS D 238 -27.34 -28.72 -6.02
CA CYS D 238 -28.26 -29.75 -5.55
C CYS D 238 -29.69 -29.27 -5.31
N LEU D 239 -29.88 -28.02 -4.90
CA LEU D 239 -31.22 -27.57 -4.54
C LEU D 239 -32.08 -27.36 -5.78
N PRO D 240 -33.39 -27.58 -5.67
CA PRO D 240 -34.29 -27.26 -6.79
C PRO D 240 -34.49 -25.76 -6.91
N PRO D 241 -34.70 -25.24 -8.12
CA PRO D 241 -34.92 -23.80 -8.30
C PRO D 241 -36.32 -23.33 -8.00
N ASP D 242 -37.18 -24.17 -7.41
CA ASP D 242 -38.55 -23.78 -7.15
C ASP D 242 -38.67 -22.83 -5.96
N SER D 243 -37.75 -22.92 -5.00
CA SER D 243 -37.81 -22.06 -3.83
C SER D 243 -37.35 -20.64 -4.13
N GLY D 244 -36.37 -20.49 -5.02
CA GLY D 244 -35.84 -19.19 -5.36
C GLY D 244 -34.51 -18.84 -4.71
N GLU D 245 -33.86 -19.79 -4.04
CA GLU D 245 -32.58 -19.52 -3.41
C GLU D 245 -31.40 -20.05 -4.22
N ARG D 246 -31.68 -20.80 -5.30
CA ARG D 246 -30.61 -21.25 -6.19
C ARG D 246 -29.99 -20.08 -6.94
N VAL D 247 -30.82 -19.14 -7.39
CA VAL D 247 -30.31 -17.93 -8.00
C VAL D 247 -29.59 -17.05 -6.96
N SER D 248 -29.98 -17.17 -5.67
CA SER D 248 -29.27 -16.44 -4.61
C SER D 248 -27.88 -17.02 -4.39
N PHE D 249 -27.76 -18.35 -4.41
CA PHE D 249 -26.45 -18.99 -4.35
C PHE D 249 -25.60 -18.63 -5.57
N LYS D 250 -26.26 -18.52 -6.72
CA LYS D 250 -25.55 -18.18 -7.96
C LYS D 250 -25.01 -16.75 -7.93
N ILE D 251 -25.82 -15.79 -7.47
CA ILE D 251 -25.34 -14.41 -7.40
C ILE D 251 -24.29 -14.26 -6.31
N THR D 252 -24.40 -15.05 -5.23
CA THR D 252 -23.43 -14.99 -4.15
C THR D 252 -22.06 -15.49 -4.60
N LEU D 253 -22.02 -16.63 -5.29
CA LEU D 253 -20.69 -17.08 -5.70
C LEU D 253 -20.17 -16.34 -6.92
N LEU D 254 -21.03 -15.69 -7.72
CA LEU D 254 -20.46 -14.85 -8.76
C LEU D 254 -19.88 -13.57 -8.17
N LEU D 255 -20.47 -13.06 -7.08
CA LEU D 255 -19.86 -11.94 -6.38
C LEU D 255 -18.53 -12.34 -5.74
N GLY D 256 -18.46 -13.56 -5.18
CA GLY D 256 -17.21 -14.05 -4.64
C GLY D 256 -16.15 -14.29 -5.71
N TYR D 257 -16.56 -14.79 -6.86
CA TYR D 257 -15.65 -14.99 -7.99
C TYR D 257 -15.17 -13.65 -8.56
N SER D 258 -16.04 -12.65 -8.54
CA SER D 258 -15.67 -11.32 -9.01
C SER D 258 -14.66 -10.66 -8.07
N VAL D 259 -14.87 -10.77 -6.75
CA VAL D 259 -13.91 -10.16 -5.83
C VAL D 259 -12.62 -10.98 -5.77
N PHE D 260 -12.70 -12.28 -6.11
CA PHE D 260 -11.47 -13.06 -6.28
C PHE D 260 -10.70 -12.63 -7.52
N LEU D 261 -11.40 -12.23 -8.58
CA LEU D 261 -10.71 -11.64 -9.74
C LEU D 261 -10.15 -10.26 -9.39
N ILE D 262 -10.81 -9.55 -8.47
CA ILE D 262 -10.31 -8.25 -8.03
C ILE D 262 -8.99 -8.41 -7.27
N ILE D 263 -8.91 -9.40 -6.37
CA ILE D 263 -7.71 -9.52 -5.55
C ILE D 263 -6.56 -10.17 -6.33
N VAL D 264 -6.85 -10.93 -7.39
CA VAL D 264 -5.79 -11.65 -8.10
C VAL D 264 -5.22 -10.86 -9.26
N SER D 265 -5.86 -9.75 -9.67
CA SER D 265 -5.41 -9.02 -10.85
C SER D 265 -4.13 -8.23 -10.58
N ASP D 266 -3.98 -7.68 -9.38
CA ASP D 266 -2.83 -6.84 -9.06
C ASP D 266 -1.73 -7.67 -8.35
N THR D 267 -1.28 -8.72 -9.03
CA THR D 267 -0.19 -9.55 -8.50
C THR D 267 1.05 -9.45 -9.37
N LEU D 268 0.98 -9.80 -10.66
CA LEU D 268 2.12 -9.71 -11.56
C LEU D 268 1.65 -9.27 -12.94
N PRO D 269 2.00 -8.07 -13.40
CA PRO D 269 1.54 -7.60 -14.71
C PRO D 269 2.43 -8.03 -15.87
N ALA D 270 1.93 -7.83 -17.09
CA ALA D 270 2.68 -8.13 -18.32
C ALA D 270 2.10 -7.24 -19.41
N THR D 271 2.91 -6.32 -19.93
CA THR D 271 2.33 -5.20 -20.67
C THR D 271 2.76 -5.11 -22.13
N ALA D 272 3.89 -5.72 -22.53
CA ALA D 272 4.41 -5.50 -23.88
C ALA D 272 4.15 -6.68 -24.83
N ILE D 273 4.69 -7.85 -24.52
CA ILE D 273 4.59 -9.03 -25.38
C ILE D 273 4.01 -10.22 -24.62
N GLY D 274 4.53 -10.47 -23.41
CA GLY D 274 4.06 -11.61 -22.64
C GLY D 274 2.62 -11.45 -22.18
N THR D 275 1.92 -12.58 -22.14
CA THR D 275 0.49 -12.60 -21.92
C THR D 275 0.14 -13.32 -20.61
N PRO D 276 -1.02 -13.02 -20.01
CA PRO D 276 -1.45 -13.72 -18.80
C PRO D 276 -2.06 -15.10 -19.02
N LEU D 277 -1.72 -15.77 -20.13
CA LEU D 277 -2.42 -16.95 -20.66
C LEU D 277 -2.47 -18.18 -19.74
N ILE D 278 -1.91 -18.10 -18.53
CA ILE D 278 -2.31 -19.02 -17.47
C ILE D 278 -3.76 -18.75 -17.05
N GLY D 279 -4.27 -17.53 -17.32
CA GLY D 279 -5.67 -17.21 -17.16
C GLY D 279 -6.57 -17.64 -18.30
N VAL D 280 -6.06 -18.45 -19.24
CA VAL D 280 -6.95 -19.09 -20.20
C VAL D 280 -7.78 -20.16 -19.50
N TYR D 281 -7.19 -20.83 -18.50
CA TYR D 281 -7.97 -21.64 -17.57
C TYR D 281 -8.98 -20.80 -16.82
N PHE D 282 -8.62 -19.57 -16.47
CA PHE D 282 -9.55 -18.68 -15.79
C PHE D 282 -10.70 -18.26 -16.72
N VAL D 283 -10.40 -18.00 -18.00
CA VAL D 283 -11.47 -17.57 -18.89
C VAL D 283 -12.37 -18.74 -19.29
N VAL D 284 -11.84 -19.97 -19.35
CA VAL D 284 -12.75 -21.08 -19.64
C VAL D 284 -13.55 -21.45 -18.38
N CYS D 285 -12.99 -21.23 -17.17
CA CYS D 285 -13.78 -21.48 -15.96
C CYS D 285 -14.88 -20.44 -15.77
N MET D 286 -14.60 -19.17 -16.13
CA MET D 286 -15.68 -18.19 -16.05
C MET D 286 -16.70 -18.40 -17.16
N ALA D 287 -16.30 -18.92 -18.32
CA ALA D 287 -17.28 -19.35 -19.32
C ALA D 287 -18.16 -20.47 -18.79
N LEU D 288 -17.56 -21.40 -18.01
CA LEU D 288 -18.32 -22.49 -17.40
C LEU D 288 -19.36 -21.97 -16.41
N LEU D 289 -18.96 -21.12 -15.47
CA LEU D 289 -19.98 -20.68 -14.52
C LEU D 289 -20.92 -19.62 -15.11
N VAL D 290 -20.52 -18.93 -16.18
CA VAL D 290 -21.45 -18.02 -16.85
C VAL D 290 -22.55 -18.81 -17.57
N ILE D 291 -22.18 -19.88 -18.28
CA ILE D 291 -23.21 -20.70 -18.91
C ILE D 291 -23.98 -21.51 -17.86
N SER D 292 -23.39 -21.74 -16.69
CA SER D 292 -24.09 -22.36 -15.57
C SER D 292 -25.22 -21.47 -15.05
N LEU D 293 -24.93 -20.19 -14.76
CA LEU D 293 -26.03 -19.34 -14.32
C LEU D 293 -26.96 -18.96 -15.46
N ALA D 294 -26.49 -19.06 -16.71
CA ALA D 294 -27.37 -18.85 -17.85
C ALA D 294 -28.43 -19.94 -17.93
N GLU D 295 -28.03 -21.20 -17.75
CA GLU D 295 -29.04 -22.26 -17.74
C GLU D 295 -29.84 -22.25 -16.43
N THR D 296 -29.28 -21.67 -15.36
CA THR D 296 -30.07 -21.44 -14.14
C THR D 296 -31.22 -20.47 -14.40
N ILE D 297 -30.93 -19.32 -15.04
CA ILE D 297 -31.97 -18.37 -15.42
C ILE D 297 -32.92 -18.97 -16.45
N PHE D 298 -32.41 -19.85 -17.32
CA PHE D 298 -33.24 -20.55 -18.29
C PHE D 298 -34.25 -21.49 -17.61
N ILE D 299 -33.79 -22.23 -16.60
CA ILE D 299 -34.67 -23.21 -15.96
C ILE D 299 -35.59 -22.52 -14.94
N VAL D 300 -35.22 -21.34 -14.44
CA VAL D 300 -36.16 -20.55 -13.66
C VAL D 300 -37.23 -19.95 -14.55
N ARG D 301 -36.85 -19.55 -15.78
CA ARG D 301 -37.81 -19.02 -16.74
C ARG D 301 -38.78 -20.10 -17.21
N LEU D 302 -38.30 -21.32 -17.43
CA LEU D 302 -39.18 -22.39 -17.88
C LEU D 302 -40.09 -22.89 -16.77
N VAL D 303 -39.58 -22.96 -15.55
CA VAL D 303 -40.32 -23.54 -14.43
C VAL D 303 -40.73 -22.43 -13.48
N HIS D 304 -41.98 -21.98 -13.60
CA HIS D 304 -42.59 -21.02 -12.69
C HIS D 304 -44.09 -21.08 -12.86
N LYS D 305 -44.82 -20.74 -11.80
CA LYS D 305 -46.28 -20.67 -11.86
C LYS D 305 -46.70 -19.44 -12.66
N GLN D 306 -46.71 -19.55 -13.99
CA GLN D 306 -46.95 -18.43 -14.88
C GLN D 306 -48.30 -18.49 -15.59
N ASP D 307 -49.04 -19.59 -15.46
CA ASP D 307 -50.38 -19.81 -16.01
C ASP D 307 -50.38 -19.66 -17.54
N LEU D 308 -49.64 -20.57 -18.17
CA LEU D 308 -49.60 -20.63 -19.63
C LEU D 308 -50.30 -21.88 -20.16
N GLN D 309 -50.20 -22.11 -21.47
CA GLN D 309 -50.99 -23.11 -22.16
C GLN D 309 -50.40 -24.51 -21.97
N ARG D 310 -51.00 -25.47 -22.67
CA ARG D 310 -50.54 -26.85 -22.64
C ARG D 310 -49.24 -26.97 -23.41
N PRO D 311 -48.25 -27.69 -22.87
CA PRO D 311 -46.91 -27.72 -23.49
C PRO D 311 -46.87 -28.54 -24.78
N VAL D 312 -45.71 -28.52 -25.41
CA VAL D 312 -45.49 -29.13 -26.72
C VAL D 312 -45.45 -30.66 -26.59
N PRO D 313 -46.21 -31.39 -27.41
CA PRO D 313 -46.33 -32.85 -27.21
C PRO D 313 -45.14 -33.65 -27.71
N ASP D 314 -44.55 -33.26 -28.85
CA ASP D 314 -43.52 -34.05 -29.51
C ASP D 314 -42.20 -34.00 -28.74
N TRP D 315 -41.94 -32.88 -28.07
CA TRP D 315 -40.74 -32.76 -27.25
C TRP D 315 -40.99 -33.34 -25.86
N LEU D 316 -42.25 -33.63 -25.53
CA LEU D 316 -42.57 -34.22 -24.25
C LEU D 316 -42.56 -35.74 -24.33
N ARG D 317 -42.95 -36.29 -25.48
CA ARG D 317 -43.00 -37.75 -25.63
C ARG D 317 -41.60 -38.33 -25.78
N HIS D 318 -40.66 -37.53 -26.30
CA HIS D 318 -39.31 -38.01 -26.52
C HIS D 318 -38.44 -37.79 -25.28
N LEU D 319 -38.94 -37.01 -24.32
CA LEU D 319 -38.16 -36.71 -23.13
C LEU D 319 -38.61 -37.56 -21.95
N VAL D 320 -39.92 -37.80 -21.83
CA VAL D 320 -40.43 -38.51 -20.66
C VAL D 320 -40.40 -40.01 -20.88
N LEU D 321 -40.62 -40.46 -22.11
CA LEU D 321 -40.71 -41.88 -22.42
C LEU D 321 -39.42 -42.44 -22.99
N ASP D 322 -38.54 -41.60 -23.53
CA ASP D 322 -37.33 -42.08 -24.16
C ASP D 322 -36.07 -41.63 -23.41
N ARG D 323 -35.92 -40.30 -23.24
CA ARG D 323 -34.72 -39.73 -22.63
C ARG D 323 -34.57 -40.09 -21.16
N ILE D 324 -35.69 -40.25 -20.44
CA ILE D 324 -35.63 -40.73 -19.07
C ILE D 324 -35.11 -42.16 -19.03
N ALA D 325 -35.49 -42.97 -20.01
CA ALA D 325 -34.96 -44.32 -20.12
C ALA D 325 -33.49 -44.32 -20.53
N TRP D 326 -33.05 -43.29 -21.26
CA TRP D 326 -31.63 -43.14 -21.54
C TRP D 326 -30.84 -42.83 -20.27
N ILE D 327 -31.33 -41.89 -19.46
CA ILE D 327 -30.50 -41.34 -18.39
C ILE D 327 -30.63 -42.15 -17.09
N LEU D 328 -31.79 -42.72 -16.79
CA LEU D 328 -32.01 -43.30 -15.46
C LEU D 328 -33.15 -44.31 -15.54
N CYS D 329 -33.70 -44.66 -14.39
CA CYS D 329 -34.93 -45.46 -14.34
C CYS D 329 -36.12 -44.55 -14.60
N LEU D 330 -37.01 -44.97 -15.51
CA LEU D 330 -38.15 -44.14 -15.88
C LEU D 330 -39.24 -44.19 -14.81
N GLY D 331 -39.97 -43.09 -14.69
CA GLY D 331 -41.08 -43.01 -13.74
C GLY D 331 -42.42 -42.88 -14.42
N GLU D 332 -43.36 -43.74 -14.06
CA GLU D 332 -44.70 -43.74 -14.65
C GLU D 332 -45.49 -42.56 -14.09
N GLN D 333 -45.48 -41.46 -14.82
CA GLN D 333 -46.18 -40.25 -14.42
C GLN D 333 -47.68 -40.38 -14.66
N LEU D 392 -88.47 -26.27 -10.52
CA LEU D 392 -87.49 -25.25 -10.16
C LEU D 392 -86.29 -25.86 -9.45
N ALA D 393 -86.45 -27.10 -8.98
CA ALA D 393 -85.37 -27.76 -8.25
C ALA D 393 -84.31 -28.35 -9.17
N VAL D 394 -84.59 -28.42 -10.48
CA VAL D 394 -83.62 -29.01 -11.40
C VAL D 394 -82.65 -27.94 -11.92
N ARG D 395 -83.10 -26.70 -12.02
CA ARG D 395 -82.28 -25.62 -12.55
C ARG D 395 -81.75 -24.67 -11.49
N GLY D 396 -82.54 -24.39 -10.45
CA GLY D 396 -82.12 -23.49 -9.40
C GLY D 396 -81.23 -24.09 -8.33
N LEU D 397 -80.88 -25.38 -8.45
CA LEU D 397 -80.06 -26.05 -7.46
C LEU D 397 -78.73 -26.52 -8.03
N LEU D 398 -78.74 -27.16 -9.21
CA LEU D 398 -77.52 -27.72 -9.78
C LEU D 398 -76.64 -26.65 -10.43
N GLN D 399 -77.17 -25.45 -10.69
CA GLN D 399 -76.38 -24.41 -11.33
C GLN D 399 -75.29 -23.88 -10.41
N GLU D 400 -75.61 -23.78 -9.10
CA GLU D 400 -74.61 -23.33 -8.13
C GLU D 400 -73.50 -24.37 -7.96
N LEU D 401 -73.88 -25.64 -7.93
CA LEU D 401 -72.90 -26.72 -7.83
C LEU D 401 -72.02 -26.80 -9.07
N SER D 402 -72.60 -26.54 -10.25
CA SER D 402 -71.81 -26.53 -11.48
C SER D 402 -70.89 -25.31 -11.52
N SER D 403 -71.34 -24.17 -10.98
CA SER D 403 -70.50 -22.97 -10.97
C SER D 403 -69.33 -23.13 -10.00
N ILE D 404 -69.53 -23.87 -8.91
CA ILE D 404 -68.40 -24.20 -8.03
C ILE D 404 -67.49 -25.22 -8.68
N ARG D 405 -68.09 -26.20 -9.38
CA ARG D 405 -67.35 -27.31 -9.97
C ARG D 405 -66.44 -26.85 -11.10
N HIS D 406 -66.89 -25.89 -11.92
CA HIS D 406 -66.05 -25.42 -13.02
C HIS D 406 -64.80 -24.70 -12.51
N PHE D 407 -64.95 -23.89 -11.45
CA PHE D 407 -63.80 -23.22 -10.86
C PHE D 407 -62.85 -24.21 -10.20
N LEU D 408 -63.40 -25.21 -9.50
CA LEU D 408 -62.55 -26.22 -8.86
C LEU D 408 -61.81 -27.08 -9.88
N GLU D 409 -62.48 -27.46 -10.98
CA GLU D 409 -61.81 -28.28 -11.98
C GLU D 409 -60.83 -27.45 -12.81
N LYS D 410 -61.07 -26.15 -12.95
CA LYS D 410 -60.09 -25.28 -13.60
C LYS D 410 -58.82 -25.16 -12.75
N ARG D 411 -59.00 -25.00 -11.44
CA ARG D 411 -57.86 -24.97 -10.52
C ARG D 411 -57.10 -26.29 -10.52
N ASP D 412 -57.84 -27.41 -10.58
CA ASP D 412 -57.18 -28.73 -10.59
C ASP D 412 -56.45 -28.99 -11.90
N GLU D 413 -57.02 -28.56 -13.03
CA GLU D 413 -56.32 -28.69 -14.31
C GLU D 413 -55.09 -27.81 -14.38
N MET D 414 -55.14 -26.60 -13.83
CA MET D 414 -53.95 -25.75 -13.79
C MET D 414 -52.89 -26.36 -12.86
N ARG D 415 -53.31 -27.00 -11.78
CA ARG D 415 -52.37 -27.67 -10.88
C ARG D 415 -51.70 -28.86 -11.55
N GLU D 416 -52.45 -29.64 -12.33
CA GLU D 416 -51.87 -30.79 -13.03
C GLU D 416 -50.96 -30.36 -14.17
N VAL D 417 -51.32 -29.27 -14.86
CA VAL D 417 -50.44 -28.73 -15.90
C VAL D 417 -49.15 -28.20 -15.29
N ALA D 418 -49.23 -27.53 -14.14
CA ALA D 418 -48.03 -27.05 -13.45
C ALA D 418 -47.19 -28.22 -12.92
N ARG D 419 -47.85 -29.32 -12.55
CA ARG D 419 -47.14 -30.55 -12.20
C ARG D 419 -46.34 -31.07 -13.39
N ASP D 420 -46.95 -31.05 -14.58
CA ASP D 420 -46.23 -31.41 -15.80
C ASP D 420 -45.07 -30.47 -16.08
N TRP D 421 -45.27 -29.17 -15.81
CA TRP D 421 -44.21 -28.16 -15.99
C TRP D 421 -42.99 -28.47 -15.13
N LEU D 422 -43.16 -28.61 -13.81
CA LEU D 422 -41.97 -28.84 -13.00
C LEU D 422 -41.47 -30.28 -13.09
N ARG D 423 -42.28 -31.22 -13.58
CA ARG D 423 -41.77 -32.57 -13.84
C ARG D 423 -40.81 -32.57 -15.03
N VAL D 424 -41.20 -31.91 -16.13
CA VAL D 424 -40.31 -31.75 -17.28
C VAL D 424 -39.08 -30.93 -16.90
N GLY D 425 -39.27 -29.95 -16.00
CA GLY D 425 -38.13 -29.18 -15.51
C GLY D 425 -37.16 -30.00 -14.70
N TYR D 426 -37.67 -30.90 -13.85
CA TYR D 426 -36.80 -31.79 -13.08
C TYR D 426 -36.05 -32.77 -13.97
N VAL D 427 -36.72 -33.29 -15.01
CA VAL D 427 -36.08 -34.23 -15.93
C VAL D 427 -34.95 -33.53 -16.71
N LEU D 428 -35.23 -32.33 -17.21
CA LEU D 428 -34.21 -31.57 -17.93
C LEU D 428 -33.08 -31.13 -17.01
N ASP D 429 -33.40 -30.86 -15.73
CA ASP D 429 -32.38 -30.52 -14.74
C ASP D 429 -31.43 -31.67 -14.52
N ARG D 430 -31.98 -32.89 -14.37
CA ARG D 430 -31.14 -34.08 -14.20
C ARG D 430 -30.27 -34.34 -15.43
N LEU D 431 -30.85 -34.13 -16.63
CA LEU D 431 -30.12 -34.34 -17.88
C LEU D 431 -28.91 -33.41 -18.00
N LEU D 432 -29.13 -32.10 -17.88
CA LEU D 432 -27.98 -31.22 -18.09
C LEU D 432 -27.09 -31.16 -16.84
N PHE D 433 -27.58 -31.61 -15.68
CA PHE D 433 -26.71 -31.82 -14.54
C PHE D 433 -25.70 -32.93 -14.81
N ARG D 434 -26.16 -34.06 -15.35
CA ARG D 434 -25.25 -35.15 -15.73
C ARG D 434 -24.28 -34.70 -16.84
N ILE D 435 -24.78 -33.91 -17.81
CA ILE D 435 -23.92 -33.44 -18.89
C ILE D 435 -22.85 -32.48 -18.36
N TYR D 436 -23.22 -31.58 -17.44
CA TYR D 436 -22.26 -30.63 -16.91
C TYR D 436 -21.25 -31.31 -15.99
N LEU D 437 -21.66 -32.34 -15.26
CA LEU D 437 -20.69 -33.08 -14.44
C LEU D 437 -19.72 -33.88 -15.31
N LEU D 438 -20.18 -34.41 -16.45
CA LEU D 438 -19.26 -35.05 -17.39
C LEU D 438 -18.28 -34.04 -17.97
N ALA D 439 -18.75 -32.83 -18.27
CA ALA D 439 -17.86 -31.78 -18.77
C ALA D 439 -16.85 -31.35 -17.72
N VAL D 440 -17.27 -31.28 -16.46
CA VAL D 440 -16.38 -30.89 -15.37
C VAL D 440 -15.30 -31.95 -15.13
N LEU D 441 -15.69 -33.24 -15.16
CA LEU D 441 -14.68 -34.28 -14.96
C LEU D 441 -13.72 -34.39 -16.15
N ALA D 442 -14.21 -34.12 -17.37
CA ALA D 442 -13.32 -34.09 -18.53
C ALA D 442 -12.35 -32.93 -18.45
N TYR D 443 -12.82 -31.75 -18.02
CA TYR D 443 -11.94 -30.60 -17.86
C TYR D 443 -10.93 -30.82 -16.72
N SER D 444 -11.35 -31.53 -15.67
CA SER D 444 -10.45 -31.79 -14.56
C SER D 444 -9.37 -32.79 -14.94
N ILE D 445 -9.72 -33.84 -15.67
CA ILE D 445 -8.69 -34.80 -16.10
C ILE D 445 -7.77 -34.17 -17.14
N THR D 446 -8.30 -33.24 -17.96
CA THR D 446 -7.45 -32.52 -18.90
C THR D 446 -6.48 -31.58 -18.18
N LEU D 447 -6.96 -30.90 -17.13
CA LEU D 447 -6.10 -30.01 -16.37
C LEU D 447 -5.00 -30.77 -15.63
N VAL D 448 -5.35 -31.92 -15.03
CA VAL D 448 -4.32 -32.65 -14.30
C VAL D 448 -3.35 -33.36 -15.25
N THR D 449 -3.77 -33.74 -16.47
CA THR D 449 -2.77 -34.31 -17.36
C THR D 449 -1.89 -33.23 -18.00
N LEU D 450 -2.42 -32.01 -18.21
CA LEU D 450 -1.58 -30.92 -18.69
C LEU D 450 -0.62 -30.45 -17.61
N TRP D 451 -0.99 -30.62 -16.34
CA TRP D 451 0.01 -30.46 -15.28
C TRP D 451 0.98 -31.64 -15.27
N SER D 452 0.52 -32.81 -15.69
CA SER D 452 1.34 -34.01 -15.65
C SER D 452 2.31 -34.15 -16.83
N ILE D 453 2.22 -33.29 -17.84
CA ILE D 453 3.32 -33.23 -18.83
C ILE D 453 4.62 -32.81 -18.16
N TRP D 454 4.58 -31.79 -17.29
CA TRP D 454 5.78 -31.18 -16.75
C TRP D 454 6.44 -32.00 -15.63
N HIS D 455 5.99 -33.22 -15.36
CA HIS D 455 6.66 -34.11 -14.43
C HIS D 455 7.66 -35.01 -15.16
N TYR D 456 8.59 -34.38 -15.88
CA TYR D 456 9.62 -35.09 -16.63
C TYR D 456 11.01 -34.83 -16.05
N SER D 457 11.40 -33.57 -15.93
CA SER D 457 12.72 -33.22 -15.41
C SER D 457 12.62 -32.07 -14.41
N ASP E 1 62.85 30.35 31.13
CA ASP E 1 61.69 29.99 30.34
C ASP E 1 61.66 28.51 30.00
N THR E 2 60.62 27.83 30.48
CA THR E 2 60.44 26.43 30.13
C THR E 2 59.97 26.32 28.69
N THR E 3 60.59 25.38 27.95
CA THR E 3 60.31 25.26 26.53
C THR E 3 59.03 24.46 26.26
N GLN E 4 58.54 23.74 27.27
CA GLN E 4 57.44 22.77 27.21
C GLN E 4 56.12 23.43 26.82
N PRO E 5 55.60 23.22 25.61
CA PRO E 5 54.31 23.84 25.24
C PRO E 5 53.10 23.13 25.84
N ALA E 6 53.06 21.80 25.72
CA ALA E 6 51.85 21.00 25.95
C ALA E 6 52.17 19.51 25.88
N LEU E 7 51.13 18.68 25.87
CA LEU E 7 51.26 17.27 25.51
C LEU E 7 51.25 17.04 23.99
N LEU E 8 51.33 18.11 23.19
CA LEU E 8 51.39 18.00 21.74
C LEU E 8 52.71 17.43 21.25
N ARG E 9 53.73 17.39 22.11
CA ARG E 9 55.07 16.98 21.72
C ARG E 9 55.11 15.51 21.34
N LEU E 10 54.35 14.66 22.05
CA LEU E 10 54.30 13.23 21.74
C LEU E 10 53.66 12.98 20.38
N SER E 11 52.57 13.69 20.08
CA SER E 11 51.89 13.54 18.81
C SER E 11 52.75 14.05 17.66
N ASP E 12 53.42 15.19 17.85
CA ASP E 12 54.31 15.70 16.81
C ASP E 12 55.57 14.85 16.69
N HIS E 13 55.91 14.10 17.75
CA HIS E 13 57.05 13.21 17.69
C HIS E 13 56.74 11.97 16.87
N LEU E 14 55.65 11.28 17.16
CA LEU E 14 55.43 10.00 16.50
C LEU E 14 54.66 10.12 15.19
N LEU E 15 53.96 11.24 14.96
CA LEU E 15 53.21 11.43 13.71
C LEU E 15 54.04 12.15 12.66
N ALA E 16 55.36 12.00 12.70
CA ALA E 16 56.23 12.64 11.72
C ALA E 16 56.44 11.74 10.50
N ASN E 17 56.80 10.48 10.73
CA ASN E 17 57.11 9.54 9.67
C ASN E 17 56.21 8.31 9.68
N TYR E 18 55.05 8.40 10.34
CA TYR E 18 54.14 7.26 10.39
C TYR E 18 53.14 7.32 9.23
N LYS E 19 52.89 6.15 8.62
CA LYS E 19 51.94 6.03 7.53
C LYS E 19 50.93 4.95 7.87
N LYS E 20 49.68 5.14 7.42
CA LYS E 20 48.59 4.22 7.72
C LYS E 20 48.47 3.09 6.70
N GLY E 21 49.21 3.16 5.60
CA GLY E 21 49.08 2.16 4.55
C GLY E 21 49.77 0.85 4.88
N VAL E 22 50.94 0.92 5.50
CA VAL E 22 51.73 -0.28 5.80
C VAL E 22 51.16 -0.93 7.06
N ARG E 23 51.26 -2.26 7.12
CA ARG E 23 50.82 -2.98 8.31
C ARG E 23 51.87 -2.86 9.41
N PRO E 24 51.54 -2.25 10.55
CA PRO E 24 52.59 -1.93 11.53
C PRO E 24 53.08 -3.10 12.35
N VAL E 25 54.24 -3.63 11.96
CA VAL E 25 54.99 -4.66 12.70
C VAL E 25 56.48 -4.40 12.49
N ARG E 26 57.30 -5.00 13.34
CA ARG E 26 58.74 -5.04 13.14
C ARG E 26 59.16 -6.31 12.41
N ASP E 27 58.58 -7.45 12.79
CA ASP E 27 58.78 -8.70 12.07
C ASP E 27 57.52 -9.02 11.28
N TRP E 28 57.67 -9.25 9.98
CA TRP E 28 56.53 -9.46 9.09
C TRP E 28 55.95 -10.86 9.17
N ARG E 29 56.63 -11.81 9.83
CA ARG E 29 56.17 -13.18 9.89
C ARG E 29 55.18 -13.43 11.01
N LYS E 30 55.19 -12.62 12.05
CA LYS E 30 54.30 -12.84 13.18
C LYS E 30 52.92 -12.24 12.88
N PRO E 31 51.84 -13.02 12.99
CA PRO E 31 50.50 -12.49 12.70
C PRO E 31 50.04 -11.53 13.79
N THR E 32 49.35 -10.47 13.38
CA THR E 32 48.75 -9.53 14.31
C THR E 32 47.50 -10.17 14.91
N THR E 33 47.62 -10.72 16.11
CA THR E 33 46.50 -11.37 16.76
C THR E 33 45.51 -10.31 17.26
N VAL E 34 44.37 -10.21 16.57
CA VAL E 34 43.36 -9.22 16.89
C VAL E 34 42.25 -9.88 17.71
N SER E 35 41.49 -9.06 18.42
CA SER E 35 40.40 -9.55 19.26
C SER E 35 39.16 -8.69 19.02
N ILE E 36 38.02 -9.36 18.91
CA ILE E 36 36.74 -8.69 18.67
C ILE E 36 35.78 -9.02 19.80
N ASP E 37 34.72 -8.23 19.94
CA ASP E 37 33.73 -8.46 20.97
C ASP E 37 32.39 -7.93 20.48
N VAL E 38 31.31 -8.60 20.88
CA VAL E 38 29.97 -8.32 20.38
C VAL E 38 29.12 -7.83 21.54
N ILE E 39 28.56 -6.63 21.40
CA ILE E 39 27.53 -6.12 22.30
C ILE E 39 26.29 -5.90 21.45
N MET E 40 25.36 -6.86 21.49
CA MET E 40 24.14 -6.75 20.72
C MET E 40 23.23 -5.71 21.35
N TYR E 41 22.71 -4.80 20.53
CA TYR E 41 21.90 -3.70 21.04
C TYR E 41 20.44 -3.75 20.57
N ALA E 42 20.20 -3.94 19.28
CA ALA E 42 18.84 -3.82 18.78
C ALA E 42 18.66 -4.63 17.51
N ILE E 43 17.43 -5.08 17.30
CA ILE E 43 16.99 -5.64 16.02
C ILE E 43 15.91 -4.73 15.46
N LEU E 44 15.82 -4.69 14.14
CA LEU E 44 14.97 -3.69 13.49
C LEU E 44 13.78 -4.29 12.75
N ASN E 45 14.02 -5.17 11.77
CA ASN E 45 12.95 -5.62 10.90
C ASN E 45 13.37 -6.92 10.22
N VAL E 46 12.39 -7.75 9.89
CA VAL E 46 12.60 -8.98 9.15
C VAL E 46 11.82 -8.90 7.84
N ASP E 47 12.22 -9.75 6.89
CA ASP E 47 11.50 -9.87 5.63
C ASP E 47 11.80 -11.25 5.07
N GLU E 48 10.78 -12.12 5.06
CA GLU E 48 10.95 -13.47 4.52
C GLU E 48 10.68 -13.54 3.03
N LYS E 49 10.21 -12.45 2.42
CA LYS E 49 10.07 -12.44 0.97
C LYS E 49 11.41 -12.27 0.28
N ASN E 50 12.24 -11.35 0.77
CA ASN E 50 13.57 -11.10 0.21
C ASN E 50 14.67 -11.81 0.98
N GLN E 51 14.33 -12.47 2.10
CA GLN E 51 15.26 -13.21 2.96
C GLN E 51 16.38 -12.30 3.48
N VAL E 52 16.00 -11.32 4.31
CA VAL E 52 16.93 -10.33 4.82
C VAL E 52 16.62 -10.07 6.29
N LEU E 53 17.67 -9.79 7.06
CA LEU E 53 17.57 -9.46 8.48
C LEU E 53 18.28 -8.14 8.72
N THR E 54 17.66 -7.27 9.51
CA THR E 54 18.20 -5.94 9.82
C THR E 54 18.29 -5.80 11.34
N THR E 55 19.49 -5.60 11.84
CA THR E 55 19.74 -5.43 13.27
C THR E 55 20.79 -4.33 13.48
N TYR E 56 21.05 -4.04 14.76
CA TYR E 56 21.97 -2.97 15.13
C TYR E 56 22.73 -3.40 16.39
N ILE E 57 24.04 -3.58 16.27
CA ILE E 57 24.86 -4.05 17.38
C ILE E 57 25.96 -3.03 17.67
N TRP E 58 26.40 -3.01 18.92
CA TRP E 58 27.61 -2.30 19.29
C TRP E 58 28.82 -3.21 19.06
N TYR E 59 29.95 -2.61 18.71
CA TYR E 59 31.07 -3.40 18.23
C TYR E 59 32.38 -2.82 18.75
N ARG E 60 33.31 -3.73 19.07
CA ARG E 60 34.61 -3.36 19.64
C ARG E 60 35.71 -4.07 18.87
N GLN E 61 36.91 -3.48 18.92
CA GLN E 61 38.09 -4.04 18.28
C GLN E 61 39.28 -3.91 19.22
N TYR E 62 40.22 -4.85 19.08
CA TYR E 62 41.42 -4.89 19.91
C TYR E 62 42.58 -5.41 19.08
N TRP E 63 43.69 -4.66 19.06
CA TRP E 63 44.94 -5.16 18.48
C TRP E 63 46.11 -4.48 19.17
N THR E 64 47.31 -4.92 18.82
CA THR E 64 48.54 -4.35 19.39
C THR E 64 49.58 -4.25 18.29
N ASP E 65 50.08 -3.05 18.07
CA ASP E 65 51.07 -2.76 17.04
C ASP E 65 52.35 -2.25 17.66
N GLU E 66 53.41 -2.19 16.85
CA GLU E 66 54.77 -1.94 17.33
C GLU E 66 55.34 -0.66 16.75
N PHE E 67 54.48 0.35 16.54
CA PHE E 67 54.93 1.69 16.20
C PHE E 67 54.24 2.78 16.99
N LEU E 68 53.24 2.46 17.79
CA LEU E 68 52.48 3.41 18.60
C LEU E 68 52.94 3.36 20.05
N GLN E 69 54.24 3.17 20.25
CA GLN E 69 54.80 2.93 21.58
C GLN E 69 55.84 3.99 21.94
N TRP E 70 55.80 4.45 23.18
CA TRP E 70 56.84 5.28 23.75
C TRP E 70 56.87 5.07 25.25
N THR E 71 57.81 5.72 25.91
CA THR E 71 57.99 5.52 27.34
C THR E 71 56.95 6.33 28.13
N PRO E 72 56.30 5.75 29.13
CA PRO E 72 55.38 6.53 29.97
C PRO E 72 56.09 7.47 30.94
N GLU E 73 57.41 7.38 31.07
CA GLU E 73 58.19 8.26 31.93
C GLU E 73 58.33 9.62 31.22
N ASP E 74 58.67 10.66 32.00
CA ASP E 74 58.97 12.07 31.68
C ASP E 74 58.13 12.69 30.56
N PHE E 75 56.83 12.39 30.55
CA PHE E 75 55.86 13.10 29.72
C PHE E 75 54.61 13.39 30.54
N ASP E 76 54.81 13.87 31.78
CA ASP E 76 53.77 14.15 32.78
C ASP E 76 52.99 12.89 33.16
N ASN E 77 53.63 11.73 32.97
CA ASN E 77 53.11 10.40 33.34
C ASN E 77 51.75 10.11 32.73
N VAL E 78 51.62 10.34 31.43
CA VAL E 78 50.38 10.08 30.70
C VAL E 78 50.41 8.65 30.19
N THR E 79 49.26 7.98 30.24
CA THR E 79 49.13 6.60 29.81
C THR E 79 48.36 6.44 28.51
N LYS E 80 47.14 6.96 28.45
CA LYS E 80 46.29 6.85 27.28
C LYS E 80 46.14 8.22 26.61
N LEU E 81 45.83 8.17 25.31
CA LEU E 81 45.72 9.40 24.50
C LEU E 81 44.82 9.13 23.31
N SER E 82 44.01 10.11 22.97
CA SER E 82 43.14 10.03 21.80
C SER E 82 43.93 10.35 20.53
N ILE E 83 43.53 9.72 19.43
CA ILE E 83 44.20 9.88 18.15
C ILE E 83 43.13 9.70 17.06
N PRO E 84 43.19 10.42 15.94
CA PRO E 84 42.23 10.20 14.87
C PRO E 84 42.35 8.83 14.20
N THR E 85 41.27 8.42 13.54
CA THR E 85 41.20 7.07 12.99
C THR E 85 41.77 6.99 11.58
N ASP E 86 41.72 8.09 10.82
CA ASP E 86 42.17 8.11 9.43
C ASP E 86 43.66 8.42 9.31
N SER E 87 44.44 8.17 10.36
CA SER E 87 45.89 8.33 10.32
C SER E 87 46.61 7.08 10.81
N ILE E 88 45.85 6.04 11.18
CA ILE E 88 46.41 4.79 11.67
C ILE E 88 45.86 3.63 10.85
N TRP E 89 46.35 2.43 11.15
CA TRP E 89 45.96 1.24 10.41
C TRP E 89 44.59 0.74 10.87
N VAL E 90 43.68 0.53 9.92
CA VAL E 90 42.33 0.09 10.20
C VAL E 90 42.09 -1.25 9.51
N PRO E 91 41.60 -2.27 10.21
CA PRO E 91 41.32 -3.56 9.56
C PRO E 91 40.03 -3.50 8.74
N ASP E 92 39.68 -4.65 8.16
CA ASP E 92 38.55 -4.79 7.25
C ASP E 92 37.65 -5.96 7.64
N ILE E 93 37.29 -6.03 8.93
CA ILE E 93 36.43 -7.11 9.41
C ILE E 93 35.01 -6.86 8.94
N LEU E 94 34.42 -7.83 8.24
CA LEU E 94 33.09 -7.70 7.66
C LEU E 94 32.47 -9.09 7.54
N ILE E 95 31.18 -9.12 7.25
CA ILE E 95 30.45 -10.36 7.09
C ILE E 95 30.31 -10.68 5.59
N ASN E 96 30.08 -11.96 5.29
CA ASN E 96 29.96 -12.43 3.92
C ASN E 96 28.51 -12.45 3.44
N GLU E 97 27.63 -11.63 4.04
CA GLU E 97 26.21 -11.68 3.74
C GLU E 97 25.62 -10.30 3.49
N PHE E 98 26.42 -9.37 2.93
CA PHE E 98 25.92 -8.03 2.68
C PHE E 98 24.99 -8.01 1.47
N VAL E 99 23.84 -7.35 1.64
CA VAL E 99 22.96 -7.00 0.54
C VAL E 99 22.79 -5.49 0.39
N ASP E 100 23.18 -4.72 1.41
CA ASP E 100 23.06 -3.27 1.40
C ASP E 100 24.09 -2.72 2.38
N VAL E 101 24.39 -1.43 2.25
CA VAL E 101 25.30 -0.74 3.15
C VAL E 101 24.49 -0.04 4.22
N GLY E 102 24.62 -0.52 5.47
CA GLY E 102 23.96 0.12 6.60
C GLY E 102 24.70 1.40 6.97
N LYS E 103 23.93 2.48 7.12
CA LYS E 103 24.50 3.77 7.47
C LYS E 103 24.94 3.78 8.92
N SER E 104 26.23 4.04 9.14
CA SER E 104 26.84 3.93 10.46
C SER E 104 27.46 5.26 10.87
N PRO E 105 27.14 5.77 12.07
CA PRO E 105 27.78 6.99 12.54
C PRO E 105 29.24 6.75 12.93
N ASN E 106 30.16 7.45 12.28
CA ASN E 106 31.57 7.23 12.53
C ASN E 106 32.02 7.85 13.85
N ILE E 107 33.05 7.26 14.45
CA ILE E 107 33.69 7.78 15.63
C ILE E 107 35.11 8.18 15.24
N PRO E 108 35.43 9.48 15.20
CA PRO E 108 36.72 9.89 14.62
C PRO E 108 37.90 9.83 15.59
N TYR E 109 37.77 9.11 16.70
CA TYR E 109 38.84 9.02 17.68
C TYR E 109 38.96 7.59 18.18
N VAL E 110 40.21 7.15 18.43
CA VAL E 110 40.50 5.87 19.05
C VAL E 110 41.61 6.06 20.09
N TYR E 111 41.74 5.06 20.96
CA TYR E 111 42.70 5.09 22.04
C TYR E 111 44.02 4.46 21.62
N VAL E 112 45.11 4.90 22.27
CA VAL E 112 46.40 4.24 22.21
C VAL E 112 46.93 4.13 23.63
N HIS E 113 47.85 3.18 23.84
CA HIS E 113 48.50 3.00 25.12
C HIS E 113 50.01 3.12 24.96
N HIS E 114 50.72 3.07 26.10
CA HIS E 114 52.17 3.21 26.06
C HIS E 114 52.88 1.94 25.66
N ARG E 115 52.17 0.80 25.62
CA ARG E 115 52.74 -0.45 25.14
C ARG E 115 52.16 -0.88 23.79
N GLY E 116 51.28 -0.08 23.20
CA GLY E 116 50.77 -0.35 21.89
C GLY E 116 49.36 -0.90 21.81
N GLU E 117 48.63 -0.95 22.93
CA GLU E 117 47.27 -1.45 22.95
C GLU E 117 46.32 -0.34 22.54
N VAL E 118 45.28 -0.68 21.78
CA VAL E 118 44.34 0.31 21.27
C VAL E 118 42.93 -0.01 21.77
N GLN E 119 41.98 0.85 21.41
CA GLN E 119 40.57 0.63 21.70
C GLN E 119 39.76 1.24 20.57
N ASN E 120 38.75 0.51 20.09
CA ASN E 120 37.94 1.00 18.98
C ASN E 120 36.48 0.83 19.34
N TYR E 121 35.82 1.92 19.69
CA TYR E 121 34.38 1.97 19.92
C TYR E 121 33.70 2.51 18.68
N LYS E 122 33.05 1.63 17.93
CA LYS E 122 32.27 2.06 16.77
C LYS E 122 31.10 1.11 16.57
N PRO E 123 29.90 1.64 16.37
CA PRO E 123 28.78 0.80 15.94
C PRO E 123 28.61 0.83 14.42
N LEU E 124 28.01 -0.24 13.90
CA LEU E 124 27.69 -0.30 12.48
C LEU E 124 26.47 -1.20 12.29
N GLN E 125 25.52 -0.75 11.49
CA GLN E 125 24.26 -1.44 11.32
C GLN E 125 24.43 -2.66 10.42
N LEU E 126 23.86 -3.78 10.84
CA LEU E 126 23.95 -5.05 10.12
C LEU E 126 22.63 -5.29 9.38
N VAL E 127 22.65 -5.09 8.07
CA VAL E 127 21.62 -5.60 7.18
C VAL E 127 22.16 -6.85 6.50
N THR E 128 21.61 -8.01 6.87
CA THR E 128 22.23 -9.28 6.54
C THR E 128 21.16 -10.28 6.11
N ALA E 129 21.61 -11.42 5.61
CA ALA E 129 20.74 -12.51 5.17
C ALA E 129 20.70 -13.61 6.22
N CYS E 130 19.54 -14.24 6.37
CA CYS E 130 19.36 -15.31 7.34
C CYS E 130 18.39 -16.33 6.79
N SER E 131 18.78 -17.61 6.84
CA SER E 131 17.88 -18.68 6.44
C SER E 131 16.77 -18.85 7.47
N LEU E 132 15.56 -18.48 7.08
CA LEU E 132 14.42 -18.47 8.01
C LEU E 132 13.60 -19.73 7.84
N ASP E 133 13.13 -20.25 8.98
CA ASP E 133 12.28 -21.43 9.02
C ASP E 133 10.83 -21.03 9.24
N ILE E 134 9.94 -21.56 8.40
CA ILE E 134 8.52 -21.25 8.46
C ILE E 134 7.65 -22.48 8.60
N TYR E 135 8.20 -23.62 9.05
CA TYR E 135 7.40 -24.82 9.27
C TYR E 135 6.50 -24.62 10.49
N ASN E 136 7.11 -24.39 11.65
CA ASN E 136 6.37 -24.02 12.85
C ASN E 136 6.33 -22.50 12.91
N PHE E 137 5.22 -21.93 12.42
CA PHE E 137 5.17 -20.48 12.24
C PHE E 137 4.98 -19.69 13.54
N PRO E 138 3.99 -19.97 14.41
CA PRO E 138 3.89 -19.16 15.63
C PRO E 138 4.90 -19.53 16.70
N PHE E 139 5.42 -20.75 16.70
CA PHE E 139 6.40 -21.22 17.69
C PHE E 139 7.69 -21.52 16.92
N ASP E 140 8.49 -20.49 16.69
CA ASP E 140 9.63 -20.59 15.78
C ASP E 140 10.95 -20.29 16.51
N VAL E 141 11.86 -21.27 16.49
CA VAL E 141 13.25 -21.00 16.83
C VAL E 141 14.05 -20.80 15.55
N GLN E 142 14.84 -19.74 15.51
CA GLN E 142 15.59 -19.37 14.32
C GLN E 142 17.08 -19.49 14.60
N ASN E 143 17.87 -19.46 13.53
CA ASN E 143 19.31 -19.69 13.65
C ASN E 143 19.99 -18.98 12.49
N CYS E 144 20.55 -17.81 12.75
CA CYS E 144 21.17 -16.97 11.73
C CYS E 144 22.68 -17.15 11.75
N SER E 145 23.37 -16.34 10.94
CA SER E 145 24.82 -16.45 10.79
C SER E 145 25.41 -15.06 10.62
N LEU E 146 26.35 -14.71 11.50
CA LEU E 146 27.10 -13.46 11.43
C LEU E 146 28.58 -13.83 11.43
N THR E 147 29.16 -13.96 10.24
CA THR E 147 30.52 -14.44 10.08
C THR E 147 31.48 -13.25 10.10
N PHE E 148 31.92 -12.87 11.30
CA PHE E 148 32.93 -11.83 11.42
C PHE E 148 34.29 -12.36 10.95
N THR E 149 34.64 -12.04 9.72
CA THR E 149 35.87 -12.55 9.12
C THR E 149 36.58 -11.40 8.42
N SER E 150 37.83 -11.66 8.02
CA SER E 150 38.60 -10.70 7.26
C SER E 150 38.23 -10.81 5.78
N TRP E 151 38.78 -9.92 4.97
CA TRP E 151 38.49 -9.91 3.55
C TRP E 151 39.72 -10.17 2.67
N LEU E 152 40.92 -9.82 3.11
CA LEU E 152 42.12 -10.16 2.34
C LEU E 152 43.04 -11.13 3.07
N HIS E 153 43.43 -10.81 4.29
CA HIS E 153 44.58 -11.46 4.91
C HIS E 153 44.19 -12.79 5.56
N THR E 154 45.18 -13.67 5.67
CA THR E 154 45.02 -15.04 6.10
C THR E 154 45.34 -15.18 7.59
N ILE E 155 45.42 -16.42 8.06
CA ILE E 155 45.81 -16.72 9.44
C ILE E 155 47.24 -16.27 9.72
N GLN E 156 48.13 -16.38 8.73
CA GLN E 156 49.52 -15.96 8.89
C GLN E 156 49.70 -14.45 8.99
N ASP E 157 48.63 -13.66 8.76
CA ASP E 157 48.70 -12.22 8.89
C ASP E 157 47.78 -11.69 9.98
N ILE E 158 46.50 -12.08 9.96
CA ILE E 158 45.51 -11.61 10.92
C ILE E 158 44.79 -12.81 11.51
N ASN E 159 44.88 -12.98 12.83
CA ASN E 159 44.16 -14.02 13.56
C ASN E 159 43.18 -13.35 14.51
N ILE E 160 41.92 -13.76 14.43
CA ILE E 160 40.87 -13.19 15.27
C ILE E 160 40.69 -14.07 16.51
N THR E 161 40.44 -13.42 17.65
CA THR E 161 40.20 -14.11 18.90
C THR E 161 38.96 -13.47 19.54
N LEU E 162 38.64 -13.89 20.76
CA LEU E 162 37.61 -13.28 21.58
C LEU E 162 38.26 -12.32 22.56
N TRP E 163 37.47 -11.74 23.46
CA TRP E 163 38.01 -10.83 24.46
C TRP E 163 37.71 -11.27 25.89
N ARG E 164 36.51 -11.78 26.16
CA ARG E 164 36.17 -12.28 27.49
C ARG E 164 35.63 -13.70 27.38
N SER E 165 35.08 -14.20 28.49
CA SER E 165 34.62 -15.57 28.57
C SER E 165 33.39 -15.79 27.68
N PRO E 166 33.25 -16.96 27.06
CA PRO E 166 32.05 -17.20 26.23
C PRO E 166 30.78 -17.37 27.03
N GLU E 167 30.87 -17.67 28.33
CA GLU E 167 29.69 -17.71 29.18
C GLU E 167 29.15 -16.30 29.42
N GLU E 168 30.04 -15.31 29.47
CA GLU E 168 29.62 -13.94 29.75
C GLU E 168 28.94 -13.32 28.53
N VAL E 169 29.22 -13.83 27.32
CA VAL E 169 28.47 -13.41 26.15
C VAL E 169 27.33 -14.37 25.84
N ARG E 170 27.33 -15.56 26.44
CA ARG E 170 26.19 -16.46 26.31
C ARG E 170 25.02 -16.00 27.18
N SER E 171 25.32 -15.50 28.37
CA SER E 171 24.32 -14.93 29.28
C SER E 171 24.24 -13.42 29.14
N ASP E 172 24.44 -12.91 27.92
CA ASP E 172 24.49 -11.48 27.66
C ASP E 172 23.07 -10.90 27.76
N LYS E 173 22.76 -10.36 28.93
CA LYS E 173 21.50 -9.67 29.16
C LYS E 173 21.79 -8.21 29.49
N SER E 174 22.68 -7.60 28.70
CA SER E 174 23.11 -6.23 28.85
C SER E 174 22.08 -5.26 28.28
N ILE E 175 22.50 -4.01 28.01
CA ILE E 175 21.65 -2.96 27.48
C ILE E 175 21.02 -3.38 26.16
N PHE E 176 19.70 -3.49 26.16
CA PHE E 176 18.90 -4.04 25.08
C PHE E 176 17.47 -3.60 25.28
N ILE E 177 16.87 -3.03 24.25
CA ILE E 177 15.53 -2.48 24.31
C ILE E 177 14.53 -3.63 24.43
N ASN E 178 13.59 -3.50 25.35
CA ASN E 178 12.52 -4.48 25.51
C ASN E 178 11.30 -3.99 24.74
N GLN E 179 10.17 -4.68 24.89
CA GLN E 179 8.88 -4.37 24.28
C GLN E 179 8.95 -4.28 22.75
N GLY E 180 9.79 -5.11 22.13
CA GLY E 180 9.86 -5.17 20.68
C GLY E 180 8.96 -6.24 20.11
N GLU E 181 9.56 -7.24 19.46
CA GLU E 181 8.80 -8.40 19.01
C GLU E 181 9.49 -9.73 19.29
N TRP E 182 10.81 -9.77 19.42
CA TRP E 182 11.55 -11.00 19.62
C TRP E 182 12.43 -10.91 20.87
N GLU E 183 12.50 -12.01 21.62
CA GLU E 183 13.50 -12.17 22.66
C GLU E 183 14.73 -12.87 22.10
N LEU E 184 15.66 -13.21 22.98
CA LEU E 184 16.79 -14.07 22.65
C LEU E 184 16.98 -15.10 23.75
N LEU E 185 17.31 -16.33 23.35
CA LEU E 185 17.65 -17.36 24.33
C LEU E 185 19.10 -17.22 24.78
N GLU E 186 20.04 -17.35 23.83
CA GLU E 186 21.46 -17.24 24.13
C GLU E 186 22.20 -16.90 22.84
N VAL E 187 23.45 -16.50 22.99
CA VAL E 187 24.35 -16.22 21.88
C VAL E 187 25.53 -17.17 22.02
N PHE E 188 25.79 -17.96 20.96
CA PHE E 188 26.80 -19.01 21.03
C PHE E 188 27.92 -18.78 20.02
N PRO E 189 29.04 -18.18 20.43
CA PRO E 189 30.20 -18.11 19.54
C PRO E 189 31.05 -19.37 19.62
N GLN E 190 31.72 -19.67 18.50
CA GLN E 190 32.58 -20.84 18.42
C GLN E 190 33.64 -20.64 17.35
N PHE E 191 34.89 -21.00 17.66
CA PHE E 191 36.00 -20.80 16.75
C PHE E 191 36.20 -22.02 15.86
N LYS E 192 36.24 -21.79 14.55
CA LYS E 192 36.42 -22.87 13.58
C LYS E 192 37.59 -22.58 12.64
N GLU E 193 37.78 -23.46 11.66
CA GLU E 193 38.80 -23.29 10.63
C GLU E 193 38.19 -23.65 9.27
N PHE E 194 38.65 -22.95 8.24
CA PHE E 194 38.16 -23.20 6.88
C PHE E 194 39.24 -22.80 5.89
N SER E 195 39.80 -23.79 5.19
CA SER E 195 40.81 -23.56 4.15
C SER E 195 40.28 -24.16 2.85
N ILE E 196 40.25 -23.33 1.79
CA ILE E 196 39.70 -23.80 0.53
C ILE E 196 40.72 -24.65 -0.23
N ASP E 197 42.01 -24.38 -0.05
CA ASP E 197 43.09 -25.15 -0.67
C ASP E 197 44.36 -24.97 0.15
N ILE E 198 45.49 -25.37 -0.42
CA ILE E 198 46.78 -25.25 0.26
C ILE E 198 47.21 -23.78 0.24
N SER E 199 47.90 -23.37 1.32
CA SER E 199 48.48 -22.05 1.54
C SER E 199 47.46 -20.92 1.55
N ASN E 200 46.18 -21.22 1.76
CA ASN E 200 45.14 -20.20 1.85
C ASN E 200 44.13 -20.63 2.90
N SER E 201 44.07 -19.88 4.00
CA SER E 201 43.14 -20.16 5.08
C SER E 201 42.78 -18.86 5.77
N TYR E 202 41.49 -18.54 5.80
CA TYR E 202 41.01 -17.30 6.39
C TYR E 202 40.59 -17.56 7.83
N ALA E 203 40.13 -16.50 8.49
CA ALA E 203 39.72 -16.56 9.89
C ALA E 203 38.19 -16.55 10.01
N GLU E 204 37.62 -17.75 9.93
CA GLU E 204 36.18 -17.89 10.08
C GLU E 204 35.83 -18.27 11.52
N MET E 205 34.90 -17.49 12.10
CA MET E 205 34.46 -17.73 13.47
C MET E 205 33.04 -17.20 13.58
N LYS E 206 32.08 -18.11 13.77
CA LYS E 206 30.67 -17.80 13.64
C LYS E 206 30.12 -17.16 14.90
N PHE E 207 28.88 -16.67 14.80
CA PHE E 207 28.12 -16.12 15.92
C PHE E 207 26.67 -16.57 15.73
N TYR E 208 26.32 -17.68 16.36
CA TYR E 208 24.99 -18.25 16.19
C TYR E 208 24.02 -17.53 17.12
N VAL E 209 23.15 -16.71 16.54
CA VAL E 209 22.17 -15.93 17.29
C VAL E 209 20.81 -16.62 17.18
N ILE E 210 20.03 -16.59 18.26
CA ILE E 210 18.75 -17.27 18.33
C ILE E 210 17.70 -16.26 18.81
N ILE E 211 16.65 -16.08 18.01
CA ILE E 211 15.55 -15.19 18.40
C ILE E 211 14.25 -15.99 18.46
N ARG E 212 13.27 -15.49 19.21
CA ARG E 212 12.01 -16.20 19.39
C ARG E 212 10.85 -15.21 19.39
N ARG E 213 9.82 -15.49 18.59
CA ARG E 213 8.68 -14.61 18.45
C ARG E 213 7.79 -14.67 19.70
N ARG E 214 7.11 -13.55 19.98
CA ARG E 214 6.11 -13.51 21.03
C ARG E 214 4.74 -13.81 20.42
N PRO E 215 4.10 -14.94 20.75
CA PRO E 215 2.83 -15.33 20.13
C PRO E 215 1.61 -14.64 20.76
N LEU E 216 1.61 -13.31 20.76
CA LEU E 216 0.53 -12.55 21.37
C LEU E 216 -0.24 -11.67 20.39
N PHE E 217 0.42 -11.10 19.37
CA PHE E 217 -0.30 -10.28 18.40
C PHE E 217 -1.06 -11.14 17.40
N TYR E 218 -0.51 -12.30 17.03
CA TYR E 218 -1.18 -13.15 16.06
C TYR E 218 -2.43 -13.81 16.63
N ALA E 219 -2.44 -14.08 17.94
CA ALA E 219 -3.64 -14.58 18.60
C ALA E 219 -4.78 -13.57 18.51
N VAL E 220 -4.55 -12.35 18.99
CA VAL E 220 -5.57 -11.30 18.95
C VAL E 220 -5.83 -10.82 17.52
N SER E 221 -4.96 -11.15 16.58
CA SER E 221 -5.19 -10.78 15.19
C SER E 221 -6.13 -11.78 14.50
N LEU E 222 -5.85 -13.07 14.61
CA LEU E 222 -6.59 -14.02 13.78
C LEU E 222 -7.00 -15.33 14.44
N LEU E 223 -6.94 -15.48 15.77
CA LEU E 223 -7.35 -16.74 16.38
C LEU E 223 -8.79 -16.68 16.87
N LEU E 224 -9.10 -15.68 17.70
CA LEU E 224 -10.48 -15.47 18.13
C LEU E 224 -11.52 -15.08 17.06
N PRO E 225 -11.18 -14.49 15.88
CA PRO E 225 -12.22 -14.40 14.83
C PRO E 225 -12.75 -15.74 14.37
N SER E 226 -11.88 -16.76 14.30
CA SER E 226 -12.33 -18.12 14.03
C SER E 226 -13.29 -18.61 15.11
N ILE E 227 -13.03 -18.29 16.38
CA ILE E 227 -13.87 -18.88 17.42
C ILE E 227 -15.20 -18.11 17.56
N PHE E 228 -15.26 -16.80 17.28
CA PHE E 228 -16.63 -16.27 17.29
C PHE E 228 -17.36 -16.49 15.97
N LEU E 229 -16.65 -16.79 14.87
CA LEU E 229 -17.35 -17.34 13.70
C LEU E 229 -17.92 -18.72 14.01
N MET E 230 -17.20 -19.50 14.82
CA MET E 230 -17.73 -20.78 15.29
C MET E 230 -18.95 -20.59 16.19
N VAL E 231 -18.93 -19.61 17.11
CA VAL E 231 -20.12 -19.46 17.94
C VAL E 231 -21.28 -18.89 17.12
N VAL E 232 -21.01 -18.10 16.08
CA VAL E 232 -22.07 -17.57 15.22
C VAL E 232 -22.73 -18.70 14.43
N ASP E 233 -21.95 -19.56 13.76
CA ASP E 233 -22.63 -20.57 12.95
C ASP E 233 -23.20 -21.71 13.81
N ILE E 234 -22.63 -21.98 14.99
CA ILE E 234 -23.22 -22.97 15.90
C ILE E 234 -24.57 -22.47 16.43
N VAL E 235 -24.66 -21.20 16.83
CA VAL E 235 -25.97 -20.73 17.29
C VAL E 235 -26.87 -20.36 16.13
N GLY E 236 -26.35 -20.33 14.91
CA GLY E 236 -27.13 -20.04 13.72
C GLY E 236 -27.53 -21.24 12.88
N PHE E 237 -27.17 -22.46 13.29
CA PHE E 237 -27.84 -23.62 12.69
C PHE E 237 -29.31 -23.71 13.06
N CYS E 238 -29.74 -23.06 14.15
CA CYS E 238 -31.00 -23.36 14.81
C CYS E 238 -32.22 -22.76 14.12
N LEU E 239 -32.06 -21.97 13.05
CA LEU E 239 -33.28 -21.59 12.36
C LEU E 239 -33.74 -22.72 11.43
N PRO E 240 -35.04 -22.90 11.25
CA PRO E 240 -35.52 -24.03 10.43
C PRO E 240 -35.28 -23.78 8.95
N PRO E 241 -34.94 -24.83 8.19
CA PRO E 241 -34.73 -24.67 6.75
C PRO E 241 -36.00 -24.70 5.91
N ASP E 242 -37.18 -24.68 6.52
CA ASP E 242 -38.42 -24.72 5.76
C ASP E 242 -38.77 -23.39 5.12
N SER E 243 -38.15 -22.29 5.56
CA SER E 243 -38.43 -20.99 4.97
C SER E 243 -37.56 -20.72 3.75
N GLY E 244 -36.23 -20.88 3.89
CA GLY E 244 -35.31 -20.62 2.81
C GLY E 244 -34.24 -19.59 3.11
N GLU E 245 -34.38 -18.85 4.22
CA GLU E 245 -33.38 -17.85 4.58
C GLU E 245 -32.21 -18.45 5.35
N ARG E 246 -32.31 -19.72 5.76
CA ARG E 246 -31.16 -20.44 6.26
C ARG E 246 -30.10 -20.61 5.19
N VAL E 247 -30.53 -20.79 3.94
CA VAL E 247 -29.62 -20.80 2.80
C VAL E 247 -28.94 -19.44 2.65
N SER E 248 -29.69 -18.35 2.91
CA SER E 248 -29.12 -17.00 2.85
C SER E 248 -28.06 -16.80 3.95
N PHE E 249 -28.35 -17.29 5.15
CA PHE E 249 -27.39 -17.29 6.25
C PHE E 249 -26.11 -18.03 5.88
N LYS E 250 -26.26 -19.20 5.27
CA LYS E 250 -25.08 -20.02 4.94
C LYS E 250 -24.26 -19.41 3.82
N ILE E 251 -24.91 -18.85 2.78
CA ILE E 251 -24.15 -18.23 1.70
C ILE E 251 -23.45 -16.97 2.20
N THR E 252 -24.07 -16.24 3.14
CA THR E 252 -23.45 -15.02 3.64
C THR E 252 -22.24 -15.34 4.51
N LEU E 253 -22.33 -16.39 5.34
CA LEU E 253 -21.13 -16.64 6.14
C LEU E 253 -20.03 -17.35 5.36
N LEU E 254 -20.32 -18.13 4.31
CA LEU E 254 -19.16 -18.61 3.55
C LEU E 254 -18.60 -17.52 2.65
N LEU E 255 -19.41 -16.52 2.29
CA LEU E 255 -18.86 -15.34 1.63
C LEU E 255 -17.96 -14.54 2.57
N GLY E 256 -18.36 -14.43 3.84
CA GLY E 256 -17.53 -13.74 4.82
C GLY E 256 -16.25 -14.48 5.14
N TYR E 257 -16.33 -15.81 5.26
CA TYR E 257 -15.13 -16.62 5.46
C TYR E 257 -14.23 -16.59 4.23
N SER E 258 -14.82 -16.52 3.03
CA SER E 258 -14.03 -16.45 1.82
C SER E 258 -13.30 -15.12 1.70
N VAL E 259 -13.98 -14.01 2.02
CA VAL E 259 -13.32 -12.71 1.91
C VAL E 259 -12.31 -12.52 3.06
N PHE E 260 -12.53 -13.17 4.21
CA PHE E 260 -11.53 -13.10 5.26
C PHE E 260 -10.33 -13.99 4.93
N LEU E 261 -10.52 -15.04 4.13
CA LEU E 261 -9.39 -15.82 3.63
C LEU E 261 -8.68 -15.05 2.51
N ILE E 262 -9.41 -14.21 1.78
CA ILE E 262 -8.81 -13.36 0.75
C ILE E 262 -7.89 -12.31 1.37
N ILE E 263 -8.37 -11.61 2.40
CA ILE E 263 -7.56 -10.51 2.95
C ILE E 263 -6.34 -11.02 3.70
N VAL E 264 -6.42 -12.22 4.27
CA VAL E 264 -5.34 -12.74 5.12
C VAL E 264 -4.22 -13.36 4.29
N SER E 265 -4.41 -13.50 2.98
CA SER E 265 -3.38 -14.14 2.15
C SER E 265 -2.16 -13.24 1.98
N ASP E 266 -2.37 -11.96 1.70
CA ASP E 266 -1.27 -11.02 1.57
C ASP E 266 -0.96 -10.31 2.90
N THR E 267 -0.82 -11.08 3.97
CA THR E 267 -0.44 -10.54 5.27
C THR E 267 0.86 -11.16 5.78
N LEU E 268 0.93 -12.50 5.85
CA LEU E 268 2.09 -13.19 6.42
C LEU E 268 2.60 -14.20 5.40
N PRO E 269 3.62 -13.82 4.63
CA PRO E 269 4.19 -14.76 3.65
C PRO E 269 5.08 -15.80 4.32
N ALA E 270 5.23 -16.94 3.62
CA ALA E 270 6.07 -18.03 4.06
C ALA E 270 6.48 -18.88 2.86
N THR E 271 7.73 -18.70 2.39
CA THR E 271 8.11 -19.26 1.09
C THR E 271 9.35 -20.15 1.13
N ALA E 272 9.79 -20.60 2.31
CA ALA E 272 10.98 -21.45 2.36
C ALA E 272 10.67 -22.88 1.93
N ILE E 273 9.68 -23.51 2.56
CA ILE E 273 9.35 -24.89 2.23
C ILE E 273 7.93 -25.02 1.69
N GLY E 274 7.06 -24.06 1.97
CA GLY E 274 5.70 -24.11 1.50
C GLY E 274 4.75 -23.54 2.54
N THR E 275 3.66 -24.27 2.78
CA THR E 275 2.65 -23.81 3.73
C THR E 275 2.94 -24.34 5.13
N PRO E 276 2.74 -23.52 6.16
CA PRO E 276 2.98 -23.98 7.53
C PRO E 276 1.85 -24.85 8.04
N LEU E 277 1.97 -25.24 9.31
CA LEU E 277 0.96 -26.09 9.95
C LEU E 277 -0.28 -25.33 10.39
N ILE E 278 -0.25 -24.00 10.33
CA ILE E 278 -1.43 -23.20 10.64
C ILE E 278 -2.49 -23.37 9.57
N GLY E 279 -2.08 -23.56 8.31
CA GLY E 279 -3.04 -23.78 7.24
C GLY E 279 -3.75 -25.12 7.29
N VAL E 280 -3.26 -26.04 8.12
CA VAL E 280 -3.99 -27.28 8.39
C VAL E 280 -5.27 -26.99 9.14
N TYR E 281 -5.20 -26.09 10.13
CA TYR E 281 -6.39 -25.65 10.85
C TYR E 281 -7.36 -24.88 9.94
N PHE E 282 -6.84 -24.18 8.94
CA PHE E 282 -7.71 -23.54 7.96
C PHE E 282 -8.38 -24.58 7.06
N VAL E 283 -7.63 -25.58 6.61
CA VAL E 283 -8.20 -26.50 5.63
C VAL E 283 -9.20 -27.45 6.29
N VAL E 284 -9.00 -27.80 7.57
CA VAL E 284 -9.96 -28.69 8.22
C VAL E 284 -11.26 -27.94 8.55
N CYS E 285 -11.16 -26.64 8.89
CA CYS E 285 -12.39 -25.91 9.19
C CYS E 285 -13.15 -25.52 7.93
N MET E 286 -12.44 -25.26 6.82
CA MET E 286 -13.17 -25.04 5.58
C MET E 286 -13.79 -26.33 5.06
N ALA E 287 -13.15 -27.48 5.32
CA ALA E 287 -13.80 -28.76 5.03
C ALA E 287 -15.03 -28.97 5.89
N LEU E 288 -14.99 -28.52 7.14
CA LEU E 288 -16.16 -28.60 8.02
C LEU E 288 -17.33 -27.77 7.52
N LEU E 289 -17.08 -26.52 7.11
CA LEU E 289 -18.23 -25.77 6.62
C LEU E 289 -18.62 -26.14 5.18
N VAL E 290 -17.72 -26.78 4.42
CA VAL E 290 -18.12 -27.32 3.12
C VAL E 290 -19.07 -28.50 3.30
N ILE E 291 -18.77 -29.42 4.21
CA ILE E 291 -19.72 -30.51 4.44
C ILE E 291 -20.97 -30.02 5.17
N SER E 292 -20.87 -28.92 5.92
CA SER E 292 -22.06 -28.29 6.49
C SER E 292 -22.96 -27.73 5.40
N LEU E 293 -22.38 -27.05 4.40
CA LEU E 293 -23.16 -26.55 3.26
C LEU E 293 -23.73 -27.71 2.43
N ALA E 294 -22.98 -28.82 2.36
CA ALA E 294 -23.48 -30.03 1.70
C ALA E 294 -24.71 -30.58 2.41
N GLU E 295 -24.68 -30.64 3.74
CA GLU E 295 -25.83 -31.17 4.45
C GLU E 295 -27.02 -30.21 4.44
N THR E 296 -26.76 -28.89 4.44
CA THR E 296 -27.88 -27.95 4.33
C THR E 296 -28.51 -28.01 2.95
N ILE E 297 -27.72 -28.16 1.90
CA ILE E 297 -28.29 -28.24 0.57
C ILE E 297 -29.00 -29.59 0.38
N PHE E 298 -28.54 -30.62 1.10
CA PHE E 298 -29.18 -31.93 1.07
C PHE E 298 -30.54 -31.89 1.77
N ILE E 299 -30.62 -31.23 2.93
CA ILE E 299 -31.88 -31.18 3.66
C ILE E 299 -32.85 -30.18 3.05
N VAL E 300 -32.35 -29.18 2.29
CA VAL E 300 -33.27 -28.36 1.49
C VAL E 300 -33.78 -29.16 0.29
N ARG E 301 -32.93 -30.01 -0.31
CA ARG E 301 -33.36 -30.85 -1.42
C ARG E 301 -34.40 -31.90 -1.00
N LEU E 302 -34.24 -32.48 0.20
CA LEU E 302 -35.17 -33.50 0.64
C LEU E 302 -36.52 -32.90 1.06
N VAL E 303 -36.49 -31.79 1.79
CA VAL E 303 -37.70 -31.19 2.35
C VAL E 303 -38.12 -30.04 1.44
N HIS E 304 -39.14 -30.29 0.62
CA HIS E 304 -39.71 -29.29 -0.27
C HIS E 304 -41.10 -29.74 -0.68
N LYS E 305 -41.99 -28.77 -0.91
CA LYS E 305 -43.31 -29.05 -1.45
C LYS E 305 -43.17 -29.45 -2.90
N GLN E 306 -43.10 -30.76 -3.16
CA GLN E 306 -42.71 -31.27 -4.47
C GLN E 306 -43.83 -31.98 -5.22
N ASP E 307 -44.68 -32.73 -4.52
CA ASP E 307 -45.70 -33.63 -5.09
C ASP E 307 -45.06 -34.67 -6.02
N LEU E 308 -44.28 -35.54 -5.38
CA LEU E 308 -43.54 -36.61 -6.05
C LEU E 308 -43.80 -37.91 -5.30
N GLN E 309 -42.94 -38.90 -5.56
CA GLN E 309 -43.08 -40.25 -5.04
C GLN E 309 -43.09 -40.27 -3.50
N ARG E 310 -43.98 -41.11 -2.95
CA ARG E 310 -44.24 -41.32 -1.54
C ARG E 310 -42.97 -41.72 -0.79
N PRO E 311 -42.83 -41.36 0.49
CA PRO E 311 -41.65 -41.78 1.25
C PRO E 311 -41.68 -43.28 1.53
N VAL E 312 -40.51 -43.90 1.36
CA VAL E 312 -40.36 -45.35 1.52
C VAL E 312 -40.45 -45.72 2.99
N PRO E 313 -41.12 -46.82 3.34
CA PRO E 313 -41.18 -47.22 4.75
C PRO E 313 -39.89 -47.82 5.27
N ASP E 314 -38.99 -48.26 4.38
CA ASP E 314 -37.77 -48.92 4.81
C ASP E 314 -36.80 -47.95 5.47
N TRP E 315 -36.96 -46.65 5.20
CA TRP E 315 -36.25 -45.62 5.95
C TRP E 315 -37.15 -44.84 6.89
N LEU E 316 -38.42 -45.23 7.03
CA LEU E 316 -39.36 -44.55 7.89
C LEU E 316 -39.53 -45.31 9.20
N ARG E 317 -39.89 -46.60 9.13
CA ARG E 317 -40.12 -47.36 10.34
C ARG E 317 -38.82 -47.90 10.92
N HIS E 318 -37.74 -47.82 10.13
CA HIS E 318 -36.44 -48.26 10.63
C HIS E 318 -35.74 -47.15 11.41
N LEU E 319 -35.72 -45.93 10.84
CA LEU E 319 -35.00 -44.82 11.47
C LEU E 319 -35.73 -44.30 12.70
N VAL E 320 -37.03 -44.58 12.83
CA VAL E 320 -37.75 -44.21 14.03
C VAL E 320 -37.41 -45.16 15.18
N LEU E 321 -36.94 -46.36 14.84
CA LEU E 321 -36.59 -47.33 15.86
C LEU E 321 -35.08 -47.51 15.98
N ASP E 322 -34.29 -46.75 15.21
CA ASP E 322 -32.84 -46.83 15.26
C ASP E 322 -32.22 -45.54 15.81
N ARG E 323 -32.83 -44.38 15.53
CA ARG E 323 -32.25 -43.12 15.94
C ARG E 323 -33.13 -42.38 16.95
N ILE E 324 -34.43 -42.31 16.65
CA ILE E 324 -35.38 -41.48 17.40
C ILE E 324 -35.56 -42.00 18.83
N ALA E 325 -35.92 -43.27 18.97
CA ALA E 325 -36.17 -43.83 20.29
C ALA E 325 -34.88 -44.10 21.06
N TRP E 326 -33.73 -44.02 20.39
CA TRP E 326 -32.47 -44.30 21.08
C TRP E 326 -31.79 -43.02 21.53
N ILE E 327 -31.98 -41.91 20.80
CA ILE E 327 -31.34 -40.64 21.11
C ILE E 327 -32.36 -39.58 21.48
N LEU E 328 -33.32 -39.31 20.60
CA LEU E 328 -34.23 -38.20 20.77
C LEU E 328 -35.42 -38.62 21.65
N CYS E 329 -36.44 -37.77 21.72
CA CYS E 329 -37.62 -38.08 22.50
C CYS E 329 -38.59 -38.93 21.69
N LEU E 330 -39.59 -39.48 22.39
CA LEU E 330 -40.59 -40.33 21.77
C LEU E 330 -41.81 -39.51 21.37
N GLY E 331 -41.57 -38.57 20.44
CA GLY E 331 -42.62 -37.72 19.94
C GLY E 331 -43.28 -38.25 18.68
N GLU E 332 -43.76 -39.49 18.74
CA GLU E 332 -44.40 -40.10 17.58
C GLU E 332 -45.83 -39.58 17.44
N GLN E 333 -46.40 -39.83 16.26
CA GLN E 333 -47.77 -39.39 15.97
C GLN E 333 -48.78 -40.38 16.51
N LEU E 392 -83.89 -39.87 -10.54
CA LEU E 392 -82.92 -38.93 -11.07
C LEU E 392 -82.62 -37.82 -10.06
N ALA E 393 -83.39 -37.79 -8.98
CA ALA E 393 -83.21 -36.75 -7.96
C ALA E 393 -82.05 -37.04 -7.03
N VAL E 394 -81.52 -38.26 -7.04
CA VAL E 394 -80.43 -38.65 -6.16
C VAL E 394 -79.20 -39.08 -6.94
N ARG E 395 -79.39 -39.82 -8.05
CA ARG E 395 -78.26 -40.41 -8.74
C ARG E 395 -77.52 -39.36 -9.58
N GLY E 396 -78.24 -38.37 -10.10
CA GLY E 396 -77.61 -37.34 -10.90
C GLY E 396 -77.17 -36.12 -10.12
N LEU E 397 -77.40 -36.09 -8.81
CA LEU E 397 -77.07 -34.90 -8.03
C LEU E 397 -75.87 -35.12 -7.12
N LEU E 398 -75.61 -36.37 -6.73
CA LEU E 398 -74.54 -36.68 -5.80
C LEU E 398 -73.22 -37.00 -6.49
N GLN E 399 -73.07 -36.68 -7.78
CA GLN E 399 -71.77 -36.81 -8.43
C GLN E 399 -70.92 -35.57 -8.20
N GLU E 400 -71.57 -34.42 -7.96
CA GLU E 400 -70.85 -33.19 -7.69
C GLU E 400 -70.10 -33.28 -6.36
N LEU E 401 -70.73 -33.90 -5.36
CA LEU E 401 -70.07 -34.11 -4.07
C LEU E 401 -68.88 -35.06 -4.20
N SER E 402 -68.98 -36.05 -5.07
CA SER E 402 -67.86 -36.96 -5.32
C SER E 402 -66.70 -36.23 -5.99
N SER E 403 -67.03 -35.39 -6.98
CA SER E 403 -66.00 -34.61 -7.68
C SER E 403 -65.34 -33.59 -6.77
N ILE E 404 -66.05 -33.10 -5.75
CA ILE E 404 -65.44 -32.20 -4.78
C ILE E 404 -64.56 -32.99 -3.80
N ARG E 405 -65.07 -34.11 -3.28
CA ARG E 405 -64.36 -34.83 -2.22
C ARG E 405 -63.11 -35.53 -2.75
N HIS E 406 -63.08 -35.86 -4.05
CA HIS E 406 -61.86 -36.45 -4.62
C HIS E 406 -60.71 -35.44 -4.59
N PHE E 407 -60.98 -34.21 -4.99
CA PHE E 407 -59.95 -33.17 -4.96
C PHE E 407 -59.58 -32.80 -3.53
N LEU E 408 -60.57 -32.81 -2.62
CA LEU E 408 -60.28 -32.51 -1.22
C LEU E 408 -59.42 -33.57 -0.57
N GLU E 409 -59.70 -34.86 -0.83
CA GLU E 409 -58.90 -35.92 -0.23
C GLU E 409 -57.52 -36.01 -0.89
N LYS E 410 -57.41 -35.60 -2.16
CA LYS E 410 -56.10 -35.54 -2.80
C LYS E 410 -55.25 -34.44 -2.18
N ARG E 411 -55.85 -33.27 -1.93
CA ARG E 411 -55.13 -32.17 -1.28
C ARG E 411 -54.74 -32.53 0.16
N ASP E 412 -55.64 -33.21 0.88
CA ASP E 412 -55.34 -33.60 2.26
C ASP E 412 -54.26 -34.68 2.31
N GLU E 413 -54.27 -35.60 1.35
CA GLU E 413 -53.23 -36.62 1.27
C GLU E 413 -51.87 -36.01 0.95
N MET E 414 -51.82 -35.05 0.02
CA MET E 414 -50.56 -34.37 -0.27
C MET E 414 -50.07 -33.55 0.92
N ARG E 415 -51.00 -32.97 1.68
CA ARG E 415 -50.62 -32.22 2.88
C ARG E 415 -50.05 -33.13 3.96
N GLU E 416 -50.64 -34.32 4.14
CA GLU E 416 -50.13 -35.26 5.14
C GLU E 416 -48.80 -35.86 4.72
N VAL E 417 -48.61 -36.09 3.41
CA VAL E 417 -47.32 -36.58 2.92
C VAL E 417 -46.23 -35.51 3.11
N ALA E 418 -46.56 -34.24 2.84
CA ALA E 418 -45.61 -33.15 3.07
C ALA E 418 -45.30 -32.99 4.56
N ARG E 419 -46.29 -33.24 5.43
CA ARG E 419 -46.06 -33.27 6.87
C ARG E 419 -45.08 -34.38 7.24
N ASP E 420 -45.20 -35.55 6.61
CA ASP E 420 -44.27 -36.65 6.85
C ASP E 420 -42.86 -36.29 6.38
N TRP E 421 -42.75 -35.62 5.22
CA TRP E 421 -41.46 -35.15 4.72
C TRP E 421 -40.79 -34.18 5.68
N LEU E 422 -41.54 -33.18 6.17
CA LEU E 422 -40.94 -32.20 7.07
C LEU E 422 -40.64 -32.81 8.45
N ARG E 423 -41.38 -33.84 8.86
CA ARG E 423 -41.08 -34.51 10.12
C ARG E 423 -39.79 -35.31 10.02
N VAL E 424 -39.60 -36.05 8.92
CA VAL E 424 -38.35 -36.78 8.69
C VAL E 424 -37.18 -35.82 8.58
N GLY E 425 -37.39 -34.67 7.92
CA GLY E 425 -36.35 -33.66 7.85
C GLY E 425 -36.01 -33.04 9.19
N TYR E 426 -37.02 -32.87 10.06
CA TYR E 426 -36.77 -32.35 11.41
C TYR E 426 -35.97 -33.33 12.25
N VAL E 427 -36.28 -34.62 12.15
CA VAL E 427 -35.53 -35.64 12.89
C VAL E 427 -34.08 -35.71 12.39
N LEU E 428 -33.89 -35.66 11.07
CA LEU E 428 -32.53 -35.68 10.51
C LEU E 428 -31.75 -34.42 10.89
N ASP E 429 -32.44 -33.26 10.94
CA ASP E 429 -31.80 -32.02 11.34
C ASP E 429 -31.33 -32.08 12.80
N ARG E 430 -32.18 -32.63 13.68
CA ARG E 430 -31.82 -32.75 15.09
C ARG E 430 -30.63 -33.69 15.30
N LEU E 431 -30.65 -34.85 14.62
CA LEU E 431 -29.57 -35.82 14.84
C LEU E 431 -28.26 -35.33 14.24
N LEU E 432 -28.29 -34.68 13.07
CA LEU E 432 -27.05 -34.16 12.50
C LEU E 432 -26.55 -32.96 13.29
N PHE E 433 -27.45 -32.18 13.90
CA PHE E 433 -27.04 -31.07 14.75
C PHE E 433 -26.30 -31.58 15.98
N ARG E 434 -26.82 -32.65 16.60
CA ARG E 434 -26.14 -33.24 17.75
C ARG E 434 -24.79 -33.86 17.36
N ILE E 435 -24.74 -34.53 16.21
CA ILE E 435 -23.49 -35.15 15.76
C ILE E 435 -22.43 -34.10 15.43
N TYR E 436 -22.85 -32.99 14.80
CA TYR E 436 -21.89 -31.94 14.45
C TYR E 436 -21.41 -31.19 15.69
N LEU E 437 -22.28 -31.01 16.69
CA LEU E 437 -21.84 -30.39 17.94
C LEU E 437 -20.84 -31.29 18.68
N LEU E 438 -21.08 -32.61 18.67
CA LEU E 438 -20.11 -33.54 19.25
C LEU E 438 -18.79 -33.54 18.50
N ALA E 439 -18.82 -33.41 17.17
CA ALA E 439 -17.59 -33.38 16.38
C ALA E 439 -16.79 -32.10 16.63
N VAL E 440 -17.49 -30.96 16.74
CA VAL E 440 -16.82 -29.70 17.03
C VAL E 440 -16.23 -29.71 18.43
N LEU E 441 -16.95 -30.29 19.41
CA LEU E 441 -16.43 -30.40 20.76
C LEU E 441 -15.22 -31.34 20.83
N ALA E 442 -15.23 -32.43 20.04
CA ALA E 442 -14.09 -33.33 20.01
C ALA E 442 -12.87 -32.68 19.37
N TYR E 443 -13.06 -31.92 18.29
CA TYR E 443 -11.92 -31.23 17.68
C TYR E 443 -11.41 -30.11 18.57
N SER E 444 -12.29 -29.47 19.32
CA SER E 444 -11.86 -28.41 20.24
C SER E 444 -11.06 -28.97 21.41
N ILE E 445 -11.51 -30.10 21.98
CA ILE E 445 -10.76 -30.68 23.09
C ILE E 445 -9.44 -31.29 22.58
N THR E 446 -9.41 -31.77 21.33
CA THR E 446 -8.16 -32.25 20.75
C THR E 446 -7.18 -31.10 20.51
N LEU E 447 -7.68 -29.96 20.02
CA LEU E 447 -6.83 -28.81 19.77
C LEU E 447 -6.28 -28.24 21.07
N VAL E 448 -7.08 -28.21 22.14
CA VAL E 448 -6.55 -27.65 23.38
C VAL E 448 -5.61 -28.65 24.08
N THR E 449 -5.82 -29.97 23.91
CA THR E 449 -4.89 -30.90 24.52
C THR E 449 -3.61 -31.08 23.70
N LEU E 450 -3.59 -30.60 22.44
CA LEU E 450 -2.32 -30.51 21.73
C LEU E 450 -1.67 -29.14 21.87
N TRP E 451 -2.44 -28.11 22.24
CA TRP E 451 -1.87 -26.77 22.36
C TRP E 451 -1.41 -26.48 23.78
N SER E 452 -1.90 -27.23 24.78
CA SER E 452 -1.59 -26.93 26.17
C SER E 452 -0.18 -27.39 26.60
N ILE E 453 0.67 -27.84 25.69
CA ILE E 453 2.01 -28.27 26.07
C ILE E 453 2.97 -27.08 26.11
N TRP E 454 2.93 -26.24 25.07
CA TRP E 454 3.92 -25.17 24.93
C TRP E 454 3.69 -24.03 25.92
N HIS E 455 2.50 -23.92 26.49
CA HIS E 455 2.26 -22.89 27.49
C HIS E 455 2.93 -23.23 28.81
N TYR E 456 3.07 -24.52 29.12
CA TYR E 456 3.71 -24.96 30.35
C TYR E 456 5.18 -25.27 30.08
N SER E 457 5.90 -24.19 29.76
CA SER E 457 7.34 -24.20 29.40
C SER E 457 7.68 -25.17 28.27
#